data_4R5Z
#
_entry.id   4R5Z
#
_cell.length_a   256.920
_cell.length_b   77.556
_cell.length_c   117.914
_cell.angle_alpha   90.00
_cell.angle_beta   90.00
_cell.angle_gamma   90.00
#
_symmetry.space_group_name_H-M   'P 21 21 2'
#
loop_
_entity.id
_entity.type
_entity.pdbx_description
1 polymer 'Putative phenylalanine aminotransferase'
2 non-polymer 'SUCCINIC ACID'
3 non-polymer "4'-DEOXY-4'-AMINOPYRIDOXAL-5'-PHOSPHATE"
4 non-polymer GLYCEROL
5 non-polymer '4-(2-HYDROXYETHYL)-1-PIPERAZINE ETHANESULFONIC ACID'
6 water water
#
_entity_poly.entity_id   1
_entity_poly.type   'polypeptide(L)'
_entity_poly.pdbx_seq_one_letter_code
;MVTARLRPELAGLPVYVPGKTVPGAIKLASNETVFGPLPSVRAAIDRATDTVNRYPDNGCVQLKAALARHLGPDFAPEHV
AVGCGSVSLCQQLVQVTASVGDEVVFGWRSFELYPPQVRVAGAIPIQVPLTDHTFDLYAMLATVTDRTRLIFVCNPNNPT
STVVGPDALARFVEAVPAHILIAIDEAYVEYIRDGMRPDSLGLVRAHNNVVVLRTFSKAYGLAGLRIGYAIGHPDVITAL
DKVYVPFTVSSIGQAAAIASLDAADELLARTDTVVAERARVSAELRAAGFTLPPSQANFVWLPLGSRTQDFVEQAADARI
VVRPYGTDGVRVTVAAPEENDAFLRFARRWRSDQKLAAALEHHHHHH
;
_entity_poly.pdbx_strand_id   A,B,C,D
#
# COMPACT_ATOMS: atom_id res chain seq x y z
N VAL A 2 -7.83 22.70 34.00
CA VAL A 2 -9.25 22.51 33.60
C VAL A 2 -9.32 21.93 32.19
N THR A 3 -10.23 20.99 32.01
CA THR A 3 -10.45 20.34 30.72
C THR A 3 -11.88 20.58 30.27
N ALA A 4 -12.15 20.35 28.99
CA ALA A 4 -13.51 20.41 28.47
C ALA A 4 -14.38 19.41 29.20
N ARG A 5 -15.56 19.87 29.63
CA ARG A 5 -16.52 19.01 30.29
C ARG A 5 -17.19 18.10 29.23
N LEU A 6 -17.01 16.80 29.39
CA LEU A 6 -17.59 15.80 28.47
C LEU A 6 -18.69 15.03 29.18
N ARG A 7 -19.51 14.33 28.41
CA ARG A 7 -20.63 13.60 28.97
C ARG A 7 -20.16 12.49 29.93
N PRO A 8 -20.83 12.35 31.09
CA PRO A 8 -20.43 11.31 32.04
C PRO A 8 -20.56 9.88 31.52
N GLU A 9 -21.40 9.67 30.50
CA GLU A 9 -21.58 8.33 29.91
C GLU A 9 -20.34 7.78 29.21
N LEU A 10 -19.39 8.65 28.87
CA LEU A 10 -18.18 8.24 28.16
C LEU A 10 -17.24 7.41 29.00
N ALA A 11 -17.20 7.68 30.30
CA ALA A 11 -16.34 6.94 31.22
C ALA A 11 -16.83 5.50 31.32
N GLY A 12 -15.94 4.56 31.04
CA GLY A 12 -16.33 3.15 31.00
C GLY A 12 -17.27 2.77 29.87
N LEU A 13 -17.40 3.62 28.85
CA LEU A 13 -18.15 3.26 27.65
C LEU A 13 -17.44 2.06 27.01
N PRO A 14 -18.18 0.97 26.73
CA PRO A 14 -17.54 -0.22 26.17
C PRO A 14 -17.20 -0.09 24.67
N VAL A 15 -16.12 0.63 24.38
CA VAL A 15 -15.70 0.92 23.00
C VAL A 15 -15.51 -0.37 22.20
N TYR A 16 -15.92 -0.33 20.92
CA TYR A 16 -15.78 -1.49 20.03
C TYR A 16 -14.31 -1.82 19.77
N VAL A 17 -13.95 -3.09 19.91
CA VAL A 17 -12.57 -3.55 19.68
C VAL A 17 -12.53 -4.43 18.43
N PRO A 18 -11.83 -3.99 17.38
CA PRO A 18 -11.80 -4.74 16.13
C PRO A 18 -10.89 -5.95 16.16
N GLY A 19 -11.08 -6.86 15.22
CA GLY A 19 -10.20 -8.01 15.06
C GLY A 19 -8.82 -7.53 14.67
N LYS A 20 -7.79 -8.19 15.19
CA LYS A 20 -6.42 -7.75 14.97
C LYS A 20 -5.92 -8.14 13.59
N THR A 21 -5.00 -7.34 13.07
CA THR A 21 -4.24 -7.66 11.86
C THR A 21 -2.79 -7.82 12.28
N VAL A 22 -2.22 -8.98 12.02
CA VAL A 22 -0.86 -9.30 12.49
C VAL A 22 0.03 -9.74 11.33
N PRO A 23 1.12 -9.00 11.06
CA PRO A 23 2.07 -9.43 10.04
C PRO A 23 2.51 -10.88 10.19
N GLY A 24 2.54 -11.61 9.09
CA GLY A 24 3.01 -13.00 9.08
C GLY A 24 1.94 -14.02 9.41
N ALA A 25 0.76 -13.55 9.84
CA ALA A 25 -0.28 -14.43 10.36
C ALA A 25 -1.49 -14.52 9.43
N ILE A 26 -2.14 -15.67 9.43
CA ILE A 26 -3.40 -15.82 8.71
C ILE A 26 -4.52 -15.27 9.59
N LYS A 27 -5.46 -14.55 8.98
CA LYS A 27 -6.49 -13.87 9.74
C LYS A 27 -7.82 -14.61 9.70
N LEU A 28 -8.25 -15.10 10.85
CA LEU A 28 -9.52 -15.79 10.99
C LEU A 28 -10.36 -15.12 12.07
N ALA A 29 -10.25 -13.79 12.17
CA ALA A 29 -10.81 -13.04 13.30
C ALA A 29 -11.84 -11.97 12.96
N SER A 30 -12.10 -11.74 11.67
CA SER A 30 -13.03 -10.66 11.27
C SER A 30 -14.15 -11.10 10.33
N ASN A 31 -14.31 -12.41 10.14
CA ASN A 31 -15.35 -12.96 9.25
C ASN A 31 -15.30 -12.45 7.81
N GLU A 32 -14.10 -12.11 7.34
CA GLU A 32 -13.92 -11.64 5.97
C GLU A 32 -13.91 -12.82 4.99
N THR A 33 -14.39 -12.61 3.78
CA THR A 33 -14.18 -13.56 2.70
C THR A 33 -12.81 -13.28 2.10
N VAL A 34 -12.24 -14.27 1.42
CA VAL A 34 -10.81 -14.23 1.07
C VAL A 34 -10.47 -13.68 -0.31
N PHE A 35 -11.47 -13.37 -1.13
CA PHE A 35 -11.22 -13.00 -2.54
C PHE A 35 -11.28 -11.52 -2.82
N GLY A 36 -10.33 -11.03 -3.60
CA GLY A 36 -10.36 -9.67 -4.12
C GLY A 36 -11.50 -9.46 -5.10
N PRO A 37 -11.72 -8.21 -5.53
CA PRO A 37 -12.88 -7.89 -6.35
C PRO A 37 -12.83 -8.51 -7.75
N LEU A 38 -14.01 -8.87 -8.27
CA LEU A 38 -14.16 -9.29 -9.66
C LEU A 38 -13.79 -8.16 -10.61
N PRO A 39 -13.41 -8.51 -11.86
CA PRO A 39 -13.08 -7.48 -12.86
C PRO A 39 -14.09 -6.34 -12.98
N SER A 40 -15.39 -6.67 -13.02
CA SER A 40 -16.43 -5.64 -13.15
C SER A 40 -16.50 -4.73 -11.92
N VAL A 41 -16.21 -5.28 -10.74
CA VAL A 41 -16.22 -4.50 -9.50
C VAL A 41 -15.01 -3.58 -9.47
N ARG A 42 -13.85 -4.11 -9.84
CA ARG A 42 -12.65 -3.31 -9.97
C ARG A 42 -12.85 -2.16 -10.98
N ALA A 43 -13.52 -2.44 -12.09
CA ALA A 43 -13.75 -1.44 -13.11
C ALA A 43 -14.62 -0.30 -12.58
N ALA A 44 -15.66 -0.65 -11.84
CA ALA A 44 -16.58 0.33 -11.25
C ALA A 44 -15.88 1.22 -10.21
N ILE A 45 -14.98 0.63 -9.44
CA ILE A 45 -14.20 1.39 -8.47
C ILE A 45 -13.34 2.44 -9.20
N ASP A 46 -12.64 2.02 -10.25
CA ASP A 46 -11.78 2.98 -10.98
C ASP A 46 -12.58 4.05 -11.72
N ARG A 47 -13.72 3.67 -12.28
CA ARG A 47 -14.61 4.61 -12.95
C ARG A 47 -15.09 5.67 -11.96
N ALA A 48 -15.48 5.25 -10.77
CA ALA A 48 -15.89 6.17 -9.71
C ALA A 48 -14.72 7.02 -9.23
N THR A 49 -13.52 6.47 -9.29
CA THR A 49 -12.32 7.20 -8.91
C THR A 49 -12.11 8.46 -9.75
N ASP A 50 -12.55 8.44 -11.01
CA ASP A 50 -12.43 9.59 -11.90
C ASP A 50 -13.05 10.88 -11.32
N THR A 51 -14.15 10.75 -10.59
CA THR A 51 -14.89 11.91 -10.11
C THR A 51 -14.88 12.01 -8.58
N VAL A 52 -13.79 11.56 -7.98
CA VAL A 52 -13.66 11.56 -6.52
C VAL A 52 -13.62 12.98 -5.92
N ASN A 53 -13.38 13.99 -6.76
CA ASN A 53 -13.51 15.38 -6.32
C ASN A 53 -14.95 15.81 -6.05
N ARG A 54 -15.92 15.06 -6.56
CA ARG A 54 -17.34 15.34 -6.34
C ARG A 54 -17.89 14.51 -5.19
N TYR A 55 -18.85 15.08 -4.47
CA TYR A 55 -19.53 14.40 -3.37
C TYR A 55 -20.27 13.17 -3.88
N PRO A 56 -20.49 12.16 -3.00
CA PRO A 56 -21.33 11.06 -3.41
C PRO A 56 -22.78 11.49 -3.49
N ASP A 57 -23.60 10.66 -4.11
CA ASP A 57 -25.05 10.79 -4.02
C ASP A 57 -25.43 10.51 -2.55
N ASN A 58 -25.93 11.53 -1.89
CA ASN A 58 -26.36 11.43 -0.50
C ASN A 58 -27.47 10.40 -0.30
N GLY A 59 -28.30 10.23 -1.32
CA GLY A 59 -29.42 9.32 -1.27
C GLY A 59 -29.18 7.94 -1.89
N CYS A 60 -27.97 7.69 -2.42
CA CYS A 60 -27.65 6.37 -2.96
C CYS A 60 -28.76 5.85 -3.89
N VAL A 61 -29.26 6.72 -4.75
CA VAL A 61 -30.47 6.45 -5.53
C VAL A 61 -30.34 5.21 -6.41
N GLN A 62 -29.29 5.15 -7.23
CA GLN A 62 -29.11 4.02 -8.13
C GLN A 62 -28.84 2.71 -7.38
N LEU A 63 -28.12 2.78 -6.26
CA LEU A 63 -27.91 1.59 -5.44
C LEU A 63 -29.23 1.06 -4.87
N LYS A 64 -30.07 1.96 -4.35
CA LYS A 64 -31.38 1.57 -3.84
C LYS A 64 -32.26 0.93 -4.91
N ALA A 65 -32.20 1.46 -6.13
CA ALA A 65 -32.93 0.86 -7.24
C ALA A 65 -32.41 -0.53 -7.52
N ALA A 66 -31.09 -0.73 -7.49
CA ALA A 66 -30.51 -2.06 -7.71
C ALA A 66 -30.87 -3.02 -6.57
N LEU A 67 -30.82 -2.54 -5.33
CA LEU A 67 -31.18 -3.37 -4.18
C LEU A 67 -32.66 -3.78 -4.22
N ALA A 68 -33.54 -2.83 -4.53
CA ALA A 68 -34.97 -3.11 -4.63
C ALA A 68 -35.23 -4.18 -5.70
N ARG A 69 -34.56 -4.08 -6.84
CA ARG A 69 -34.71 -5.07 -7.92
C ARG A 69 -34.24 -6.45 -7.46
N HIS A 70 -33.10 -6.49 -6.78
CA HIS A 70 -32.61 -7.75 -6.26
CA HIS A 70 -32.53 -7.70 -6.16
C HIS A 70 -33.52 -8.32 -5.16
N LEU A 71 -34.22 -7.46 -4.44
CA LEU A 71 -35.15 -7.91 -3.38
C LEU A 71 -36.47 -8.46 -3.92
N GLY A 72 -36.81 -8.13 -5.17
CA GLY A 72 -38.00 -8.65 -5.81
C GLY A 72 -39.16 -7.67 -5.86
N PRO A 73 -40.25 -8.06 -6.56
CA PRO A 73 -41.40 -7.19 -6.91
C PRO A 73 -42.11 -6.51 -5.74
N ASP A 74 -42.04 -7.11 -4.55
CA ASP A 74 -42.68 -6.54 -3.37
C ASP A 74 -41.92 -5.36 -2.75
N PHE A 75 -40.71 -5.08 -3.21
CA PHE A 75 -39.88 -4.03 -2.62
C PHE A 75 -39.43 -3.01 -3.66
N ALA A 76 -39.60 -1.74 -3.31
CA ALA A 76 -39.18 -0.60 -4.11
C ALA A 76 -38.10 0.19 -3.34
N PRO A 77 -37.48 1.20 -3.97
CA PRO A 77 -36.46 2.00 -3.29
C PRO A 77 -36.90 2.62 -1.95
N GLU A 78 -38.17 2.97 -1.83
CA GLU A 78 -38.69 3.56 -0.60
C GLU A 78 -38.59 2.61 0.59
N HIS A 79 -38.38 1.31 0.34
CA HIS A 79 -38.23 0.33 1.40
C HIS A 79 -36.76 0.07 1.79
N VAL A 80 -35.85 0.85 1.24
CA VAL A 80 -34.43 0.61 1.40
C VAL A 80 -33.69 1.86 1.88
N ALA A 81 -32.95 1.72 2.98
CA ALA A 81 -31.99 2.71 3.42
C ALA A 81 -30.60 2.11 3.24
N VAL A 82 -29.63 2.97 2.99
CA VAL A 82 -28.24 2.55 2.81
C VAL A 82 -27.40 3.32 3.81
N GLY A 83 -26.43 2.64 4.41
CA GLY A 83 -25.60 3.21 5.45
C GLY A 83 -24.15 2.80 5.30
N CYS A 84 -23.28 3.53 5.98
CA CYS A 84 -21.85 3.28 5.93
C CYS A 84 -21.52 2.08 6.82
N GLY A 85 -21.70 0.90 6.23
CA GLY A 85 -21.69 -0.36 6.96
C GLY A 85 -23.01 -0.51 7.69
N SER A 86 -23.43 -1.74 7.94
CA SER A 86 -24.59 -1.98 8.79
C SER A 86 -24.33 -1.48 10.22
N VAL A 87 -23.05 -1.34 10.61
CA VAL A 87 -22.75 -0.70 11.91
C VAL A 87 -23.31 0.71 12.03
N SER A 88 -23.30 1.48 10.94
CA SER A 88 -23.91 2.83 10.94
C SER A 88 -25.42 2.78 11.07
N LEU A 89 -26.04 1.82 10.39
CA LEU A 89 -27.49 1.63 10.45
C LEU A 89 -27.95 1.21 11.85
N CYS A 90 -27.12 0.44 12.55
CA CYS A 90 -27.43 0.10 13.94
C CYS A 90 -27.53 1.38 14.78
N GLN A 91 -26.60 2.31 14.60
CA GLN A 91 -26.63 3.57 15.34
C GLN A 91 -27.84 4.40 14.93
N GLN A 92 -28.13 4.43 13.63
CA GLN A 92 -29.27 5.18 13.13
C GLN A 92 -30.59 4.65 13.71
N LEU A 93 -30.68 3.33 13.87
CA LEU A 93 -31.84 2.73 14.50
C LEU A 93 -32.04 3.19 15.95
N VAL A 94 -30.94 3.30 16.68
CA VAL A 94 -30.97 3.79 18.05
C VAL A 94 -31.39 5.26 18.02
N GLN A 95 -30.86 6.02 17.07
CA GLN A 95 -31.14 7.45 17.00
C GLN A 95 -32.58 7.78 16.64
N VAL A 96 -33.26 6.86 15.95
CA VAL A 96 -34.66 7.10 15.60
C VAL A 96 -35.65 6.59 16.66
N THR A 97 -35.16 5.76 17.59
CA THR A 97 -36.04 5.12 18.58
C THR A 97 -35.80 5.47 20.04
N ALA A 98 -34.53 5.65 20.42
CA ALA A 98 -34.16 5.64 21.83
C ALA A 98 -33.49 6.92 22.28
N SER A 99 -33.87 7.40 23.45
CA SER A 99 -33.18 8.50 24.10
C SER A 99 -33.00 8.22 25.60
N VAL A 100 -32.88 9.27 26.40
CA VAL A 100 -32.49 9.11 27.79
C VAL A 100 -33.51 8.27 28.56
N GLY A 101 -33.02 7.21 29.19
CA GLY A 101 -33.86 6.35 30.04
C GLY A 101 -34.63 5.27 29.31
N ASP A 102 -34.52 5.24 27.98
CA ASP A 102 -35.19 4.20 27.21
C ASP A 102 -34.41 2.90 27.28
N GLU A 103 -35.07 1.83 26.88
CA GLU A 103 -34.51 0.49 26.94
C GLU A 103 -34.39 -0.09 25.53
N VAL A 104 -33.28 -0.77 25.29
CA VAL A 104 -33.06 -1.47 24.04
C VAL A 104 -32.70 -2.91 24.40
N VAL A 105 -33.48 -3.85 23.87
CA VAL A 105 -33.40 -5.23 24.25
C VAL A 105 -32.68 -6.03 23.17
N PHE A 106 -31.74 -6.86 23.59
CA PHE A 106 -31.11 -7.83 22.68
C PHE A 106 -30.54 -9.01 23.46
N GLY A 107 -30.38 -10.13 22.77
CA GLY A 107 -29.72 -11.30 23.32
C GLY A 107 -28.26 -10.99 23.60
N TRP A 108 -27.66 -11.72 24.52
CA TRP A 108 -26.26 -11.52 24.89
C TRP A 108 -25.66 -12.83 25.40
N ARG A 109 -24.46 -13.22 24.95
CA ARG A 109 -23.58 -12.43 24.10
C ARG A 109 -24.05 -12.30 22.64
N SER A 110 -23.95 -11.09 22.12
CA SER A 110 -24.30 -10.76 20.74
C SER A 110 -23.31 -9.73 20.21
N PHE A 111 -23.66 -9.08 19.11
CA PHE A 111 -22.77 -8.11 18.49
C PHE A 111 -22.29 -7.05 19.51
N GLU A 112 -20.97 -6.94 19.69
CA GLU A 112 -20.42 -6.07 20.75
C GLU A 112 -20.66 -4.58 20.47
N LEU A 113 -21.13 -4.28 19.27
CA LEU A 113 -21.48 -2.93 18.86
C LEU A 113 -22.71 -2.39 19.61
N TYR A 114 -23.65 -3.27 19.95
CA TYR A 114 -24.95 -2.82 20.43
C TYR A 114 -24.87 -2.05 21.76
N PRO A 115 -24.19 -2.60 22.78
CA PRO A 115 -24.19 -1.87 24.05
C PRO A 115 -23.67 -0.42 23.99
N PRO A 116 -22.47 -0.19 23.43
CA PRO A 116 -22.02 1.22 23.43
C PRO A 116 -22.94 2.17 22.65
N GLN A 117 -23.47 1.75 21.51
CA GLN A 117 -24.36 2.63 20.74
C GLN A 117 -25.63 2.99 21.54
N VAL A 118 -26.17 2.01 22.25
CA VAL A 118 -27.30 2.25 23.14
C VAL A 118 -26.92 3.26 24.24
N ARG A 119 -25.75 3.10 24.82
CA ARG A 119 -25.32 3.99 25.91
C ARG A 119 -25.05 5.41 25.42
N VAL A 120 -24.57 5.56 24.20
CA VAL A 120 -24.35 6.88 23.62
C VAL A 120 -25.66 7.67 23.56
N ALA A 121 -26.77 6.96 23.32
CA ALA A 121 -28.09 7.59 23.31
C ALA A 121 -28.61 7.96 24.70
N GLY A 122 -27.92 7.53 25.76
CA GLY A 122 -28.42 7.69 27.12
C GLY A 122 -29.47 6.64 27.47
N ALA A 123 -29.58 5.61 26.65
CA ALA A 123 -30.52 4.53 26.90
C ALA A 123 -29.79 3.39 27.62
N ILE A 124 -30.56 2.39 28.07
CA ILE A 124 -29.97 1.27 28.78
C ILE A 124 -30.11 -0.04 27.98
N PRO A 125 -28.99 -0.74 27.77
CA PRO A 125 -29.09 -2.04 27.11
C PRO A 125 -29.63 -3.11 28.05
N ILE A 126 -30.65 -3.83 27.61
CA ILE A 126 -31.19 -4.98 28.34
C ILE A 126 -30.67 -6.24 27.64
N GLN A 127 -29.61 -6.81 28.21
CA GLN A 127 -28.89 -7.91 27.62
C GLN A 127 -29.42 -9.25 28.14
N VAL A 128 -30.20 -9.91 27.30
CA VAL A 128 -30.96 -11.10 27.72
C VAL A 128 -30.12 -12.34 27.43
N PRO A 129 -29.83 -13.16 28.46
CA PRO A 129 -28.97 -14.32 28.23
C PRO A 129 -29.44 -15.26 27.14
N LEU A 130 -28.48 -15.89 26.46
CA LEU A 130 -28.79 -16.90 25.48
C LEU A 130 -29.21 -18.20 26.15
N THR A 131 -29.88 -19.06 25.38
CA THR A 131 -30.12 -20.44 25.80
CA THR A 131 -30.15 -20.45 25.79
C THR A 131 -29.52 -21.35 24.75
N ASP A 132 -28.67 -22.28 25.18
CA ASP A 132 -27.90 -23.14 24.26
C ASP A 132 -27.24 -22.34 23.13
N HIS A 133 -26.57 -21.24 23.49
CA HIS A 133 -25.84 -20.38 22.56
C HIS A 133 -26.72 -19.72 21.50
N THR A 134 -28.01 -19.65 21.77
CA THR A 134 -29.00 -19.20 20.80
C THR A 134 -29.88 -18.13 21.46
N PHE A 135 -30.28 -17.12 20.69
CA PHE A 135 -31.19 -16.09 21.20
C PHE A 135 -32.42 -16.74 21.85
N ASP A 136 -32.81 -16.24 23.02
CA ASP A 136 -33.97 -16.76 23.75
C ASP A 136 -35.12 -15.78 23.55
N LEU A 137 -35.89 -16.02 22.49
CA LEU A 137 -36.94 -15.11 22.08
C LEU A 137 -38.02 -15.05 23.14
N TYR A 138 -38.30 -16.19 23.77
CA TYR A 138 -39.26 -16.26 24.88
C TYR A 138 -38.86 -15.30 26.01
N ALA A 139 -37.59 -15.35 26.41
CA ALA A 139 -37.11 -14.50 27.49
C ALA A 139 -37.10 -13.03 27.08
N MET A 140 -36.75 -12.76 25.82
CA MET A 140 -36.68 -11.38 25.33
C MET A 140 -38.04 -10.72 25.33
N LEU A 141 -39.06 -11.45 24.89
CA LEU A 141 -40.43 -10.94 24.88
C LEU A 141 -40.88 -10.57 26.28
N ALA A 142 -40.57 -11.43 27.25
CA ALA A 142 -41.00 -11.22 28.61
C ALA A 142 -40.38 -9.97 29.22
N THR A 143 -39.20 -9.55 28.76
CA THR A 143 -38.51 -8.41 29.38
C THR A 143 -38.88 -7.06 28.75
N VAL A 144 -39.77 -7.09 27.75
CA VAL A 144 -40.31 -5.87 27.18
C VAL A 144 -41.09 -5.09 28.24
N THR A 145 -40.91 -3.77 28.26
CA THR A 145 -41.66 -2.88 29.14
C THR A 145 -42.16 -1.71 28.31
N ASP A 146 -42.82 -0.77 28.99
CA ASP A 146 -43.30 0.47 28.37
C ASP A 146 -42.17 1.35 27.81
N ARG A 147 -40.95 1.21 28.31
CA ARG A 147 -39.83 2.01 27.83
C ARG A 147 -38.94 1.26 26.82
N THR A 148 -39.34 0.06 26.42
CA THR A 148 -38.63 -0.66 25.34
C THR A 148 -38.90 0.04 24.00
N ARG A 149 -37.86 0.59 23.39
CA ARG A 149 -38.00 1.34 22.14
C ARG A 149 -37.41 0.61 20.92
N LEU A 150 -36.60 -0.41 21.15
CA LEU A 150 -35.93 -1.11 20.06
C LEU A 150 -35.50 -2.49 20.51
N ILE A 151 -35.63 -3.46 19.62
CA ILE A 151 -35.18 -4.82 19.84
C ILE A 151 -34.28 -5.23 18.68
N PHE A 152 -33.11 -5.77 18.99
CA PHE A 152 -32.25 -6.41 17.99
C PHE A 152 -32.34 -7.91 18.11
N VAL A 153 -32.56 -8.56 16.97
CA VAL A 153 -32.36 -9.99 16.84
C VAL A 153 -31.23 -10.21 15.84
N CYS A 154 -30.12 -10.76 16.32
CA CYS A 154 -28.96 -11.00 15.48
C CYS A 154 -29.00 -12.45 15.00
N ASN A 155 -29.17 -12.64 13.70
CA ASN A 155 -29.54 -13.96 13.16
C ASN A 155 -29.00 -14.22 11.75
N PRO A 156 -27.93 -15.02 11.61
CA PRO A 156 -27.17 -15.70 12.65
C PRO A 156 -26.52 -14.76 13.67
N ASN A 157 -26.39 -15.24 14.90
CA ASN A 157 -25.80 -14.45 15.93
C ASN A 157 -24.28 -14.32 15.79
N ASN A 158 -23.80 -13.09 15.95
CA ASN A 158 -22.39 -12.78 16.14
C ASN A 158 -22.21 -12.52 17.64
N PRO A 159 -21.40 -13.34 18.33
CA PRO A 159 -20.40 -14.28 17.85
C PRO A 159 -20.75 -15.79 17.95
N THR A 160 -21.96 -16.15 18.37
CA THR A 160 -22.22 -17.57 18.68
C THR A 160 -22.58 -18.44 17.48
N SER A 161 -22.84 -17.79 16.34
CA SER A 161 -22.99 -18.44 15.03
C SER A 161 -24.38 -19.05 14.77
N THR A 162 -25.22 -19.12 15.79
CA THR A 162 -26.46 -19.87 15.73
C THR A 162 -27.62 -19.06 15.20
N VAL A 163 -28.65 -19.76 14.77
CA VAL A 163 -29.92 -19.14 14.38
C VAL A 163 -31.06 -19.66 15.24
N VAL A 164 -32.03 -18.79 15.51
CA VAL A 164 -33.31 -19.22 16.09
C VAL A 164 -34.11 -20.01 15.06
N GLY A 165 -35.11 -20.76 15.53
CA GLY A 165 -36.02 -21.44 14.62
C GLY A 165 -36.80 -20.40 13.81
N PRO A 166 -36.92 -20.61 12.48
CA PRO A 166 -37.63 -19.65 11.64
C PRO A 166 -39.07 -19.37 12.07
N ASP A 167 -39.82 -20.42 12.38
CA ASP A 167 -41.19 -20.26 12.88
C ASP A 167 -41.21 -19.53 14.21
N ALA A 168 -40.25 -19.86 15.08
CA ALA A 168 -40.13 -19.19 16.38
C ALA A 168 -39.93 -17.68 16.19
N LEU A 169 -39.11 -17.30 15.22
CA LEU A 169 -38.88 -15.89 14.94
C LEU A 169 -40.17 -15.20 14.49
N ALA A 170 -40.93 -15.86 13.63
CA ALA A 170 -42.23 -15.32 13.20
C ALA A 170 -43.17 -15.14 14.39
N ARG A 171 -43.23 -16.13 15.28
CA ARG A 171 -44.06 -16.04 16.47
CA ARG A 171 -44.06 -16.04 16.47
C ARG A 171 -43.64 -14.86 17.35
N PHE A 172 -42.33 -14.69 17.51
CA PHE A 172 -41.79 -13.59 18.30
C PHE A 172 -42.26 -12.24 17.78
N VAL A 173 -42.04 -12.02 16.48
CA VAL A 173 -42.43 -10.77 15.85
C VAL A 173 -43.93 -10.54 15.99
N GLU A 174 -44.72 -11.60 15.84
CA GLU A 174 -46.17 -11.49 15.99
C GLU A 174 -46.59 -11.15 17.43
N ALA A 175 -45.78 -11.54 18.41
CA ALA A 175 -46.11 -11.30 19.82
C ALA A 175 -45.64 -9.94 20.36
N VAL A 176 -44.57 -9.39 19.79
CA VAL A 176 -44.04 -8.11 20.24
C VAL A 176 -45.09 -7.02 20.05
N PRO A 177 -45.29 -6.14 21.05
CA PRO A 177 -46.18 -5.00 20.84
C PRO A 177 -45.83 -4.23 19.56
N ALA A 178 -46.85 -3.95 18.74
CA ALA A 178 -46.64 -3.49 17.36
C ALA A 178 -45.98 -2.13 17.26
N HIS A 179 -45.93 -1.38 18.35
CA HIS A 179 -45.31 -0.04 18.35
C HIS A 179 -43.80 -0.08 18.55
N ILE A 180 -43.24 -1.26 18.83
CA ILE A 180 -41.81 -1.38 19.13
C ILE A 180 -41.06 -1.82 17.88
N LEU A 181 -40.05 -1.05 17.49
CA LEU A 181 -39.22 -1.41 16.32
C LEU A 181 -38.36 -2.64 16.60
N ILE A 182 -38.40 -3.60 15.69
CA ILE A 182 -37.61 -4.81 15.78
C ILE A 182 -36.65 -4.81 14.60
N ALA A 183 -35.36 -4.87 14.88
CA ALA A 183 -34.34 -4.94 13.84
C ALA A 183 -33.75 -6.35 13.79
N ILE A 184 -33.91 -7.01 12.65
CA ILE A 184 -33.31 -8.33 12.44
C ILE A 184 -31.99 -8.16 11.70
N ASP A 185 -30.89 -8.41 12.41
CA ASP A 185 -29.57 -8.22 11.85
C ASP A 185 -29.12 -9.48 11.10
N GLU A 186 -29.11 -9.37 9.77
CA GLU A 186 -28.88 -10.50 8.88
C GLU A 186 -27.56 -10.40 8.12
N ALA A 187 -26.53 -9.92 8.79
CA ALA A 187 -25.19 -9.80 8.20
C ALA A 187 -24.70 -11.13 7.59
N TYR A 188 -25.07 -12.25 8.21
CA TYR A 188 -24.58 -13.56 7.78
C TYR A 188 -25.66 -14.42 7.11
N VAL A 189 -26.79 -13.82 6.74
CA VAL A 189 -27.93 -14.58 6.22
C VAL A 189 -27.59 -15.46 5.02
N GLU A 190 -26.66 -15.02 4.19
CA GLU A 190 -26.33 -15.72 2.95
C GLU A 190 -25.65 -17.07 3.19
N TYR A 191 -25.28 -17.34 4.44
CA TYR A 191 -24.61 -18.60 4.80
C TYR A 191 -25.55 -19.60 5.47
N ILE A 192 -26.78 -19.19 5.76
CA ILE A 192 -27.74 -20.09 6.41
C ILE A 192 -28.14 -21.20 5.45
N ARG A 193 -28.15 -22.43 5.94
CA ARG A 193 -28.57 -23.59 5.18
C ARG A 193 -29.55 -24.43 6.02
N ASP A 194 -29.81 -25.66 5.56
CA ASP A 194 -30.58 -26.66 6.32
C ASP A 194 -32.02 -26.22 6.60
N GLY A 195 -32.58 -25.42 5.70
CA GLY A 195 -33.93 -24.91 5.85
C GLY A 195 -34.13 -23.99 7.05
N MET A 196 -33.05 -23.40 7.57
CA MET A 196 -33.15 -22.55 8.77
C MET A 196 -33.26 -21.05 8.48
N ARG A 197 -33.25 -20.65 7.20
CA ARG A 197 -33.37 -19.22 6.90
C ARG A 197 -34.81 -18.79 7.16
N PRO A 198 -35.00 -17.71 7.92
CA PRO A 198 -36.36 -17.25 8.17
C PRO A 198 -36.92 -16.46 6.99
N ASP A 199 -38.24 -16.31 6.97
CA ASP A 199 -38.90 -15.50 5.94
C ASP A 199 -38.83 -14.03 6.38
N SER A 200 -37.62 -13.48 6.40
CA SER A 200 -37.44 -12.13 6.93
C SER A 200 -38.16 -11.08 6.10
N LEU A 201 -38.14 -11.23 4.78
CA LEU A 201 -38.82 -10.29 3.90
C LEU A 201 -40.36 -10.35 4.05
N GLY A 202 -40.89 -11.56 4.23
CA GLY A 202 -42.30 -11.73 4.53
C GLY A 202 -42.68 -11.06 5.84
N LEU A 203 -41.78 -11.11 6.82
CA LEU A 203 -42.03 -10.46 8.09
C LEU A 203 -42.09 -8.95 7.95
N VAL A 204 -41.20 -8.36 7.15
CA VAL A 204 -41.27 -6.91 6.94
C VAL A 204 -42.54 -6.55 6.16
N ARG A 205 -42.97 -7.40 5.23
CA ARG A 205 -44.24 -7.17 4.53
C ARG A 205 -45.43 -7.20 5.50
N ALA A 206 -45.47 -8.21 6.37
CA ALA A 206 -46.60 -8.40 7.29
C ALA A 206 -46.61 -7.47 8.52
N HIS A 207 -45.46 -6.84 8.84
CA HIS A 207 -45.34 -6.00 10.04
C HIS A 207 -44.59 -4.70 9.78
N ASN A 208 -45.25 -3.58 10.06
CA ASN A 208 -44.66 -2.24 9.87
C ASN A 208 -43.49 -1.91 10.81
N ASN A 209 -43.34 -2.68 11.88
CA ASN A 209 -42.29 -2.46 12.87
C ASN A 209 -41.09 -3.41 12.74
N VAL A 210 -40.97 -4.07 11.60
CA VAL A 210 -39.83 -4.96 11.36
C VAL A 210 -38.92 -4.36 10.29
N VAL A 211 -37.63 -4.30 10.63
CA VAL A 211 -36.61 -3.83 9.72
CA VAL A 211 -36.58 -3.80 9.74
C VAL A 211 -35.50 -4.87 9.66
N VAL A 212 -35.02 -5.17 8.45
CA VAL A 212 -33.98 -6.17 8.26
C VAL A 212 -32.70 -5.46 7.83
N LEU A 213 -31.60 -5.75 8.53
CA LEU A 213 -30.29 -5.21 8.16
C LEU A 213 -29.46 -6.24 7.41
N ARG A 214 -28.92 -5.84 6.26
CA ARG A 214 -27.98 -6.69 5.53
C ARG A 214 -26.74 -5.89 5.12
N THR A 215 -25.74 -6.57 4.57
CA THR A 215 -24.42 -5.96 4.34
C THR A 215 -23.75 -6.43 3.05
N PHE A 216 -22.81 -5.62 2.56
CA PHE A 216 -21.92 -5.98 1.45
C PHE A 216 -20.55 -6.46 1.94
N SER A 217 -20.38 -6.54 3.26
CA SER A 217 -19.06 -6.78 3.86
C SER A 217 -18.59 -8.22 3.83
N LYS A 218 -19.52 -9.17 3.80
CA LYS A 218 -19.17 -10.58 3.91
C LYS A 218 -19.30 -11.28 2.57
N ALA A 219 -20.50 -11.76 2.23
CA ALA A 219 -20.68 -12.53 0.99
C ALA A 219 -20.33 -11.73 -0.26
N TYR A 220 -20.62 -10.43 -0.26
CA TYR A 220 -20.30 -9.58 -1.43
C TYR A 220 -18.87 -9.03 -1.43
N GLY A 221 -18.10 -9.35 -0.38
CA GLY A 221 -16.67 -9.04 -0.33
C GLY A 221 -16.23 -7.58 -0.35
N LEU A 222 -17.02 -6.68 0.23
CA LEU A 222 -16.69 -5.25 0.25
C LEU A 222 -16.53 -4.68 1.66
N ALA A 223 -15.99 -5.48 2.59
CA ALA A 223 -15.81 -5.01 3.96
C ALA A 223 -15.00 -3.72 4.02
N GLY A 224 -14.07 -3.55 3.08
CA GLY A 224 -13.25 -2.36 3.03
C GLY A 224 -13.97 -1.07 2.63
N LEU A 225 -15.13 -1.19 1.97
CA LEU A 225 -15.78 -0.04 1.36
C LEU A 225 -17.08 0.42 2.05
N ARG A 226 -17.58 -0.37 2.98
CA ARG A 226 -18.56 0.09 3.99
C ARG A 226 -19.96 0.38 3.40
N ILE A 227 -20.67 -0.67 3.01
CA ILE A 227 -22.04 -0.54 2.54
C ILE A 227 -22.94 -1.54 3.27
N GLY A 228 -23.86 -0.99 4.05
CA GLY A 228 -24.92 -1.77 4.68
C GLY A 228 -26.24 -1.26 4.16
N TYR A 229 -27.28 -2.08 4.25
CA TYR A 229 -28.62 -1.62 3.90
C TYR A 229 -29.68 -2.20 4.80
N ALA A 230 -30.75 -1.42 4.97
CA ALA A 230 -31.90 -1.79 5.77
C ALA A 230 -33.12 -1.90 4.87
N ILE A 231 -33.98 -2.88 5.15
CA ILE A 231 -35.20 -3.12 4.41
C ILE A 231 -36.35 -2.98 5.39
N GLY A 232 -37.29 -2.09 5.11
CA GLY A 232 -38.37 -1.83 6.05
C GLY A 232 -39.53 -1.04 5.50
N HIS A 233 -40.42 -0.64 6.41
CA HIS A 233 -41.56 0.21 6.09
C HIS A 233 -41.07 1.62 5.73
N PRO A 234 -41.70 2.27 4.73
CA PRO A 234 -41.19 3.57 4.30
C PRO A 234 -41.05 4.64 5.39
N ASP A 235 -41.91 4.62 6.41
CA ASP A 235 -41.79 5.57 7.53
C ASP A 235 -40.49 5.34 8.30
N VAL A 236 -40.14 4.08 8.51
CA VAL A 236 -38.92 3.74 9.24
C VAL A 236 -37.69 4.07 8.38
N ILE A 237 -37.77 3.75 7.10
CA ILE A 237 -36.68 4.06 6.17
C ILE A 237 -36.47 5.57 6.09
N THR A 238 -37.57 6.32 6.02
CA THR A 238 -37.50 7.78 6.00
C THR A 238 -36.84 8.34 7.27
N ALA A 239 -37.22 7.82 8.43
CA ALA A 239 -36.60 8.23 9.70
C ALA A 239 -35.10 7.95 9.73
N LEU A 240 -34.70 6.77 9.28
CA LEU A 240 -33.28 6.43 9.23
C LEU A 240 -32.54 7.43 8.35
N ASP A 241 -33.17 7.81 7.24
CA ASP A 241 -32.53 8.76 6.33
C ASP A 241 -32.48 10.16 6.92
N LYS A 242 -33.37 10.50 7.85
CA LYS A 242 -33.29 11.79 8.56
C LYS A 242 -32.02 11.91 9.42
N VAL A 243 -31.61 10.81 10.06
CA VAL A 243 -30.44 10.83 10.96
C VAL A 243 -29.13 10.34 10.31
N TYR A 244 -29.23 9.79 9.11
CA TYR A 244 -28.07 9.44 8.28
C TYR A 244 -27.08 10.59 8.28
N VAL A 245 -25.82 10.32 8.57
CA VAL A 245 -24.80 11.38 8.46
C VAL A 245 -24.53 11.57 6.98
N PRO A 246 -24.74 12.79 6.46
CA PRO A 246 -24.67 13.00 5.02
C PRO A 246 -23.38 12.50 4.38
N PHE A 247 -23.52 11.88 3.21
CA PHE A 247 -22.39 11.53 2.36
C PHE A 247 -21.49 10.41 2.90
N THR A 248 -21.90 9.75 3.98
CA THR A 248 -21.03 8.75 4.61
C THR A 248 -20.80 7.51 3.73
N VAL A 249 -21.78 7.15 2.91
CA VAL A 249 -21.57 6.08 1.94
C VAL A 249 -20.89 6.68 0.71
N SER A 250 -19.65 6.27 0.46
CA SER A 250 -18.83 6.89 -0.58
C SER A 250 -19.31 6.55 -1.99
N SER A 251 -18.87 7.34 -2.97
CA SER A 251 -19.22 7.11 -4.37
C SER A 251 -18.66 5.77 -4.85
N ILE A 252 -17.42 5.51 -4.49
CA ILE A 252 -16.75 4.26 -4.85
C ILE A 252 -17.45 3.07 -4.20
N GLY A 253 -17.84 3.24 -2.94
CA GLY A 253 -18.63 2.22 -2.26
C GLY A 253 -19.93 1.88 -3.00
N GLN A 254 -20.66 2.91 -3.40
CA GLN A 254 -21.94 2.73 -4.08
C GLN A 254 -21.77 2.04 -5.42
N ALA A 255 -20.81 2.50 -6.21
CA ALA A 255 -20.50 1.89 -7.50
C ALA A 255 -20.05 0.44 -7.36
N ALA A 256 -19.20 0.16 -6.38
CA ALA A 256 -18.72 -1.19 -6.13
C ALA A 256 -19.87 -2.12 -5.73
N ALA A 257 -20.79 -1.59 -4.92
CA ALA A 257 -21.94 -2.36 -4.45
C ALA A 257 -22.90 -2.70 -5.59
N ILE A 258 -23.14 -1.74 -6.48
CA ILE A 258 -23.98 -1.96 -7.64
C ILE A 258 -23.39 -3.06 -8.52
N ALA A 259 -22.09 -2.97 -8.79
CA ALA A 259 -21.42 -3.98 -9.61
C ALA A 259 -21.44 -5.37 -8.97
N SER A 260 -21.38 -5.41 -7.64
CA SER A 260 -21.45 -6.67 -6.91
C SER A 260 -22.84 -7.30 -7.03
N LEU A 261 -23.87 -6.47 -6.97
CA LEU A 261 -25.26 -6.91 -7.18
C LEU A 261 -25.43 -7.51 -8.59
N ASP A 262 -24.80 -6.89 -9.57
CA ASP A 262 -24.83 -7.39 -10.95
C ASP A 262 -24.17 -8.76 -11.06
N ALA A 263 -23.22 -9.04 -10.18
CA ALA A 263 -22.53 -10.34 -10.14
C ALA A 263 -23.04 -11.25 -9.03
N ALA A 264 -24.27 -11.01 -8.53
CA ALA A 264 -24.75 -11.71 -7.33
C ALA A 264 -24.76 -13.23 -7.47
N ASP A 265 -25.19 -13.76 -8.62
CA ASP A 265 -25.22 -15.22 -8.81
C ASP A 265 -23.83 -15.81 -8.55
N GLU A 266 -22.82 -15.17 -9.13
CA GLU A 266 -21.44 -15.59 -9.01
C GLU A 266 -20.96 -15.49 -7.56
N LEU A 267 -21.24 -14.35 -6.92
CA LEU A 267 -20.78 -14.12 -5.55
C LEU A 267 -21.50 -15.00 -4.52
N LEU A 268 -22.80 -15.16 -4.67
CA LEU A 268 -23.59 -16.00 -3.75
C LEU A 268 -23.27 -17.50 -3.90
N ALA A 269 -22.93 -17.93 -5.10
CA ALA A 269 -22.53 -19.33 -5.33
C ALA A 269 -21.31 -19.70 -4.48
N ARG A 270 -20.42 -18.74 -4.24
CA ARG A 270 -19.23 -18.97 -3.44
C ARG A 270 -19.52 -19.31 -1.99
N THR A 271 -20.68 -18.87 -1.49
CA THR A 271 -21.07 -19.20 -0.11
C THR A 271 -21.24 -20.70 0.09
N ASP A 272 -21.56 -21.44 -0.98
CA ASP A 272 -21.68 -22.91 -0.91
C ASP A 272 -20.36 -23.54 -0.53
N THR A 273 -19.26 -23.01 -1.07
CA THR A 273 -17.94 -23.48 -0.75
C THR A 273 -17.58 -23.18 0.71
N VAL A 274 -17.97 -22.00 1.20
CA VAL A 274 -17.69 -21.64 2.59
C VAL A 274 -18.46 -22.55 3.54
N VAL A 275 -19.70 -22.85 3.19
CA VAL A 275 -20.54 -23.74 3.99
C VAL A 275 -19.97 -25.16 4.03
N ALA A 276 -19.42 -25.62 2.91
CA ALA A 276 -18.77 -26.94 2.88
C ALA A 276 -17.57 -26.99 3.84
N GLU A 277 -16.75 -25.94 3.83
CA GLU A 277 -15.63 -25.86 4.76
C GLU A 277 -16.12 -25.74 6.21
N ARG A 278 -17.20 -25.00 6.41
CA ARG A 278 -17.82 -24.87 7.73
C ARG A 278 -18.19 -26.24 8.31
N ALA A 279 -18.83 -27.07 7.50
CA ALA A 279 -19.17 -28.43 7.92
C ALA A 279 -17.92 -29.23 8.24
N ARG A 280 -16.90 -29.13 7.39
CA ARG A 280 -15.67 -29.91 7.57
C ARG A 280 -14.90 -29.46 8.81
N VAL A 281 -14.78 -28.14 8.99
CA VAL A 281 -14.11 -27.58 10.16
C VAL A 281 -14.84 -28.00 11.43
N SER A 282 -16.18 -27.91 11.40
CA SER A 282 -17.01 -28.33 12.53
C SER A 282 -16.83 -29.82 12.84
N ALA A 283 -16.81 -30.66 11.81
CA ALA A 283 -16.68 -32.11 12.01
C ALA A 283 -15.32 -32.46 12.62
N GLU A 284 -14.26 -31.84 12.12
CA GLU A 284 -12.90 -32.09 12.60
C GLU A 284 -12.69 -31.62 14.04
N LEU A 285 -13.26 -30.46 14.38
CA LEU A 285 -13.21 -29.95 15.74
C LEU A 285 -13.94 -30.86 16.73
N ARG A 286 -15.14 -31.31 16.36
CA ARG A 286 -15.90 -32.22 17.21
C ARG A 286 -15.16 -33.57 17.34
N ALA A 287 -14.58 -34.05 16.25
CA ALA A 287 -13.78 -35.28 16.29
C ALA A 287 -12.58 -35.15 17.24
N ALA A 288 -12.01 -33.95 17.33
CA ALA A 288 -10.89 -33.69 18.25
C ALA A 288 -11.35 -33.55 19.70
N GLY A 289 -12.66 -33.37 19.91
CA GLY A 289 -13.22 -33.29 21.25
C GLY A 289 -13.74 -31.93 21.66
N PHE A 290 -13.68 -30.95 20.75
CA PHE A 290 -14.30 -29.64 21.03
C PHE A 290 -15.81 -29.78 20.95
N THR A 291 -16.53 -29.01 21.74
CA THR A 291 -17.97 -28.90 21.58
C THR A 291 -18.27 -27.50 21.06
N LEU A 292 -19.13 -27.41 20.05
CA LEU A 292 -19.53 -26.14 19.49
C LEU A 292 -20.95 -26.24 18.95
N PRO A 293 -21.70 -25.12 19.02
CA PRO A 293 -23.06 -25.15 18.51
C PRO A 293 -23.10 -25.24 16.98
N PRO A 294 -24.28 -25.55 16.39
CA PRO A 294 -24.45 -25.58 14.95
C PRO A 294 -24.39 -24.19 14.31
N SER A 295 -23.35 -23.95 13.52
CA SER A 295 -23.16 -22.66 12.88
C SER A 295 -24.00 -22.53 11.61
N GLN A 296 -24.59 -21.35 11.42
CA GLN A 296 -25.22 -21.01 10.15
C GLN A 296 -24.63 -19.74 9.54
N ALA A 297 -23.38 -19.44 9.92
CA ALA A 297 -22.67 -18.25 9.44
C ALA A 297 -21.39 -18.70 8.75
N ASN A 298 -20.44 -17.78 8.55
CA ASN A 298 -19.12 -18.13 8.02
C ASN A 298 -18.05 -18.17 9.12
N PHE A 299 -18.45 -18.63 10.29
CA PHE A 299 -17.55 -18.81 11.41
C PHE A 299 -18.14 -19.81 12.37
N VAL A 300 -17.31 -20.28 13.30
CA VAL A 300 -17.76 -21.15 14.39
C VAL A 300 -17.42 -20.51 15.71
N TRP A 301 -18.09 -21.00 16.75
CA TRP A 301 -17.99 -20.44 18.10
C TRP A 301 -17.51 -21.53 19.04
N LEU A 302 -16.35 -21.30 19.65
CA LEU A 302 -15.78 -22.25 20.61
C LEU A 302 -15.96 -21.69 22.02
N PRO A 303 -16.96 -22.20 22.75
CA PRO A 303 -17.20 -21.66 24.09
C PRO A 303 -16.16 -22.17 25.10
N LEU A 304 -14.94 -21.68 24.99
CA LEU A 304 -13.81 -22.15 25.80
C LEU A 304 -13.73 -21.54 27.19
N GLY A 305 -14.63 -20.60 27.51
CA GLY A 305 -14.71 -20.07 28.87
C GLY A 305 -13.46 -19.36 29.34
N SER A 306 -12.90 -19.81 30.46
CA SER A 306 -11.70 -19.19 31.02
C SER A 306 -10.45 -19.53 30.21
N ARG A 307 -10.53 -20.54 29.34
CA ARG A 307 -9.41 -20.89 28.47
C ARG A 307 -9.31 -20.07 27.17
N THR A 308 -10.22 -19.10 26.94
CA THR A 308 -10.23 -18.41 25.64
C THR A 308 -8.95 -17.61 25.43
N GLN A 309 -8.50 -16.90 26.47
CA GLN A 309 -7.28 -16.11 26.37
C GLN A 309 -6.08 -16.98 25.97
N ASP A 310 -5.91 -18.13 26.63
CA ASP A 310 -4.81 -19.04 26.33
C ASP A 310 -4.87 -19.55 24.89
N PHE A 311 -6.05 -19.97 24.44
CA PHE A 311 -6.25 -20.49 23.08
C PHE A 311 -5.82 -19.45 22.04
N VAL A 312 -6.24 -18.20 22.26
CA VAL A 312 -5.97 -17.11 21.34
C VAL A 312 -4.49 -16.74 21.33
N GLU A 313 -3.86 -16.72 22.50
CA GLU A 313 -2.44 -16.39 22.60
C GLU A 313 -1.61 -17.45 21.90
N GLN A 314 -1.93 -18.71 22.17
CA GLN A 314 -1.21 -19.82 21.54
C GLN A 314 -1.48 -19.89 20.02
N ALA A 315 -2.70 -19.56 19.62
CA ALA A 315 -3.01 -19.41 18.20
C ALA A 315 -2.09 -18.36 17.57
N ALA A 316 -1.94 -17.22 18.24
CA ALA A 316 -1.05 -16.15 17.77
C ALA A 316 0.40 -16.63 17.65
N ASP A 317 0.84 -17.47 18.59
CA ASP A 317 2.17 -18.07 18.52
C ASP A 317 2.32 -18.95 17.28
N ALA A 318 1.24 -19.61 16.87
CA ALA A 318 1.22 -20.39 15.63
C ALA A 318 0.88 -19.56 14.39
N ARG A 319 0.90 -18.23 14.52
CA ARG A 319 0.64 -17.30 13.42
C ARG A 319 -0.78 -17.45 12.86
N ILE A 320 -1.74 -17.53 13.76
CA ILE A 320 -3.16 -17.56 13.41
C ILE A 320 -3.87 -16.57 14.31
N VAL A 321 -4.63 -15.66 13.71
CA VAL A 321 -5.39 -14.68 14.45
C VAL A 321 -6.84 -15.16 14.55
N VAL A 322 -7.28 -15.44 15.77
CA VAL A 322 -8.69 -15.73 16.07
C VAL A 322 -9.19 -14.74 17.12
N ARG A 323 -10.52 -14.64 17.26
CA ARG A 323 -11.15 -13.50 17.94
C ARG A 323 -11.69 -13.91 19.32
N PRO A 324 -11.11 -13.34 20.41
CA PRO A 324 -11.59 -13.65 21.76
C PRO A 324 -12.75 -12.78 22.18
N TYR A 325 -13.68 -13.37 22.93
CA TYR A 325 -14.78 -12.64 23.52
C TYR A 325 -14.79 -12.90 25.02
N GLY A 326 -14.11 -11.99 25.74
CA GLY A 326 -13.99 -12.03 27.19
C GLY A 326 -13.57 -13.39 27.73
N THR A 327 -14.32 -13.90 28.69
CA THR A 327 -14.10 -15.27 29.17
C THR A 327 -15.27 -16.15 28.74
N ASP A 328 -15.88 -15.84 27.59
CA ASP A 328 -16.97 -16.64 27.05
C ASP A 328 -16.47 -17.67 26.04
N GLY A 329 -15.76 -17.20 25.02
CA GLY A 329 -15.30 -18.09 23.94
C GLY A 329 -14.50 -17.42 22.86
N VAL A 330 -14.18 -18.19 21.82
CA VAL A 330 -13.40 -17.71 20.68
C VAL A 330 -14.22 -17.89 19.40
N ARG A 331 -14.27 -16.83 18.58
CA ARG A 331 -14.95 -16.92 17.29
C ARG A 331 -13.91 -17.12 16.20
N VAL A 332 -14.09 -18.18 15.41
CA VAL A 332 -13.12 -18.55 14.39
C VAL A 332 -13.78 -18.51 13.01
N THR A 333 -13.26 -17.68 12.14
CA THR A 333 -13.76 -17.54 10.79
C THR A 333 -13.38 -18.76 9.96
N VAL A 334 -14.31 -19.17 9.09
CA VAL A 334 -14.06 -20.18 8.09
C VAL A 334 -13.63 -19.47 6.80
N ALA A 335 -12.38 -19.70 6.40
CA ALA A 335 -11.81 -19.01 5.25
C ALA A 335 -11.25 -20.03 4.25
N ALA A 336 -10.03 -19.81 3.75
CA ALA A 336 -9.47 -20.66 2.72
C ALA A 336 -9.12 -22.03 3.29
N PRO A 337 -9.24 -23.10 2.47
CA PRO A 337 -8.94 -24.44 2.97
C PRO A 337 -7.56 -24.57 3.63
N GLU A 338 -6.53 -23.97 3.05
CA GLU A 338 -5.19 -24.03 3.66
C GLU A 338 -5.11 -23.27 5.00
N GLU A 339 -5.90 -22.20 5.15
CA GLU A 339 -5.99 -21.49 6.42
C GLU A 339 -6.79 -22.32 7.44
N ASN A 340 -7.87 -22.93 6.98
CA ASN A 340 -8.70 -23.77 7.84
C ASN A 340 -7.91 -25.00 8.33
N ASP A 341 -7.10 -25.59 7.44
CA ASP A 341 -6.22 -26.71 7.81
C ASP A 341 -5.16 -26.31 8.84
N ALA A 342 -4.57 -25.14 8.66
CA ALA A 342 -3.59 -24.62 9.62
C ALA A 342 -4.24 -24.45 10.99
N PHE A 343 -5.45 -23.90 11.01
CA PHE A 343 -6.17 -23.73 12.27
C PHE A 343 -6.49 -25.08 12.92
N LEU A 344 -6.95 -26.03 12.12
CA LEU A 344 -7.32 -27.35 12.64
C LEU A 344 -6.11 -28.08 13.22
N ARG A 345 -4.96 -27.98 12.57
CA ARG A 345 -3.74 -28.60 13.07
C ARG A 345 -3.38 -27.99 14.42
N PHE A 346 -3.42 -26.67 14.50
CA PHE A 346 -3.21 -25.98 15.77
C PHE A 346 -4.20 -26.44 16.83
N ALA A 347 -5.48 -26.46 16.48
CA ALA A 347 -6.52 -26.80 17.45
C ALA A 347 -6.36 -28.21 18.03
N ARG A 348 -6.05 -29.18 17.18
CA ARG A 348 -5.81 -30.55 17.66
C ARG A 348 -4.64 -30.58 18.66
N ARG A 349 -3.53 -29.98 18.24
CA ARG A 349 -2.33 -29.89 19.07
C ARG A 349 -2.62 -29.20 20.42
N TRP A 350 -3.33 -28.08 20.40
CA TRP A 350 -3.68 -27.36 21.63
C TRP A 350 -4.53 -28.21 22.55
N ARG A 351 -5.53 -28.91 22.01
CA ARG A 351 -6.40 -29.70 22.88
C ARG A 351 -5.69 -30.94 23.44
N SER A 352 -4.77 -31.50 22.66
CA SER A 352 -3.91 -32.59 23.16
C SER A 352 -3.06 -32.14 24.34
N ASP A 353 -2.52 -30.93 24.25
CA ASP A 353 -1.70 -30.37 25.32
C ASP A 353 -2.52 -30.06 26.59
N GLN A 354 -3.85 -29.92 26.46
CA GLN A 354 -4.72 -29.75 27.62
C GLN A 354 -4.96 -31.09 28.32
N VAL B 2 -51.21 0.48 13.18
CA VAL B 2 -50.19 0.94 14.15
C VAL B 2 -48.81 0.90 13.50
N THR B 3 -48.03 1.94 13.74
CA THR B 3 -46.67 2.03 13.21
C THR B 3 -45.69 1.93 14.36
N ALA B 4 -44.43 1.67 14.04
CA ALA B 4 -43.38 1.71 15.03
C ALA B 4 -43.31 3.10 15.63
N ARG B 5 -43.19 3.16 16.95
CA ARG B 5 -43.07 4.40 17.66
C ARG B 5 -41.65 4.93 17.53
N LEU B 6 -41.51 6.13 16.97
CA LEU B 6 -40.22 6.76 16.78
C LEU B 6 -40.13 8.00 17.65
N ARG B 7 -38.94 8.55 17.79
CA ARG B 7 -38.72 9.69 18.67
C ARG B 7 -39.47 10.92 18.16
N PRO B 8 -40.16 11.64 19.06
CA PRO B 8 -40.88 12.88 18.69
C PRO B 8 -40.01 13.93 18.01
N GLU B 9 -38.73 13.97 18.35
CA GLU B 9 -37.79 14.94 17.81
C GLU B 9 -37.58 14.79 16.30
N LEU B 10 -37.90 13.61 15.75
CA LEU B 10 -37.79 13.38 14.31
C LEU B 10 -38.77 14.20 13.47
N ALA B 11 -39.97 14.45 14.00
CA ALA B 11 -40.98 15.22 13.29
C ALA B 11 -40.54 16.67 13.18
N GLY B 12 -40.37 17.16 11.95
CA GLY B 12 -39.90 18.51 11.72
C GLY B 12 -38.41 18.70 11.96
N LEU B 13 -37.66 17.62 12.06
CA LEU B 13 -36.19 17.70 12.12
C LEU B 13 -35.71 18.39 10.86
N PRO B 14 -34.80 19.38 10.97
CA PRO B 14 -34.31 20.07 9.77
C PRO B 14 -33.22 19.27 9.07
N VAL B 15 -33.66 18.25 8.34
CA VAL B 15 -32.76 17.30 7.67
C VAL B 15 -31.85 18.02 6.66
N TYR B 16 -30.59 17.62 6.60
CA TYR B 16 -29.62 18.27 5.71
C TYR B 16 -29.99 18.05 4.24
N VAL B 17 -30.10 19.14 3.48
CA VAL B 17 -30.41 19.06 2.04
C VAL B 17 -29.12 19.32 1.25
N PRO B 18 -28.62 18.32 0.52
CA PRO B 18 -27.39 18.53 -0.25
C PRO B 18 -27.60 19.44 -1.46
N GLY B 19 -26.50 19.88 -2.06
CA GLY B 19 -26.54 20.58 -3.32
C GLY B 19 -27.02 19.63 -4.40
N LYS B 20 -27.80 20.15 -5.34
CA LYS B 20 -28.27 19.33 -6.44
C LYS B 20 -27.12 18.95 -7.37
N THR B 21 -27.21 17.74 -7.91
CA THR B 21 -26.32 17.27 -8.95
C THR B 21 -27.18 17.03 -10.20
N VAL B 22 -26.95 17.84 -11.23
CA VAL B 22 -27.77 17.84 -12.42
C VAL B 22 -26.90 17.52 -13.62
N PRO B 23 -27.02 16.30 -14.18
CA PRO B 23 -26.22 15.92 -15.34
C PRO B 23 -26.37 16.94 -16.47
N GLY B 24 -25.25 17.32 -17.08
CA GLY B 24 -25.25 18.29 -18.18
C GLY B 24 -25.16 19.74 -17.74
N ALA B 25 -25.46 20.03 -16.48
CA ALA B 25 -25.40 21.42 -15.99
C ALA B 25 -24.04 21.73 -15.39
N ILE B 26 -23.78 23.01 -15.19
CA ILE B 26 -22.58 23.46 -14.49
C ILE B 26 -22.88 23.48 -13.00
N LYS B 27 -22.12 22.74 -12.21
CA LYS B 27 -22.40 22.62 -10.78
C LYS B 27 -21.54 23.59 -9.96
N LEU B 28 -22.18 24.60 -9.38
CA LEU B 28 -21.52 25.54 -8.50
C LEU B 28 -22.22 25.55 -7.14
N ALA B 29 -22.67 24.37 -6.71
CA ALA B 29 -23.57 24.26 -5.58
C ALA B 29 -23.02 23.51 -4.36
N SER B 30 -21.88 22.82 -4.49
CA SER B 30 -21.37 21.95 -3.42
C SER B 30 -19.92 22.22 -2.97
N ASN B 31 -19.36 23.34 -3.41
CA ASN B 31 -18.00 23.76 -3.04
C ASN B 31 -16.93 22.73 -3.38
N GLU B 32 -17.17 21.98 -4.45
CA GLU B 32 -16.22 20.98 -4.92
C GLU B 32 -15.13 21.66 -5.74
N THR B 33 -13.93 21.10 -5.66
CA THR B 33 -12.87 21.45 -6.61
C THR B 33 -13.09 20.63 -7.88
N VAL B 34 -12.48 21.07 -8.98
CA VAL B 34 -12.85 20.59 -10.30
C VAL B 34 -11.93 19.52 -10.91
N PHE B 35 -10.82 19.20 -10.26
CA PHE B 35 -9.86 18.25 -10.84
C PHE B 35 -10.02 16.83 -10.32
N GLY B 36 -9.96 15.88 -11.25
CA GLY B 36 -9.85 14.46 -10.90
C GLY B 36 -8.55 14.21 -10.16
N PRO B 37 -8.40 12.98 -9.63
CA PRO B 37 -7.26 12.70 -8.77
C PRO B 37 -5.95 12.60 -9.52
N LEU B 38 -4.86 12.97 -8.85
CA LEU B 38 -3.52 12.79 -9.39
C LEU B 38 -3.26 11.32 -9.67
N PRO B 39 -2.37 11.02 -10.65
CA PRO B 39 -2.01 9.62 -10.86
C PRO B 39 -1.53 8.92 -9.58
N SER B 40 -0.78 9.61 -8.73
CA SER B 40 -0.29 9.00 -7.48
C SER B 40 -1.43 8.63 -6.52
N VAL B 41 -2.49 9.42 -6.54
CA VAL B 41 -3.66 9.17 -5.70
C VAL B 41 -4.47 8.00 -6.25
N ARG B 42 -4.70 7.98 -7.57
CA ARG B 42 -5.35 6.84 -8.21
C ARG B 42 -4.57 5.53 -7.98
N ALA B 43 -3.24 5.62 -8.00
CA ALA B 43 -2.39 4.44 -7.77
C ALA B 43 -2.58 3.89 -6.35
N ALA B 44 -2.68 4.80 -5.37
CA ALA B 44 -2.95 4.41 -3.99
C ALA B 44 -4.29 3.72 -3.85
N ILE B 45 -5.28 4.22 -4.59
CA ILE B 45 -6.61 3.63 -4.60
C ILE B 45 -6.55 2.25 -5.26
N ASP B 46 -5.85 2.18 -6.40
CA ASP B 46 -5.62 0.92 -7.11
C ASP B 46 -5.02 -0.14 -6.20
N ARG B 47 -3.97 0.20 -5.45
CA ARG B 47 -3.35 -0.76 -4.54
C ARG B 47 -4.31 -1.21 -3.44
N ALA B 48 -5.08 -0.27 -2.89
CA ALA B 48 -6.07 -0.60 -1.85
C ALA B 48 -7.24 -1.45 -2.39
N THR B 49 -7.58 -1.31 -3.67
CA THR B 49 -8.68 -2.06 -4.28
C THR B 49 -8.49 -3.58 -4.21
N ASP B 50 -7.24 -4.03 -4.23
CA ASP B 50 -6.92 -5.45 -4.15
C ASP B 50 -7.48 -6.13 -2.91
N THR B 51 -7.62 -5.40 -1.80
CA THR B 51 -8.05 -6.01 -0.55
C THR B 51 -9.31 -5.37 0.04
N VAL B 52 -10.25 -5.01 -0.84
CA VAL B 52 -11.54 -4.48 -0.38
C VAL B 52 -12.37 -5.51 0.36
N ASN B 53 -12.00 -6.79 0.26
CA ASN B 53 -12.63 -7.83 1.07
C ASN B 53 -12.26 -7.76 2.56
N ARG B 54 -11.20 -7.01 2.88
CA ARG B 54 -10.73 -6.89 4.26
C ARG B 54 -11.24 -5.58 4.85
N TYR B 55 -11.54 -5.58 6.15
CA TYR B 55 -11.97 -4.35 6.83
C TYR B 55 -10.85 -3.31 6.81
N PRO B 56 -11.21 -2.01 6.90
CA PRO B 56 -10.18 -0.99 7.03
C PRO B 56 -9.54 -1.00 8.39
N ASP B 57 -8.43 -0.30 8.51
CA ASP B 57 -7.84 -0.05 9.81
C ASP B 57 -8.79 0.85 10.59
N ASN B 58 -9.37 0.32 11.67
CA ASN B 58 -10.28 1.09 12.49
C ASN B 58 -9.64 2.34 13.12
N GLY B 59 -8.32 2.27 13.33
CA GLY B 59 -7.56 3.33 13.98
C GLY B 59 -6.88 4.31 13.04
N CYS B 60 -6.97 4.05 11.73
CA CYS B 60 -6.34 4.91 10.72
C CYS B 60 -4.92 5.27 11.13
N VAL B 61 -4.13 4.26 11.49
CA VAL B 61 -2.83 4.48 12.10
C VAL B 61 -1.89 5.21 11.13
N GLN B 62 -1.76 4.68 9.91
CA GLN B 62 -0.87 5.28 8.92
C GLN B 62 -1.27 6.72 8.61
N LEU B 63 -2.57 6.96 8.45
CA LEU B 63 -3.08 8.30 8.16
C LEU B 63 -2.86 9.31 9.29
N LYS B 64 -3.11 8.89 10.52
CA LYS B 64 -2.87 9.74 11.68
C LYS B 64 -1.39 10.11 11.79
N ALA B 65 -0.52 9.14 11.53
CA ALA B 65 0.92 9.36 11.58
C ALA B 65 1.32 10.43 10.56
N ALA B 66 0.79 10.30 9.34
CA ALA B 66 1.06 11.27 8.28
C ALA B 66 0.49 12.66 8.61
N LEU B 67 -0.72 12.69 9.15
CA LEU B 67 -1.33 13.95 9.57
C LEU B 67 -0.49 14.64 10.64
N ALA B 68 -0.06 13.87 11.64
CA ALA B 68 0.76 14.39 12.73
C ALA B 68 2.11 14.95 12.22
N ARG B 69 2.71 14.27 11.25
CA ARG B 69 3.94 14.77 10.62
C ARG B 69 3.68 16.10 9.92
N HIS B 70 2.56 16.17 9.21
CA HIS B 70 2.21 17.39 8.48
C HIS B 70 1.87 18.54 9.42
N LEU B 71 1.32 18.21 10.58
CA LEU B 71 0.98 19.21 11.58
C LEU B 71 2.20 19.77 12.32
N GLY B 72 3.33 19.05 12.26
CA GLY B 72 4.58 19.55 12.80
C GLY B 72 4.96 18.95 14.14
N PRO B 73 6.11 19.40 14.69
CA PRO B 73 6.73 18.79 15.88
C PRO B 73 5.91 18.86 17.17
N ASP B 74 5.01 19.84 17.28
CA ASP B 74 4.15 19.95 18.46
C ASP B 74 2.93 19.01 18.44
N PHE B 75 2.75 18.24 17.37
CA PHE B 75 1.62 17.32 17.28
C PHE B 75 2.05 15.88 16.96
N ALA B 76 1.48 14.97 17.74
CA ALA B 76 1.63 13.54 17.57
C ALA B 76 0.26 12.94 17.24
N PRO B 77 0.24 11.65 16.85
CA PRO B 77 -1.02 10.96 16.53
C PRO B 77 -2.10 11.03 17.63
N GLU B 78 -1.70 11.06 18.90
CA GLU B 78 -2.65 11.18 20.00
C GLU B 78 -3.50 12.47 19.98
N HIS B 79 -3.08 13.47 19.21
CA HIS B 79 -3.83 14.72 19.05
C HIS B 79 -4.74 14.73 17.82
N VAL B 80 -4.83 13.61 17.12
CA VAL B 80 -5.58 13.53 15.87
C VAL B 80 -6.65 12.45 15.90
N ALA B 81 -7.89 12.84 15.59
CA ALA B 81 -8.98 11.90 15.37
C ALA B 81 -9.38 12.02 13.90
N VAL B 82 -9.74 10.88 13.30
CA VAL B 82 -10.17 10.83 11.91
C VAL B 82 -11.62 10.39 11.86
N GLY B 83 -12.39 11.01 10.97
CA GLY B 83 -13.81 10.72 10.81
C GLY B 83 -14.23 10.57 9.36
N CYS B 84 -15.40 9.98 9.16
CA CYS B 84 -15.97 9.80 7.82
C CYS B 84 -16.57 11.13 7.34
N GLY B 85 -15.69 12.00 6.85
CA GLY B 85 -16.04 13.39 6.59
C GLY B 85 -15.99 14.17 7.89
N SER B 86 -15.68 15.45 7.82
CA SER B 86 -15.80 16.29 9.01
C SER B 86 -17.26 16.35 9.50
N VAL B 87 -18.24 16.09 8.61
CA VAL B 87 -19.64 15.98 9.04
C VAL B 87 -19.85 14.92 10.13
N SER B 88 -19.15 13.79 10.03
CA SER B 88 -19.20 12.76 11.08
C SER B 88 -18.56 13.26 12.38
N LEU B 89 -17.46 13.98 12.26
CA LEU B 89 -16.78 14.54 13.44
C LEU B 89 -17.65 15.59 14.12
N CYS B 90 -18.47 16.31 13.36
CA CYS B 90 -19.45 17.21 13.97
C CYS B 90 -20.44 16.44 14.85
N GLN B 91 -20.93 15.30 14.39
CA GLN B 91 -21.84 14.51 15.22
C GLN B 91 -21.11 13.93 16.41
N GLN B 92 -19.89 13.44 16.21
CA GLN B 92 -19.11 12.90 17.31
C GLN B 92 -18.89 13.94 18.41
N LEU B 93 -18.64 15.19 18.01
CA LEU B 93 -18.50 16.31 18.95
C LEU B 93 -19.76 16.48 19.79
N VAL B 94 -20.90 16.43 19.13
CA VAL B 94 -22.18 16.55 19.81
C VAL B 94 -22.34 15.36 20.76
N GLN B 95 -21.99 14.16 20.28
CA GLN B 95 -22.16 12.96 21.09
C GLN B 95 -21.26 12.93 22.33
N VAL B 96 -20.11 13.59 22.30
CA VAL B 96 -19.24 13.59 23.47
C VAL B 96 -19.56 14.73 24.45
N THR B 97 -20.41 15.68 24.04
CA THR B 97 -20.67 16.88 24.86
C THR B 97 -22.12 17.12 25.27
N ALA B 98 -23.10 16.83 24.41
CA ALA B 98 -24.46 17.32 24.62
C ALA B 98 -25.51 16.20 24.67
N SER B 99 -26.47 16.38 25.56
CA SER B 99 -27.63 15.51 25.65
C SER B 99 -28.86 16.37 25.96
N VAL B 100 -29.89 15.75 26.51
CA VAL B 100 -31.20 16.39 26.62
C VAL B 100 -31.10 17.66 27.48
N GLY B 101 -31.63 18.76 26.96
CA GLY B 101 -31.61 20.02 27.70
C GLY B 101 -30.33 20.82 27.54
N ASP B 102 -29.25 20.18 27.08
CA ASP B 102 -27.98 20.89 26.91
C ASP B 102 -28.06 21.83 25.74
N GLU B 103 -27.16 22.81 25.70
CA GLU B 103 -27.21 23.84 24.69
C GLU B 103 -25.94 23.82 23.85
N VAL B 104 -26.12 24.05 22.56
CA VAL B 104 -25.01 24.12 21.63
C VAL B 104 -25.13 25.46 20.90
N VAL B 105 -24.12 26.31 21.01
CA VAL B 105 -24.21 27.63 20.40
C VAL B 105 -23.39 27.73 19.12
N PHE B 106 -23.97 28.39 18.14
CA PHE B 106 -23.27 28.68 16.90
C PHE B 106 -23.90 29.87 16.21
N GLY B 107 -23.09 30.55 15.42
CA GLY B 107 -23.58 31.62 14.56
C GLY B 107 -24.63 31.07 13.61
N TRP B 108 -25.51 31.94 13.15
CA TRP B 108 -26.53 31.55 12.18
C TRP B 108 -26.87 32.77 11.32
N ARG B 109 -26.90 32.66 9.99
CA ARG B 109 -26.74 31.41 9.24
CA ARG B 109 -26.76 31.42 9.25
C ARG B 109 -25.33 30.85 9.29
N SER B 110 -25.23 29.54 9.51
CA SER B 110 -23.96 28.84 9.47
C SER B 110 -24.22 27.44 8.91
N PHE B 111 -23.34 26.49 9.19
CA PHE B 111 -23.43 25.19 8.55
C PHE B 111 -24.79 24.53 8.84
N GLU B 112 -25.51 24.23 7.76
CA GLU B 112 -26.84 23.61 7.81
C GLU B 112 -26.88 22.31 8.63
N LEU B 113 -25.72 21.67 8.76
CA LEU B 113 -25.57 20.43 9.49
C LEU B 113 -25.78 20.57 11.02
N TYR B 114 -25.47 21.73 11.58
CA TYR B 114 -25.45 21.88 13.05
C TYR B 114 -26.82 21.68 13.71
N PRO B 115 -27.87 22.38 13.23
CA PRO B 115 -29.15 22.21 13.91
C PRO B 115 -29.65 20.76 13.99
N PRO B 116 -29.69 20.03 12.86
CA PRO B 116 -30.21 18.67 13.01
C PRO B 116 -29.37 17.76 13.92
N GLN B 117 -28.05 17.84 13.85
CA GLN B 117 -27.24 16.99 14.71
C GLN B 117 -27.44 17.31 16.19
N VAL B 118 -27.58 18.59 16.52
CA VAL B 118 -27.89 19.02 17.89
C VAL B 118 -29.23 18.43 18.35
N ARG B 119 -30.25 18.51 17.49
CA ARG B 119 -31.59 18.02 17.85
C ARG B 119 -31.64 16.50 17.96
N VAL B 120 -30.85 15.79 17.15
CA VAL B 120 -30.75 14.34 17.28
C VAL B 120 -30.26 13.94 18.69
N ALA B 121 -29.43 14.79 19.29
CA ALA B 121 -28.96 14.54 20.66
C ALA B 121 -29.98 14.92 21.73
N GLY B 122 -31.12 15.49 21.31
CA GLY B 122 -32.10 16.04 22.24
C GLY B 122 -31.70 17.39 22.81
N ALA B 123 -30.64 17.98 22.25
CA ALA B 123 -30.09 19.23 22.75
C ALA B 123 -30.75 20.43 22.08
N ILE B 124 -30.41 21.63 22.56
CA ILE B 124 -31.05 22.85 22.13
C ILE B 124 -30.06 23.72 21.37
N PRO B 125 -30.30 23.96 20.06
CA PRO B 125 -29.43 24.84 19.31
C PRO B 125 -29.66 26.32 19.64
N ILE B 126 -28.59 26.99 20.02
CA ILE B 126 -28.63 28.42 20.31
C ILE B 126 -28.00 29.07 19.09
N GLN B 127 -28.86 29.67 18.26
CA GLN B 127 -28.46 30.18 16.95
C GLN B 127 -28.34 31.69 17.02
N VAL B 128 -27.10 32.17 17.00
CA VAL B 128 -26.79 33.57 17.26
C VAL B 128 -26.63 34.34 15.95
N PRO B 129 -27.47 35.39 15.73
CA PRO B 129 -27.41 36.09 14.45
C PRO B 129 -26.02 36.62 14.10
N LEU B 130 -25.71 36.64 12.82
CA LEU B 130 -24.45 37.21 12.34
C LEU B 130 -24.55 38.72 12.38
N THR B 131 -23.41 39.39 12.26
CA THR B 131 -23.34 40.83 12.05
C THR B 131 -22.48 41.05 10.82
N ASP B 132 -23.01 41.79 9.84
CA ASP B 132 -22.36 41.98 8.53
C ASP B 132 -21.85 40.65 7.97
N HIS B 133 -22.71 39.64 7.97
CA HIS B 133 -22.43 38.32 7.38
C HIS B 133 -21.28 37.57 8.06
N THR B 134 -20.99 37.94 9.30
CA THR B 134 -19.83 37.41 10.01
C THR B 134 -20.22 37.01 11.43
N PHE B 135 -19.61 35.93 11.92
CA PHE B 135 -19.86 35.50 13.29
C PHE B 135 -19.70 36.68 14.25
N ASP B 136 -20.69 36.84 15.14
CA ASP B 136 -20.67 37.88 16.15
C ASP B 136 -20.24 37.25 17.47
N LEU B 137 -18.94 37.27 17.72
CA LEU B 137 -18.36 36.54 18.85
C LEU B 137 -18.81 37.14 20.18
N TYR B 138 -18.92 38.47 20.22
CA TYR B 138 -19.49 39.17 21.37
C TYR B 138 -20.88 38.65 21.71
N ALA B 139 -21.77 38.60 20.71
CA ALA B 139 -23.14 38.12 20.93
C ALA B 139 -23.15 36.65 21.34
N MET B 140 -22.30 35.84 20.72
CA MET B 140 -22.20 34.42 21.06
C MET B 140 -21.73 34.22 22.50
N LEU B 141 -20.74 34.99 22.93
CA LEU B 141 -20.29 34.96 24.32
C LEU B 141 -21.46 35.25 25.28
N ALA B 142 -22.28 36.25 24.95
CA ALA B 142 -23.40 36.67 25.81
C ALA B 142 -24.48 35.61 25.95
N THR B 143 -24.46 34.63 25.05
CA THR B 143 -25.47 33.58 25.03
C THR B 143 -25.06 32.34 25.83
N VAL B 144 -23.86 32.37 26.42
CA VAL B 144 -23.34 31.23 27.17
C VAL B 144 -24.08 31.07 28.50
N THR B 145 -24.45 29.84 28.84
CA THR B 145 -25.10 29.56 30.13
C THR B 145 -24.42 28.37 30.79
N ASP B 146 -24.91 28.01 31.97
CA ASP B 146 -24.46 26.80 32.66
C ASP B 146 -24.72 25.53 31.85
N ARG B 147 -25.67 25.57 30.91
CA ARG B 147 -25.99 24.40 30.07
C ARG B 147 -25.30 24.39 28.69
N THR B 148 -24.43 25.36 28.43
CA THR B 148 -23.69 25.40 27.17
C THR B 148 -22.60 24.32 27.16
N ARG B 149 -22.75 23.35 26.27
CA ARG B 149 -21.86 22.17 26.23
C ARG B 149 -20.87 22.17 25.06
N LEU B 150 -21.18 22.94 24.01
CA LEU B 150 -20.39 22.90 22.78
C LEU B 150 -20.61 24.21 22.05
N ILE B 151 -19.54 24.78 21.51
CA ILE B 151 -19.62 25.96 20.66
C ILE B 151 -18.96 25.65 19.30
N PHE B 152 -19.67 25.96 18.21
CA PHE B 152 -19.08 25.87 16.88
C PHE B 152 -18.73 27.25 16.39
N VAL B 153 -17.48 27.44 15.99
CA VAL B 153 -17.07 28.61 15.22
C VAL B 153 -16.67 28.13 13.82
N CYS B 154 -17.50 28.44 12.83
CA CYS B 154 -17.26 28.06 11.45
C CYS B 154 -16.46 29.17 10.79
N ASN B 155 -15.22 28.88 10.40
CA ASN B 155 -14.26 29.91 9.98
C ASN B 155 -13.30 29.39 8.89
N PRO B 156 -13.51 29.78 7.61
CA PRO B 156 -14.55 30.65 7.06
C PRO B 156 -15.94 30.05 7.19
N ASN B 157 -16.94 30.93 7.29
CA ASN B 157 -18.31 30.49 7.49
C ASN B 157 -18.94 29.92 6.23
N ASN B 158 -19.62 28.79 6.39
CA ASN B 158 -20.52 28.26 5.39
C ASN B 158 -21.92 28.58 5.88
N PRO B 159 -22.70 29.36 5.11
CA PRO B 159 -22.52 29.75 3.73
C PRO B 159 -22.06 31.19 3.41
N THR B 160 -21.77 32.01 4.42
CA THR B 160 -21.56 33.45 4.14
C THR B 160 -20.14 33.81 3.70
N SER B 161 -19.21 32.85 3.82
CA SER B 161 -17.85 32.91 3.23
C SER B 161 -16.82 33.72 4.03
N THR B 162 -17.25 34.38 5.11
CA THR B 162 -16.42 35.32 5.83
C THR B 162 -15.63 34.68 6.96
N VAL B 163 -14.60 35.39 7.41
CA VAL B 163 -13.89 35.04 8.62
C VAL B 163 -14.01 36.17 9.64
N VAL B 164 -13.92 35.82 10.91
CA VAL B 164 -13.67 36.79 11.98
C VAL B 164 -12.20 37.15 11.99
N GLY B 165 -11.85 38.23 12.68
CA GLY B 165 -10.45 38.61 12.83
C GLY B 165 -9.70 37.57 13.64
N PRO B 166 -8.49 37.20 13.20
CA PRO B 166 -7.72 36.18 13.94
C PRO B 166 -7.50 36.52 15.43
N ASP B 167 -7.28 37.79 15.76
CA ASP B 167 -7.10 38.20 17.16
C ASP B 167 -8.42 38.16 17.90
N ALA B 168 -9.51 38.54 17.23
CA ALA B 168 -10.86 38.47 17.81
C ALA B 168 -11.20 37.02 18.17
N LEU B 169 -10.81 36.09 17.31
CA LEU B 169 -11.02 34.68 17.60
C LEU B 169 -10.27 34.25 18.85
N ALA B 170 -8.99 34.62 18.93
CA ALA B 170 -8.17 34.32 20.12
C ALA B 170 -8.77 34.87 21.40
N ARG B 171 -9.23 36.12 21.36
CA ARG B 171 -9.85 36.75 22.52
C ARG B 171 -11.18 36.09 22.91
N PHE B 172 -11.97 35.71 21.91
CA PHE B 172 -13.19 34.94 22.16
C PHE B 172 -12.87 33.65 22.92
N VAL B 173 -11.89 32.90 22.41
CA VAL B 173 -11.47 31.64 23.03
C VAL B 173 -11.00 31.86 24.47
N GLU B 174 -10.22 32.92 24.69
CA GLU B 174 -9.74 33.26 26.03
C GLU B 174 -10.87 33.62 26.99
N ALA B 175 -11.95 34.21 26.46
CA ALA B 175 -13.07 34.66 27.28
C ALA B 175 -14.14 33.57 27.54
N VAL B 176 -14.19 32.54 26.70
CA VAL B 176 -15.13 31.44 26.92
C VAL B 176 -14.72 30.65 28.17
N PRO B 177 -15.67 30.31 29.06
CA PRO B 177 -15.34 29.46 30.19
C PRO B 177 -14.60 28.19 29.75
N ALA B 178 -13.51 27.89 30.43
CA ALA B 178 -12.54 26.87 30.01
C ALA B 178 -13.07 25.43 29.96
N HIS B 179 -14.22 25.19 30.57
CA HIS B 179 -14.82 23.86 30.60
C HIS B 179 -15.73 23.57 29.39
N ILE B 180 -15.94 24.56 28.53
CA ILE B 180 -16.82 24.41 27.36
C ILE B 180 -15.99 24.11 26.11
N LEU B 181 -16.28 22.99 25.47
CA LEU B 181 -15.57 22.60 24.25
C LEU B 181 -15.91 23.55 23.10
N ILE B 182 -14.88 24.09 22.45
CA ILE B 182 -15.05 24.96 21.30
C ILE B 182 -14.49 24.26 20.07
N ALA B 183 -15.34 24.05 19.06
CA ALA B 183 -14.92 23.46 17.80
C ALA B 183 -14.79 24.55 16.74
N ILE B 184 -13.59 24.67 16.17
CA ILE B 184 -13.35 25.59 15.06
C ILE B 184 -13.39 24.76 13.77
N ASP B 185 -14.45 24.98 12.99
CA ASP B 185 -14.66 24.26 11.74
C ASP B 185 -13.88 24.96 10.63
N GLU B 186 -12.79 24.34 10.21
CA GLU B 186 -11.83 24.92 9.28
C GLU B 186 -11.85 24.20 7.93
N ALA B 187 -13.05 23.83 7.48
CA ALA B 187 -13.21 23.13 6.21
C ALA B 187 -12.61 23.88 5.03
N TYR B 188 -12.63 25.22 5.10
CA TYR B 188 -12.15 26.07 4.01
C TYR B 188 -10.88 26.84 4.34
N VAL B 189 -10.16 26.39 5.37
CA VAL B 189 -9.01 27.14 5.88
C VAL B 189 -7.90 27.31 4.84
N GLU B 190 -7.74 26.33 3.96
CA GLU B 190 -6.69 26.39 2.94
C GLU B 190 -6.89 27.56 1.94
N TYR B 191 -8.08 28.14 1.89
CA TYR B 191 -8.37 29.27 1.00
C TYR B 191 -8.27 30.65 1.66
N ILE B 192 -7.95 30.73 2.94
CA ILE B 192 -7.87 32.04 3.60
C ILE B 192 -6.61 32.77 3.13
N ARG B 193 -6.75 34.07 2.85
CA ARG B 193 -5.64 34.92 2.46
C ARG B 193 -5.68 36.24 3.23
N ASP B 194 -4.85 37.21 2.84
CA ASP B 194 -4.84 38.57 3.43
C ASP B 194 -4.46 38.62 4.90
N GLY B 195 -3.66 37.65 5.34
CA GLY B 195 -3.23 37.58 6.73
C GLY B 195 -4.34 37.26 7.71
N MET B 196 -5.48 36.77 7.20
CA MET B 196 -6.67 36.55 8.02
C MET B 196 -6.74 35.17 8.65
N ARG B 197 -5.80 34.28 8.35
CA ARG B 197 -5.85 32.94 8.91
C ARG B 197 -5.48 32.96 10.40
N PRO B 198 -6.31 32.37 11.26
CA PRO B 198 -6.01 32.36 12.70
C PRO B 198 -4.94 31.36 13.09
N ASP B 199 -4.41 31.53 14.30
CA ASP B 199 -3.42 30.61 14.85
C ASP B 199 -4.16 29.47 15.54
N SER B 200 -4.93 28.72 14.76
CA SER B 200 -5.80 27.68 15.32
C SER B 200 -5.01 26.57 15.99
N LEU B 201 -3.88 26.16 15.40
CA LEU B 201 -3.02 25.18 16.06
C LEU B 201 -2.42 25.75 17.36
N GLY B 202 -2.10 27.03 17.36
CA GLY B 202 -1.66 27.72 18.58
C GLY B 202 -2.74 27.71 19.66
N LEU B 203 -3.98 27.93 19.24
CA LEU B 203 -5.11 27.93 20.17
C LEU B 203 -5.33 26.55 20.78
N VAL B 204 -5.13 25.51 19.98
CA VAL B 204 -5.26 24.14 20.49
C VAL B 204 -4.21 23.88 21.57
N ARG B 205 -2.98 24.30 21.30
CA ARG B 205 -1.89 24.14 22.28
C ARG B 205 -2.10 25.00 23.53
N ALA B 206 -2.63 26.20 23.36
CA ALA B 206 -2.86 27.08 24.51
C ALA B 206 -4.08 26.69 25.34
N HIS B 207 -5.06 26.00 24.73
CA HIS B 207 -6.34 25.71 25.38
C HIS B 207 -6.78 24.26 25.21
N ASN B 208 -7.00 23.57 26.31
CA ASN B 208 -7.40 22.16 26.27
C ASN B 208 -8.80 21.92 25.71
N ASN B 209 -9.62 22.97 25.69
CA ASN B 209 -11.02 22.89 25.27
C ASN B 209 -11.27 23.39 23.83
N VAL B 210 -10.20 23.58 23.06
CA VAL B 210 -10.33 23.97 21.66
C VAL B 210 -10.01 22.75 20.79
N VAL B 211 -10.87 22.47 19.83
CA VAL B 211 -10.63 21.41 18.85
C VAL B 211 -10.85 22.00 17.46
N VAL B 212 -10.01 21.61 16.51
CA VAL B 212 -10.06 22.15 15.16
C VAL B 212 -10.44 21.03 14.20
N LEU B 213 -11.39 21.32 13.30
CA LEU B 213 -11.88 20.35 12.31
C LEU B 213 -11.38 20.72 10.92
N ARG B 214 -10.77 19.76 10.25
CA ARG B 214 -10.32 19.95 8.88
C ARG B 214 -10.75 18.77 7.99
N THR B 215 -10.62 18.97 6.68
CA THR B 215 -11.17 18.01 5.72
C THR B 215 -10.29 17.76 4.52
N PHE B 216 -10.44 16.57 3.92
CA PHE B 216 -9.84 16.24 2.63
C PHE B 216 -10.80 16.53 1.45
N SER B 217 -11.98 17.07 1.72
CA SER B 217 -13.03 17.16 0.70
C SER B 217 -12.90 18.30 -0.29
N LYS B 218 -12.20 19.38 0.11
CA LYS B 218 -12.13 20.58 -0.73
C LYS B 218 -10.74 20.68 -1.39
N ALA B 219 -9.80 21.31 -0.69
CA ALA B 219 -8.46 21.52 -1.22
C ALA B 219 -7.81 20.21 -1.68
N TYR B 220 -8.03 19.14 -0.94
CA TYR B 220 -7.39 17.86 -1.27
C TYR B 220 -8.19 17.03 -2.26
N GLY B 221 -9.39 17.50 -2.59
CA GLY B 221 -10.15 16.96 -3.72
C GLY B 221 -10.67 15.55 -3.54
N LEU B 222 -11.01 15.18 -2.31
CA LEU B 222 -11.49 13.82 -2.02
C LEU B 222 -12.92 13.79 -1.45
N ALA B 223 -13.75 14.73 -1.88
CA ALA B 223 -15.15 14.80 -1.43
C ALA B 223 -15.89 13.47 -1.56
N GLY B 224 -15.53 12.69 -2.58
CA GLY B 224 -16.19 11.42 -2.82
C GLY B 224 -15.84 10.31 -1.84
N LEU B 225 -14.73 10.46 -1.10
CA LEU B 225 -14.16 9.37 -0.29
C LEU B 225 -14.18 9.59 1.23
N ARG B 226 -14.57 10.79 1.66
CA ARG B 226 -15.06 11.01 3.02
C ARG B 226 -14.02 10.87 4.14
N ILE B 227 -13.08 11.81 4.19
CA ILE B 227 -12.07 11.84 5.25
C ILE B 227 -12.02 13.23 5.87
N GLY B 228 -12.32 13.31 7.15
CA GLY B 228 -12.15 14.54 7.93
C GLY B 228 -11.25 14.21 9.10
N TYR B 229 -10.67 15.24 9.71
CA TYR B 229 -9.88 15.02 10.91
C TYR B 229 -10.03 16.16 11.89
N ALA B 230 -9.85 15.82 13.17
CA ALA B 230 -9.92 16.74 14.27
C ALA B 230 -8.57 16.80 14.95
N ILE B 231 -8.19 17.99 15.37
CA ILE B 231 -6.94 18.22 16.09
C ILE B 231 -7.28 18.82 17.45
N GLY B 232 -6.87 18.13 18.52
CA GLY B 232 -7.19 18.60 19.86
C GLY B 232 -6.39 17.95 20.97
N HIS B 233 -6.81 18.22 22.21
CA HIS B 233 -6.22 17.62 23.40
C HIS B 233 -6.48 16.12 23.42
N PRO B 234 -5.50 15.31 23.86
CA PRO B 234 -5.66 13.85 23.75
C PRO B 234 -6.92 13.29 24.42
N ASP B 235 -7.42 13.94 25.47
CA ASP B 235 -8.67 13.52 26.13
C ASP B 235 -9.89 13.70 25.23
N VAL B 236 -9.93 14.82 24.51
CA VAL B 236 -11.02 15.09 23.58
C VAL B 236 -10.94 14.10 22.42
N ILE B 237 -9.73 13.91 21.89
CA ILE B 237 -9.50 12.96 20.79
C ILE B 237 -9.89 11.55 21.22
N THR B 238 -9.46 11.13 22.40
CA THR B 238 -9.85 9.82 22.93
C THR B 238 -11.37 9.69 22.99
N ALA B 239 -12.05 10.74 23.43
CA ALA B 239 -13.51 10.73 23.53
C ALA B 239 -14.17 10.60 22.17
N LEU B 240 -13.72 11.39 21.21
CA LEU B 240 -14.23 11.31 19.84
C LEU B 240 -14.08 9.89 19.28
N ASP B 241 -12.94 9.26 19.55
CA ASP B 241 -12.71 7.90 19.09
C ASP B 241 -13.59 6.86 19.80
N LYS B 242 -14.08 7.19 20.99
CA LYS B 242 -15.02 6.31 21.70
C LYS B 242 -16.36 6.20 20.98
N VAL B 243 -16.83 7.31 20.40
CA VAL B 243 -18.14 7.35 19.73
C VAL B 243 -18.05 7.19 18.20
N TYR B 244 -16.83 7.27 17.66
CA TYR B 244 -16.56 6.90 16.26
C TYR B 244 -17.31 5.63 15.88
N VAL B 245 -18.07 5.66 14.79
CA VAL B 245 -18.69 4.44 14.29
C VAL B 245 -17.59 3.59 13.62
N PRO B 246 -17.37 2.37 14.12
CA PRO B 246 -16.26 1.56 13.63
C PRO B 246 -16.20 1.41 12.10
N PHE B 247 -14.98 1.48 11.57
CA PHE B 247 -14.67 1.24 10.16
C PHE B 247 -15.29 2.21 9.16
N THR B 248 -15.83 3.34 9.60
CA THR B 248 -16.55 4.23 8.67
C THR B 248 -15.63 4.95 7.69
N VAL B 249 -14.38 5.19 8.12
CA VAL B 249 -13.36 5.69 7.19
C VAL B 249 -12.80 4.47 6.44
N SER B 250 -13.12 4.41 5.16
CA SER B 250 -12.85 3.24 4.35
C SER B 250 -11.35 3.03 4.09
N SER B 251 -10.99 1.81 3.72
CA SER B 251 -9.60 1.50 3.41
C SER B 251 -9.12 2.33 2.22
N ILE B 252 -9.96 2.44 1.19
CA ILE B 252 -9.63 3.22 0.01
C ILE B 252 -9.53 4.72 0.34
N GLY B 253 -10.43 5.21 1.18
CA GLY B 253 -10.36 6.60 1.64
C GLY B 253 -9.06 6.94 2.36
N GLN B 254 -8.65 6.07 3.29
CA GLN B 254 -7.39 6.26 4.00
C GLN B 254 -6.19 6.29 3.05
N ALA B 255 -6.17 5.35 2.11
CA ALA B 255 -5.07 5.27 1.15
C ALA B 255 -5.01 6.52 0.28
N ALA B 256 -6.17 6.96 -0.19
CA ALA B 256 -6.25 8.17 -1.01
C ALA B 256 -5.81 9.40 -0.21
N ALA B 257 -6.24 9.49 1.05
CA ALA B 257 -5.86 10.61 1.91
C ALA B 257 -4.35 10.64 2.18
N ILE B 258 -3.78 9.49 2.48
CA ILE B 258 -2.33 9.39 2.67
C ILE B 258 -1.60 9.86 1.40
N ALA B 259 -2.07 9.42 0.24
CA ALA B 259 -1.44 9.81 -1.03
C ALA B 259 -1.57 11.31 -1.28
N SER B 260 -2.70 11.88 -0.88
CA SER B 260 -2.96 13.30 -1.07
C SER B 260 -2.09 14.16 -0.17
N LEU B 261 -1.85 13.70 1.06
CA LEU B 261 -0.86 14.35 1.94
C LEU B 261 0.54 14.35 1.32
N ASP B 262 0.95 13.20 0.76
CA ASP B 262 2.23 13.11 0.07
C ASP B 262 2.33 14.08 -1.11
N ALA B 263 1.19 14.41 -1.74
CA ALA B 263 1.15 15.38 -2.84
C ALA B 263 0.64 16.77 -2.41
N ALA B 264 0.76 17.09 -1.12
CA ALA B 264 0.18 18.33 -0.58
C ALA B 264 0.74 19.59 -1.25
N ASP B 265 2.02 19.61 -1.58
CA ASP B 265 2.59 20.82 -2.19
C ASP B 265 1.87 21.15 -3.50
N GLU B 266 1.71 20.15 -4.36
CA GLU B 266 0.99 20.35 -5.62
C GLU B 266 -0.48 20.71 -5.40
N LEU B 267 -1.17 19.98 -4.52
CA LEU B 267 -2.60 20.22 -4.31
C LEU B 267 -2.88 21.57 -3.64
N LEU B 268 -2.14 21.91 -2.60
CA LEU B 268 -2.31 23.20 -1.92
C LEU B 268 -1.99 24.41 -2.81
N ALA B 269 -1.03 24.26 -3.72
CA ALA B 269 -0.69 25.33 -4.65
C ALA B 269 -1.86 25.71 -5.53
N ARG B 270 -2.73 24.74 -5.85
CA ARG B 270 -3.89 24.99 -6.68
C ARG B 270 -4.90 25.93 -6.01
N THR B 271 -4.87 26.05 -4.69
CA THR B 271 -5.76 26.98 -3.98
C THR B 271 -5.50 28.44 -4.38
N ASP B 272 -4.27 28.74 -4.79
CA ASP B 272 -3.93 30.09 -5.27
C ASP B 272 -4.76 30.47 -6.50
N THR B 273 -4.95 29.51 -7.42
CA THR B 273 -5.75 29.74 -8.62
C THR B 273 -7.22 29.99 -8.29
N VAL B 274 -7.74 29.26 -7.30
CA VAL B 274 -9.11 29.44 -6.86
C VAL B 274 -9.27 30.83 -6.24
N VAL B 275 -8.31 31.20 -5.40
CA VAL B 275 -8.25 32.52 -4.77
C VAL B 275 -8.26 33.66 -5.81
N ALA B 276 -7.47 33.51 -6.86
CA ALA B 276 -7.44 34.49 -7.96
C ALA B 276 -8.80 34.58 -8.64
N GLU B 277 -9.42 33.43 -8.91
CA GLU B 277 -10.76 33.43 -9.52
C GLU B 277 -11.80 34.08 -8.59
N ARG B 278 -11.65 33.86 -7.29
CA ARG B 278 -12.54 34.46 -6.28
C ARG B 278 -12.53 36.00 -6.31
N ALA B 279 -11.35 36.58 -6.40
CA ALA B 279 -11.19 38.03 -6.48
C ALA B 279 -11.78 38.53 -7.79
N ARG B 280 -11.49 37.81 -8.85
CA ARG B 280 -11.98 38.15 -10.18
C ARG B 280 -13.51 38.14 -10.23
N VAL B 281 -14.11 37.04 -9.77
CA VAL B 281 -15.57 36.90 -9.74
C VAL B 281 -16.23 37.98 -8.85
N SER B 282 -15.58 38.31 -7.75
CA SER B 282 -16.11 39.32 -6.83
C SER B 282 -16.18 40.69 -7.52
N ALA B 283 -15.14 41.01 -8.29
CA ALA B 283 -15.09 42.27 -9.04
C ALA B 283 -16.12 42.30 -10.17
N GLU B 284 -16.26 41.18 -10.89
CA GLU B 284 -17.24 41.07 -11.97
C GLU B 284 -18.67 41.22 -11.47
N LEU B 285 -18.96 40.64 -10.29
CA LEU B 285 -20.29 40.72 -9.71
C LEU B 285 -20.60 42.12 -9.19
N ARG B 286 -19.62 42.74 -8.55
CA ARG B 286 -19.79 44.09 -8.02
C ARG B 286 -20.04 45.09 -9.14
N ALA B 287 -19.26 44.98 -10.22
CA ALA B 287 -19.46 45.79 -11.42
C ALA B 287 -20.84 45.58 -12.03
N ALA B 288 -21.41 44.39 -11.84
CA ALA B 288 -22.76 44.07 -12.32
C ALA B 288 -23.86 44.42 -11.30
N GLY B 289 -23.50 45.14 -10.25
CA GLY B 289 -24.48 45.61 -9.27
C GLY B 289 -24.78 44.70 -8.09
N PHE B 290 -23.97 43.66 -7.88
CA PHE B 290 -24.16 42.73 -6.75
C PHE B 290 -23.27 43.12 -5.57
N THR B 291 -23.85 43.33 -4.40
CA THR B 291 -23.06 43.43 -3.18
C THR B 291 -22.75 42.04 -2.61
N LEU B 292 -21.58 41.87 -2.04
CA LEU B 292 -21.23 40.61 -1.37
C LEU B 292 -20.11 40.84 -0.38
N PRO B 293 -20.10 40.03 0.69
CA PRO B 293 -19.03 40.19 1.66
C PRO B 293 -17.70 39.70 1.11
N PRO B 294 -16.60 40.09 1.76
CA PRO B 294 -15.28 39.59 1.40
C PRO B 294 -15.12 38.09 1.73
N SER B 295 -14.96 37.26 0.70
CA SER B 295 -14.86 35.82 0.88
C SER B 295 -13.44 35.38 1.21
N GLN B 296 -13.31 34.42 2.12
CA GLN B 296 -12.05 33.73 2.37
C GLN B 296 -12.17 32.21 2.12
N ALA B 297 -13.19 31.81 1.36
CA ALA B 297 -13.43 30.40 1.06
C ALA B 297 -13.29 30.18 -0.45
N ASN B 298 -13.79 29.03 -0.95
CA ASN B 298 -13.84 28.76 -2.38
C ASN B 298 -15.25 28.97 -2.95
N PHE B 299 -15.95 29.94 -2.37
CA PHE B 299 -17.28 30.32 -2.80
C PHE B 299 -17.55 31.75 -2.36
N VAL B 300 -18.58 32.35 -2.95
CA VAL B 300 -19.06 33.67 -2.54
C VAL B 300 -20.51 33.59 -2.09
N TRP B 301 -20.93 34.59 -1.33
CA TRP B 301 -22.26 34.65 -0.75
C TRP B 301 -22.98 35.86 -1.34
N LEU B 302 -24.13 35.61 -1.95
CA LEU B 302 -24.95 36.65 -2.53
C LEU B 302 -26.18 36.83 -1.65
N PRO B 303 -26.21 37.90 -0.86
CA PRO B 303 -27.33 38.13 0.06
C PRO B 303 -28.58 38.64 -0.64
N LEU B 304 -29.18 37.79 -1.47
CA LEU B 304 -30.29 38.18 -2.34
C LEU B 304 -31.65 38.29 -1.63
N GLY B 305 -31.72 37.80 -0.39
CA GLY B 305 -32.96 37.89 0.38
C GLY B 305 -34.12 37.16 -0.29
N SER B 306 -35.26 37.86 -0.42
CA SER B 306 -36.46 37.27 -1.01
C SER B 306 -36.35 36.95 -2.52
N ARG B 307 -35.27 37.39 -3.16
CA ARG B 307 -35.04 37.07 -4.57
C ARG B 307 -34.20 35.80 -4.80
N THR B 308 -33.81 35.09 -3.74
CA THR B 308 -32.91 33.94 -3.95
C THR B 308 -33.60 32.82 -4.72
N GLN B 309 -34.87 32.55 -4.42
CA GLN B 309 -35.62 31.52 -5.16
C GLN B 309 -35.62 31.80 -6.67
N ASP B 310 -35.95 33.04 -7.04
CA ASP B 310 -35.97 33.43 -8.44
C ASP B 310 -34.59 33.29 -9.08
N PHE B 311 -33.55 33.77 -8.40
CA PHE B 311 -32.19 33.72 -8.92
C PHE B 311 -31.78 32.27 -9.20
N VAL B 312 -32.07 31.39 -8.24
CA VAL B 312 -31.71 29.98 -8.36
C VAL B 312 -32.48 29.32 -9.48
N GLU B 313 -33.77 29.61 -9.57
CA GLU B 313 -34.61 29.08 -10.64
C GLU B 313 -34.12 29.54 -12.02
N GLN B 314 -33.78 30.81 -12.12
CA GLN B 314 -33.28 31.38 -13.37
C GLN B 314 -31.93 30.79 -13.73
N ALA B 315 -31.06 30.62 -12.75
CA ALA B 315 -29.78 29.94 -12.96
C ALA B 315 -30.01 28.52 -13.48
N ALA B 316 -30.93 27.81 -12.84
CA ALA B 316 -31.24 26.44 -13.24
C ALA B 316 -31.68 26.41 -14.71
N ASP B 317 -32.46 27.39 -15.13
CA ASP B 317 -32.90 27.43 -16.52
C ASP B 317 -31.74 27.69 -17.48
N ALA B 318 -30.67 28.33 -16.98
CA ALA B 318 -29.44 28.48 -17.73
C ALA B 318 -28.46 27.30 -17.56
N ARG B 319 -28.92 26.19 -16.99
CA ARG B 319 -28.10 25.00 -16.77
C ARG B 319 -26.93 25.26 -15.80
N ILE B 320 -27.20 26.08 -14.79
CA ILE B 320 -26.23 26.38 -13.75
C ILE B 320 -26.86 26.11 -12.38
N VAL B 321 -26.21 25.25 -11.59
CA VAL B 321 -26.70 24.91 -10.26
C VAL B 321 -26.00 25.75 -9.21
N VAL B 322 -26.77 26.60 -8.53
CA VAL B 322 -26.28 27.34 -7.37
C VAL B 322 -27.14 27.00 -6.15
N ARG B 323 -26.61 27.27 -4.95
CA ARG B 323 -27.17 26.73 -3.71
C ARG B 323 -28.02 27.76 -2.96
N PRO B 324 -29.34 27.52 -2.85
CA PRO B 324 -30.22 28.47 -2.15
C PRO B 324 -30.23 28.26 -0.64
N TYR B 325 -30.35 29.37 0.09
CA TYR B 325 -30.48 29.32 1.54
C TYR B 325 -31.68 30.17 1.96
N GLY B 326 -32.86 29.54 1.94
CA GLY B 326 -34.10 30.16 2.40
C GLY B 326 -34.39 31.46 1.69
N THR B 327 -34.74 32.48 2.47
CA THR B 327 -34.89 33.82 1.93
C THR B 327 -33.73 34.69 2.40
N ASP B 328 -32.54 34.08 2.52
CA ASP B 328 -31.34 34.82 2.94
C ASP B 328 -30.42 35.12 1.76
N GLY B 329 -30.03 34.09 1.02
CA GLY B 329 -29.11 34.29 -0.09
C GLY B 329 -28.76 33.05 -0.88
N VAL B 330 -27.78 33.21 -1.78
CA VAL B 330 -27.33 32.16 -2.66
C VAL B 330 -25.83 32.00 -2.50
N ARG B 331 -25.40 30.76 -2.30
CA ARG B 331 -23.99 30.45 -2.19
C ARG B 331 -23.53 29.90 -3.54
N VAL B 332 -22.49 30.52 -4.09
CA VAL B 332 -21.98 30.17 -5.42
C VAL B 332 -20.54 29.77 -5.32
N THR B 333 -20.25 28.53 -5.69
CA THR B 333 -18.89 28.00 -5.68
C THR B 333 -18.03 28.68 -6.75
N VAL B 334 -16.79 28.97 -6.39
CA VAL B 334 -15.79 29.41 -7.35
C VAL B 334 -15.12 28.16 -7.89
N ALA B 335 -15.30 27.90 -9.18
CA ALA B 335 -14.82 26.66 -9.79
C ALA B 335 -13.95 26.98 -11.02
N ALA B 336 -14.14 26.29 -12.13
CA ALA B 336 -13.28 26.49 -13.31
C ALA B 336 -13.58 27.86 -13.95
N PRO B 337 -12.56 28.47 -14.60
CA PRO B 337 -12.78 29.78 -15.23
C PRO B 337 -13.97 29.83 -16.19
N GLU B 338 -14.07 28.87 -17.11
CA GLU B 338 -15.19 28.83 -18.05
C GLU B 338 -16.53 28.63 -17.34
N GLU B 339 -16.53 27.89 -16.23
CA GLU B 339 -17.75 27.70 -15.44
C GLU B 339 -18.13 29.01 -14.73
N ASN B 340 -17.14 29.68 -14.14
CA ASN B 340 -17.35 30.96 -13.48
C ASN B 340 -17.88 32.02 -14.46
N ASP B 341 -17.35 32.02 -15.68
CA ASP B 341 -17.80 32.94 -16.74
C ASP B 341 -19.23 32.69 -17.18
N ALA B 342 -19.60 31.41 -17.28
CA ALA B 342 -20.98 31.05 -17.59
C ALA B 342 -21.94 31.57 -16.52
N PHE B 343 -21.53 31.46 -15.25
CA PHE B 343 -22.32 32.00 -14.16
C PHE B 343 -22.39 33.52 -14.23
N LEU B 344 -21.27 34.15 -14.54
CA LEU B 344 -21.20 35.60 -14.64
C LEU B 344 -22.09 36.14 -15.76
N ARG B 345 -22.07 35.46 -16.91
CA ARG B 345 -22.96 35.79 -18.02
C ARG B 345 -24.41 35.76 -17.56
N PHE B 346 -24.79 34.70 -16.84
CA PHE B 346 -26.14 34.59 -16.32
C PHE B 346 -26.45 35.70 -15.32
N ALA B 347 -25.51 35.96 -14.42
CA ALA B 347 -25.68 36.97 -13.38
C ALA B 347 -25.95 38.34 -13.98
N ARG B 348 -25.21 38.68 -15.03
CA ARG B 348 -25.40 39.96 -15.72
C ARG B 348 -26.75 40.01 -16.42
N ARG B 349 -27.15 38.91 -17.05
CA ARG B 349 -28.44 38.82 -17.72
C ARG B 349 -29.57 39.00 -16.70
N TRP B 350 -29.49 38.26 -15.59
CA TRP B 350 -30.50 38.32 -14.54
C TRP B 350 -30.59 39.74 -13.97
N ARG B 351 -29.43 40.35 -13.75
CA ARG B 351 -29.36 41.72 -13.25
C ARG B 351 -30.17 42.67 -14.14
N SER B 352 -29.90 42.61 -15.44
CA SER B 352 -30.54 43.51 -16.40
C SER B 352 -32.07 43.36 -16.46
N ASP B 353 -32.57 42.19 -16.09
CA ASP B 353 -34.02 41.92 -16.09
C ASP B 353 -34.79 42.42 -14.85
N GLN B 354 -34.08 42.92 -13.83
CA GLN B 354 -34.74 43.35 -12.60
C GLN B 354 -35.46 44.68 -12.77
N VAL C 2 36.62 -31.08 -22.78
CA VAL C 2 36.51 -29.66 -23.21
C VAL C 2 35.43 -28.94 -22.39
N THR C 3 35.73 -27.72 -21.96
CA THR C 3 34.80 -26.91 -21.18
C THR C 3 34.39 -25.69 -21.98
N ALA C 4 33.36 -25.00 -21.51
CA ALA C 4 32.90 -23.79 -22.16
C ALA C 4 33.96 -22.71 -22.04
N ARG C 5 34.12 -21.92 -23.09
CA ARG C 5 35.11 -20.88 -23.11
C ARG C 5 34.55 -19.63 -22.40
N LEU C 6 35.13 -19.29 -21.26
CA LEU C 6 34.73 -18.11 -20.50
C LEU C 6 35.79 -17.03 -20.66
N ARG C 7 35.45 -15.79 -20.32
CA ARG C 7 36.36 -14.67 -20.51
C ARG C 7 37.67 -14.86 -19.74
N PRO C 8 38.81 -14.55 -20.37
CA PRO C 8 40.11 -14.64 -19.67
C PRO C 8 40.20 -13.74 -18.43
N GLU C 9 39.44 -12.65 -18.44
CA GLU C 9 39.47 -11.66 -17.35
C GLU C 9 38.89 -12.19 -16.03
N LEU C 10 38.18 -13.31 -16.08
CA LEU C 10 37.66 -13.95 -14.86
C LEU C 10 38.76 -14.61 -14.04
N ALA C 11 39.85 -15.00 -14.70
CA ALA C 11 41.00 -15.62 -14.03
C ALA C 11 41.68 -14.61 -13.10
N GLY C 12 41.61 -14.87 -11.79
CA GLY C 12 42.18 -13.95 -10.80
C GLY C 12 41.31 -12.74 -10.50
N LEU C 13 40.03 -12.80 -10.88
CA LEU C 13 39.10 -11.71 -10.60
C LEU C 13 39.01 -11.54 -9.08
N PRO C 14 39.27 -10.32 -8.57
CA PRO C 14 39.25 -10.10 -7.12
C PRO C 14 37.83 -10.09 -6.54
N VAL C 15 37.24 -11.28 -6.41
CA VAL C 15 35.85 -11.44 -6.01
C VAL C 15 35.58 -10.84 -4.62
N TYR C 16 34.45 -10.14 -4.49
CA TYR C 16 34.03 -9.55 -3.23
C TYR C 16 33.82 -10.65 -2.19
N VAL C 17 34.46 -10.48 -1.03
CA VAL C 17 34.34 -11.42 0.09
C VAL C 17 33.53 -10.75 1.19
N PRO C 18 32.34 -11.28 1.50
CA PRO C 18 31.51 -10.64 2.51
C PRO C 18 32.02 -10.86 3.92
N GLY C 19 31.48 -10.11 4.86
CA GLY C 19 31.79 -10.33 6.27
C GLY C 19 31.26 -11.67 6.74
N LYS C 20 31.98 -12.30 7.65
CA LYS C 20 31.57 -13.57 8.23
C LYS C 20 30.31 -13.41 9.09
N THR C 21 29.45 -14.42 9.02
CA THR C 21 28.32 -14.54 9.95
C THR C 21 28.53 -15.83 10.71
N VAL C 22 28.85 -15.70 12.00
CA VAL C 22 29.13 -16.85 12.86
C VAL C 22 28.08 -16.95 13.95
N PRO C 23 27.24 -18.01 13.92
CA PRO C 23 26.19 -18.11 14.94
C PRO C 23 26.78 -18.11 16.35
N GLY C 24 26.18 -17.34 17.25
CA GLY C 24 26.68 -17.17 18.61
C GLY C 24 27.61 -15.99 18.80
N ALA C 25 28.29 -15.57 17.73
CA ALA C 25 29.33 -14.55 17.82
C ALA C 25 28.77 -13.13 17.75
N ILE C 26 29.52 -12.19 18.30
CA ILE C 26 29.18 -10.77 18.23
C ILE C 26 29.70 -10.26 16.89
N LYS C 27 28.79 -9.78 16.03
CA LYS C 27 29.17 -9.39 14.67
C LYS C 27 29.46 -7.90 14.57
N LEU C 28 30.74 -7.58 14.35
CA LEU C 28 31.18 -6.21 14.16
C LEU C 28 31.94 -6.11 12.85
N ALA C 29 31.48 -6.85 11.84
CA ALA C 29 32.23 -7.05 10.60
C ALA C 29 31.52 -6.58 9.32
N SER C 30 30.27 -6.12 9.42
CA SER C 30 29.47 -5.76 8.24
C SER C 30 28.82 -4.37 8.30
N ASN C 31 29.19 -3.55 9.28
CA ASN C 31 28.64 -2.21 9.44
C ASN C 31 27.11 -2.18 9.49
N GLU C 32 26.51 -3.21 10.09
CA GLU C 32 25.07 -3.27 10.25
C GLU C 32 24.63 -2.45 11.46
N THR C 33 23.42 -1.90 11.41
CA THR C 33 22.78 -1.37 12.61
C THR C 33 22.09 -2.53 13.32
N VAL C 34 21.77 -2.35 14.59
CA VAL C 34 21.43 -3.52 15.45
C VAL C 34 19.94 -3.70 15.74
N PHE C 35 19.10 -2.79 15.27
CA PHE C 35 17.65 -2.85 15.56
C PHE C 35 16.84 -3.40 14.40
N GLY C 36 15.88 -4.27 14.73
CA GLY C 36 14.91 -4.76 13.75
C GLY C 36 13.99 -3.63 13.32
N PRO C 37 13.10 -3.92 12.37
CA PRO C 37 12.30 -2.87 11.75
C PRO C 37 11.23 -2.30 12.67
N LEU C 38 10.97 -1.00 12.57
CA LEU C 38 9.85 -0.39 13.26
C LEU C 38 8.54 -1.09 12.87
N PRO C 39 7.54 -1.07 13.78
CA PRO C 39 6.24 -1.66 13.44
C PRO C 39 5.65 -1.14 12.11
N SER C 40 5.77 0.17 11.86
CA SER C 40 5.27 0.76 10.61
C SER C 40 5.99 0.22 9.35
N VAL C 41 7.27 -0.09 9.48
CA VAL C 41 8.04 -0.70 8.39
C VAL C 41 7.62 -2.16 8.17
N ARG C 42 7.46 -2.92 9.25
CA ARG C 42 6.93 -4.27 9.16
C ARG C 42 5.52 -4.29 8.54
N ALA C 43 4.71 -3.31 8.91
CA ALA C 43 3.36 -3.17 8.37
C ALA C 43 3.38 -2.97 6.85
N ALA C 44 4.32 -2.17 6.36
CA ALA C 44 4.49 -1.96 4.93
C ALA C 44 4.92 -3.25 4.24
N ILE C 45 5.81 -3.99 4.87
CA ILE C 45 6.26 -5.29 4.35
C ILE C 45 5.09 -6.28 4.30
N ASP C 46 4.31 -6.31 5.38
CA ASP C 46 3.09 -7.13 5.45
C ASP C 46 2.12 -6.84 4.32
N ARG C 47 1.82 -5.57 4.06
CA ARG C 47 0.91 -5.20 2.98
C ARG C 47 1.46 -5.66 1.61
N ALA C 48 2.75 -5.44 1.37
CA ALA C 48 3.41 -5.86 0.13
C ALA C 48 3.45 -7.38 -0.04
N THR C 49 3.50 -8.10 1.08
CA THR C 49 3.56 -9.56 1.07
C THR C 49 2.35 -10.18 0.36
N ASP C 50 1.20 -9.51 0.41
CA ASP C 50 -0.04 -10.02 -0.20
C ASP C 50 0.10 -10.26 -1.72
N THR C 51 0.88 -9.41 -2.38
CA THR C 51 0.98 -9.45 -3.84
C THR C 51 2.38 -9.81 -4.33
N VAL C 52 3.05 -10.70 -3.62
CA VAL C 52 4.40 -11.13 -3.99
C VAL C 52 4.39 -11.98 -5.28
N ASN C 53 3.20 -12.44 -5.69
CA ASN C 53 3.01 -13.07 -7.00
C ASN C 53 3.14 -12.11 -8.19
N ARG C 54 3.06 -10.81 -7.92
CA ARG C 54 3.16 -9.79 -8.96
C ARG C 54 4.57 -9.22 -9.01
N TYR C 55 4.99 -8.77 -10.19
CA TYR C 55 6.29 -8.13 -10.37
C TYR C 55 6.33 -6.77 -9.64
N PRO C 56 7.52 -6.33 -9.19
CA PRO C 56 7.58 -4.99 -8.60
C PRO C 56 7.43 -3.90 -9.64
N ASP C 57 7.19 -2.68 -9.19
CA ASP C 57 7.29 -1.52 -10.06
C ASP C 57 8.74 -1.40 -10.53
N ASN C 58 8.95 -1.58 -11.83
CA ASN C 58 10.28 -1.52 -12.43
C ASN C 58 10.90 -0.14 -12.28
N GLY C 59 10.05 0.89 -12.25
CA GLY C 59 10.50 2.29 -12.16
C GLY C 59 10.49 2.89 -10.76
N CYS C 60 10.10 2.10 -9.75
CA CYS C 60 10.10 2.55 -8.37
C CYS C 60 9.50 3.95 -8.20
N VAL C 61 8.33 4.16 -8.79
CA VAL C 61 7.77 5.50 -8.94
C VAL C 61 7.45 6.14 -7.58
N GLN C 62 6.77 5.40 -6.71
CA GLN C 62 6.44 5.91 -5.38
C GLN C 62 7.68 6.19 -4.53
N LEU C 63 8.66 5.29 -4.58
CA LEU C 63 9.91 5.48 -3.84
C LEU C 63 10.67 6.71 -4.34
N LYS C 64 10.77 6.87 -5.66
CA LYS C 64 11.45 8.04 -6.23
C LYS C 64 10.75 9.36 -5.85
N ALA C 65 9.43 9.35 -5.87
CA ALA C 65 8.65 10.52 -5.42
C ALA C 65 9.00 10.86 -3.97
N ALA C 66 9.07 9.84 -3.12
CA ALA C 66 9.41 10.02 -1.70
C ALA C 66 10.83 10.54 -1.53
N LEU C 67 11.77 9.93 -2.25
CA LEU C 67 13.16 10.37 -2.20
C LEU C 67 13.31 11.83 -2.64
N ALA C 68 12.67 12.18 -3.75
CA ALA C 68 12.72 13.55 -4.26
C ALA C 68 12.14 14.55 -3.25
N ARG C 69 11.08 14.18 -2.52
CA ARG C 69 10.55 15.07 -1.49
CA ARG C 69 10.54 15.05 -1.48
C ARG C 69 11.57 15.25 -0.37
N HIS C 70 12.19 14.15 0.05
CA HIS C 70 13.19 14.21 1.11
C HIS C 70 14.43 14.99 0.72
N LEU C 71 14.78 14.96 -0.58
CA LEU C 71 15.94 15.68 -1.06
C LEU C 71 15.73 17.19 -1.14
N GLY C 72 14.46 17.62 -1.17
CA GLY C 72 14.14 19.05 -1.10
C GLY C 72 13.70 19.62 -2.44
N PRO C 73 13.36 20.92 -2.46
CA PRO C 73 12.70 21.56 -3.60
C PRO C 73 13.51 21.60 -4.90
N ASP C 74 14.83 21.48 -4.85
CA ASP C 74 15.65 21.50 -6.05
C ASP C 74 15.73 20.14 -6.77
N PHE C 75 15.15 19.10 -6.18
CA PHE C 75 15.22 17.76 -6.78
C PHE C 75 13.84 17.18 -7.06
N ALA C 76 13.78 16.43 -8.15
CA ALA C 76 12.56 15.84 -8.66
C ALA C 76 12.86 14.38 -8.96
N PRO C 77 11.83 13.58 -9.22
CA PRO C 77 12.07 12.16 -9.49
C PRO C 77 13.06 11.89 -10.63
N GLU C 78 13.14 12.77 -11.63
CA GLU C 78 14.07 12.59 -12.75
C GLU C 78 15.55 12.67 -12.33
N HIS C 79 15.82 13.20 -11.14
CA HIS C 79 17.18 13.25 -10.59
C HIS C 79 17.54 12.03 -9.75
N VAL C 80 16.65 11.03 -9.69
CA VAL C 80 16.85 9.85 -8.84
C VAL C 80 16.80 8.51 -9.62
N ALA C 81 17.83 7.69 -9.43
CA ALA C 81 17.80 6.30 -9.85
C ALA C 81 17.78 5.43 -8.60
N VAL C 82 17.09 4.31 -8.68
CA VAL C 82 17.05 3.35 -7.58
C VAL C 82 17.69 2.05 -8.06
N GLY C 83 18.49 1.42 -7.20
CA GLY C 83 19.16 0.17 -7.53
C GLY C 83 19.08 -0.85 -6.42
N CYS C 84 19.36 -2.10 -6.76
CA CYS C 84 19.34 -3.19 -5.79
C CYS C 84 20.58 -3.12 -4.90
N GLY C 85 20.50 -2.22 -3.92
CA GLY C 85 21.68 -1.81 -3.14
C GLY C 85 22.50 -0.82 -3.96
N SER C 86 23.23 0.07 -3.28
CA SER C 86 24.18 0.94 -3.97
C SER C 86 25.29 0.12 -4.66
N VAL C 87 25.55 -1.09 -4.17
CA VAL C 87 26.47 -2.00 -4.87
C VAL C 87 26.07 -2.23 -6.34
N SER C 88 24.77 -2.35 -6.60
CA SER C 88 24.26 -2.44 -7.98
C SER C 88 24.49 -1.15 -8.77
N LEU C 89 24.27 0.00 -8.13
CA LEU C 89 24.47 1.28 -8.79
C LEU C 89 25.95 1.51 -9.16
N CYS C 90 26.86 1.00 -8.33
CA CYS C 90 28.29 1.07 -8.65
C CYS C 90 28.57 0.35 -9.99
N GLN C 91 27.98 -0.82 -10.19
CA GLN C 91 28.16 -1.54 -11.46
C GLN C 91 27.52 -0.78 -12.61
N GLN C 92 26.30 -0.29 -12.40
CA GLN C 92 25.61 0.51 -13.41
C GLN C 92 26.43 1.72 -13.82
N LEU C 93 27.10 2.35 -12.86
CA LEU C 93 27.98 3.48 -13.17
C LEU C 93 29.13 3.04 -14.07
N VAL C 94 29.75 1.92 -13.73
CA VAL C 94 30.81 1.36 -14.58
C VAL C 94 30.26 1.06 -15.98
N GLN C 95 29.07 0.47 -16.02
CA GLN C 95 28.47 0.06 -17.28
C GLN C 95 28.07 1.20 -18.22
N VAL C 96 27.76 2.37 -17.67
CA VAL C 96 27.42 3.52 -18.50
C VAL C 96 28.63 4.34 -18.94
N THR C 97 29.77 4.16 -18.28
CA THR C 97 30.96 4.96 -18.56
C THR C 97 32.12 4.18 -19.19
N ALA C 98 32.39 2.96 -18.73
CA ALA C 98 33.68 2.32 -18.99
C ALA C 98 33.59 0.98 -19.73
N SER C 99 34.51 0.80 -20.67
CA SER C 99 34.65 -0.46 -21.40
C SER C 99 36.14 -0.79 -21.56
N VAL C 100 36.47 -1.61 -22.56
CA VAL C 100 37.82 -2.18 -22.66
C VAL C 100 38.87 -1.08 -22.81
N GLY C 101 39.90 -1.15 -21.97
CA GLY C 101 40.99 -0.18 -21.99
C GLY C 101 40.75 1.11 -21.23
N ASP C 102 39.50 1.38 -20.86
CA ASP C 102 39.16 2.61 -20.15
C ASP C 102 39.66 2.57 -18.71
N GLU C 103 39.80 3.75 -18.11
CA GLU C 103 40.36 3.87 -16.77
C GLU C 103 39.30 4.34 -15.78
N VAL C 104 39.30 3.74 -14.59
CA VAL C 104 38.43 4.15 -13.50
C VAL C 104 39.32 4.40 -12.29
N VAL C 105 39.29 5.61 -11.76
CA VAL C 105 40.21 5.95 -10.66
C VAL C 105 39.48 6.06 -9.32
N PHE C 106 40.16 5.59 -8.28
CA PHE C 106 39.69 5.68 -6.92
C PHE C 106 40.86 5.54 -5.95
N GLY C 107 40.66 6.06 -4.75
CA GLY C 107 41.63 5.90 -3.68
C GLY C 107 41.69 4.44 -3.28
N TRP C 108 42.81 4.03 -2.71
CA TRP C 108 43.00 2.65 -2.31
C TRP C 108 43.93 2.64 -1.10
N ARG C 109 43.54 1.98 0.00
CA ARG C 109 42.39 1.08 0.06
C ARG C 109 41.04 1.80 0.14
N SER C 110 40.08 1.31 -0.64
CA SER C 110 38.71 1.80 -0.59
C SER C 110 37.75 0.61 -0.77
N PHE C 111 36.54 0.87 -1.22
CA PHE C 111 35.52 -0.18 -1.26
C PHE C 111 36.01 -1.35 -2.12
N GLU C 112 36.01 -2.55 -1.54
CA GLU C 112 36.60 -3.72 -2.21
C GLU C 112 35.77 -4.17 -3.41
N LEU C 113 34.58 -3.61 -3.56
CA LEU C 113 33.74 -3.86 -4.71
C LEU C 113 34.26 -3.19 -6.00
N TYR C 114 34.99 -2.09 -5.89
CA TYR C 114 35.33 -1.31 -7.08
C TYR C 114 36.25 -2.08 -8.06
N PRO C 115 37.36 -2.65 -7.57
CA PRO C 115 38.24 -3.33 -8.53
C PRO C 115 37.55 -4.43 -9.36
N PRO C 116 36.87 -5.40 -8.72
CA PRO C 116 36.25 -6.42 -9.56
C PRO C 116 35.22 -5.89 -10.57
N GLN C 117 34.39 -4.93 -10.17
CA GLN C 117 33.39 -4.39 -11.11
C GLN C 117 34.03 -3.67 -12.30
N VAL C 118 35.13 -2.98 -12.05
CA VAL C 118 35.90 -2.37 -13.14
C VAL C 118 36.47 -3.44 -14.07
N ARG C 119 37.01 -4.51 -13.51
CA ARG C 119 37.64 -5.57 -14.31
C ARG C 119 36.61 -6.38 -15.11
N VAL C 120 35.42 -6.56 -14.56
CA VAL C 120 34.34 -7.23 -15.28
C VAL C 120 33.99 -6.46 -16.56
N ALA C 121 34.11 -5.13 -16.53
CA ALA C 121 33.89 -4.29 -17.71
C ALA C 121 35.05 -4.34 -18.72
N GLY C 122 36.15 -5.01 -18.36
CA GLY C 122 37.37 -4.97 -19.18
C GLY C 122 38.16 -3.68 -19.01
N ALA C 123 37.78 -2.87 -18.04
CA ALA C 123 38.42 -1.59 -17.79
C ALA C 123 39.57 -1.76 -16.79
N ILE C 124 40.36 -0.70 -16.62
CA ILE C 124 41.56 -0.75 -15.80
C ILE C 124 41.37 0.10 -14.53
N PRO C 125 41.45 -0.54 -13.35
CA PRO C 125 41.31 0.23 -12.11
C PRO C 125 42.60 0.97 -11.78
N ILE C 126 42.51 2.28 -11.59
CA ILE C 126 43.66 3.10 -11.21
C ILE C 126 43.54 3.38 -9.72
N GLN C 127 44.32 2.65 -8.93
CA GLN C 127 44.18 2.64 -7.49
C GLN C 127 45.21 3.56 -6.86
N VAL C 128 44.74 4.67 -6.30
CA VAL C 128 45.61 5.76 -5.86
C VAL C 128 45.82 5.72 -4.35
N PRO C 129 47.09 5.60 -3.91
CA PRO C 129 47.37 5.56 -2.48
C PRO C 129 46.70 6.69 -1.67
N LEU C 130 46.32 6.38 -0.44
CA LEU C 130 45.78 7.36 0.48
C LEU C 130 46.93 8.14 1.12
N THR C 131 46.59 9.26 1.77
CA THR C 131 47.52 9.96 2.65
C THR C 131 46.88 10.07 4.00
N ASP C 132 47.57 9.58 5.03
CA ASP C 132 47.05 9.56 6.39
C ASP C 132 45.63 8.96 6.41
N HIS C 133 45.48 7.82 5.73
CA HIS C 133 44.23 7.06 5.69
C HIS C 133 43.06 7.80 5.03
N THR C 134 43.39 8.81 4.25
CA THR C 134 42.40 9.71 3.67
C THR C 134 42.57 9.76 2.15
N PHE C 135 41.45 9.80 1.44
CA PHE C 135 41.47 9.99 -0.01
C PHE C 135 42.36 11.18 -0.33
N ASP C 136 43.40 10.93 -1.13
CA ASP C 136 44.32 11.97 -1.60
C ASP C 136 43.81 12.47 -2.94
N LEU C 137 42.96 13.49 -2.91
CA LEU C 137 42.30 14.00 -4.12
C LEU C 137 43.27 14.65 -5.11
N TYR C 138 44.35 15.24 -4.61
CA TYR C 138 45.40 15.78 -5.49
C TYR C 138 46.07 14.66 -6.28
N ALA C 139 46.45 13.59 -5.59
CA ALA C 139 47.10 12.44 -6.25
C ALA C 139 46.15 11.83 -7.28
N MET C 140 44.86 11.72 -6.92
CA MET C 140 43.87 11.20 -7.85
C MET C 140 43.73 12.08 -9.09
N LEU C 141 43.69 13.39 -8.91
CA LEU C 141 43.61 14.31 -10.04
C LEU C 141 44.82 14.14 -10.99
N ALA C 142 46.00 13.93 -10.40
CA ALA C 142 47.22 13.77 -11.19
C ALA C 142 47.23 12.48 -12.01
N THR C 143 46.34 11.55 -11.67
CA THR C 143 46.28 10.26 -12.35
C THR C 143 45.27 10.29 -13.52
N VAL C 144 44.62 11.42 -13.74
CA VAL C 144 43.60 11.52 -14.79
C VAL C 144 44.28 11.55 -16.16
N THR C 145 43.70 10.81 -17.10
CA THR C 145 44.14 10.81 -18.50
C THR C 145 42.92 10.92 -19.41
N ASP C 146 43.16 10.90 -20.72
CA ASP C 146 42.07 10.91 -21.69
C ASP C 146 41.28 9.59 -21.75
N ARG C 147 41.77 8.55 -21.08
CA ARG C 147 41.02 7.29 -20.94
C ARG C 147 40.29 7.17 -19.59
N THR C 148 40.40 8.20 -18.76
CA THR C 148 39.65 8.24 -17.50
C THR C 148 38.16 8.44 -17.79
N ARG C 149 37.36 7.45 -17.44
CA ARG C 149 35.91 7.42 -17.70
C ARG C 149 35.04 7.63 -16.46
N LEU C 150 35.59 7.33 -15.28
CA LEU C 150 34.81 7.36 -14.05
C LEU C 150 35.75 7.52 -12.87
N ILE C 151 35.33 8.34 -11.90
CA ILE C 151 36.04 8.52 -10.64
C ILE C 151 35.09 8.26 -9.47
N PHE C 152 35.52 7.41 -8.53
CA PHE C 152 34.78 7.14 -7.29
C PHE C 152 35.47 7.87 -6.15
N VAL C 153 34.69 8.67 -5.42
CA VAL C 153 35.12 9.22 -4.13
C VAL C 153 34.25 8.59 -3.05
N CYS C 154 34.85 7.73 -2.23
CA CYS C 154 34.11 7.05 -1.17
C CYS C 154 34.22 7.90 0.10
N ASN C 155 33.11 8.49 0.56
CA ASN C 155 33.14 9.52 1.60
C ASN C 155 31.96 9.50 2.58
N PRO C 156 32.15 9.00 3.82
CA PRO C 156 33.36 8.44 4.44
C PRO C 156 33.87 7.20 3.73
N ASN C 157 35.19 7.00 3.77
CA ASN C 157 35.81 5.87 3.10
C ASN C 157 35.54 4.56 3.81
N ASN C 158 35.18 3.54 3.03
CA ASN C 158 35.18 2.16 3.47
C ASN C 158 36.42 1.53 2.86
N PRO C 159 37.38 1.04 3.68
CA PRO C 159 37.30 0.75 5.12
C PRO C 159 37.97 1.73 6.10
N THR C 160 38.61 2.81 5.64
CA THR C 160 39.46 3.61 6.53
C THR C 160 38.70 4.60 7.43
N SER C 161 37.40 4.76 7.18
CA SER C 161 36.47 5.52 8.03
C SER C 161 36.54 7.04 7.89
N THR C 162 37.54 7.54 7.17
CA THR C 162 37.82 8.97 7.13
C THR C 162 36.99 9.70 6.08
N VAL C 163 36.95 11.03 6.22
CA VAL C 163 36.38 11.92 5.22
C VAL C 163 37.44 12.90 4.72
N VAL C 164 37.33 13.29 3.45
CA VAL C 164 38.08 14.39 2.92
C VAL C 164 37.51 15.70 3.45
N GLY C 165 38.34 16.74 3.40
CA GLY C 165 37.85 18.08 3.68
C GLY C 165 36.70 18.38 2.73
N PRO C 166 35.57 18.88 3.27
CA PRO C 166 34.43 19.17 2.37
C PRO C 166 34.76 20.20 1.29
N ASP C 167 35.62 21.18 1.61
CA ASP C 167 36.07 22.15 0.61
C ASP C 167 36.97 21.49 -0.42
N ALA C 168 37.86 20.60 0.03
CA ALA C 168 38.74 19.87 -0.89
C ALA C 168 37.94 19.10 -1.94
N LEU C 169 36.83 18.51 -1.53
CA LEU C 169 35.99 17.73 -2.44
C LEU C 169 35.42 18.62 -3.55
N ALA C 170 34.91 19.79 -3.17
CA ALA C 170 34.36 20.75 -4.13
C ALA C 170 35.43 21.25 -5.10
N ARG C 171 36.60 21.59 -4.58
CA ARG C 171 37.69 22.06 -5.44
C ARG C 171 38.17 20.94 -6.37
N PHE C 172 38.19 19.71 -5.86
CA PHE C 172 38.50 18.54 -6.68
C PHE C 172 37.51 18.43 -7.83
N VAL C 173 36.22 18.47 -7.51
CA VAL C 173 35.19 18.39 -8.53
C VAL C 173 35.36 19.50 -9.57
N GLU C 174 35.64 20.72 -9.12
CA GLU C 174 35.91 21.83 -10.04
C GLU C 174 37.15 21.61 -10.91
N ALA C 175 38.16 20.91 -10.38
CA ALA C 175 39.42 20.68 -11.12
C ALA C 175 39.34 19.55 -12.15
N VAL C 176 38.52 18.54 -11.88
CA VAL C 176 38.35 17.40 -12.79
C VAL C 176 37.76 17.88 -14.12
N PRO C 177 38.31 17.42 -15.27
CA PRO C 177 37.69 17.76 -16.54
C PRO C 177 36.18 17.43 -16.54
N ALA C 178 35.37 18.36 -17.00
CA ALA C 178 33.92 18.29 -16.83
C ALA C 178 33.24 17.14 -17.57
N HIS C 179 33.96 16.44 -18.44
CA HIS C 179 33.38 15.30 -19.19
C HIS C 179 33.46 13.97 -18.43
N ILE C 180 34.22 13.92 -17.35
CA ILE C 180 34.42 12.68 -16.58
C ILE C 180 33.39 12.60 -15.46
N LEU C 181 32.64 11.49 -15.43
CA LEU C 181 31.64 11.27 -14.39
C LEU C 181 32.33 11.02 -13.05
N ILE C 182 31.86 11.73 -12.01
CA ILE C 182 32.39 11.56 -10.66
C ILE C 182 31.29 11.06 -9.76
N ALA C 183 31.52 9.89 -9.15
CA ALA C 183 30.54 9.29 -8.25
C ALA C 183 31.01 9.45 -6.81
N ILE C 184 30.22 10.14 -5.99
CA ILE C 184 30.52 10.30 -4.59
C ILE C 184 29.69 9.26 -3.82
N ASP C 185 30.38 8.30 -3.22
CA ASP C 185 29.74 7.16 -2.54
C ASP C 185 29.49 7.52 -1.08
N GLU C 186 28.24 7.83 -0.76
CA GLU C 186 27.85 8.36 0.55
C GLU C 186 27.04 7.36 1.37
N ALA C 187 27.45 6.09 1.34
CA ALA C 187 26.81 5.06 2.13
C ALA C 187 26.75 5.39 3.63
N TYR C 188 27.77 6.10 4.15
CA TYR C 188 27.89 6.36 5.60
C TYR C 188 27.66 7.83 5.93
N VAL C 189 27.09 8.58 4.99
CA VAL C 189 26.96 10.02 5.13
C VAL C 189 26.18 10.42 6.38
N GLU C 190 25.21 9.60 6.77
CA GLU C 190 24.36 9.92 7.92
C GLU C 190 25.10 9.90 9.27
N TYR C 191 26.33 9.38 9.28
CA TYR C 191 27.12 9.33 10.50
C TYR C 191 28.15 10.44 10.60
N ILE C 192 28.26 11.27 9.57
CA ILE C 192 29.22 12.36 9.58
C ILE C 192 28.75 13.45 10.54
N ARG C 193 29.69 13.96 11.34
CA ARG C 193 29.44 15.05 12.28
C ARG C 193 30.58 16.06 12.18
N ASP C 194 30.68 16.95 13.16
CA ASP C 194 31.80 17.90 13.28
C ASP C 194 31.92 18.83 12.07
N GLY C 195 30.79 19.13 11.42
CA GLY C 195 30.77 20.01 10.26
C GLY C 195 31.47 19.46 9.02
N MET C 196 31.74 18.16 8.99
CA MET C 196 32.53 17.57 7.90
C MET C 196 31.71 17.06 6.72
N ARG C 197 30.38 17.11 6.80
CA ARG C 197 29.57 16.62 5.69
C ARG C 197 29.71 17.59 4.50
N PRO C 198 30.07 17.07 3.31
CA PRO C 198 30.19 17.97 2.17
C PRO C 198 28.84 18.38 1.62
N ASP C 199 28.83 19.42 0.79
CA ASP C 199 27.63 19.88 0.12
C ASP C 199 27.45 19.12 -1.20
N SER C 200 27.29 17.80 -1.10
CA SER C 200 27.29 16.96 -2.29
C SER C 200 26.05 17.19 -3.18
N LEU C 201 24.92 17.56 -2.59
CA LEU C 201 23.73 17.93 -3.37
C LEU C 201 23.98 19.24 -4.12
N GLY C 202 24.64 20.19 -3.47
CA GLY C 202 25.10 21.41 -4.15
C GLY C 202 26.03 21.10 -5.31
N LEU C 203 26.89 20.10 -5.14
CA LEU C 203 27.80 19.71 -6.21
C LEU C 203 27.03 19.13 -7.41
N VAL C 204 26.03 18.29 -7.17
CA VAL C 204 25.25 17.78 -8.32
C VAL C 204 24.47 18.91 -8.98
N ARG C 205 24.01 19.89 -8.20
CA ARG C 205 23.31 21.03 -8.76
C ARG C 205 24.21 21.91 -9.63
N ALA C 206 25.47 22.04 -9.24
CA ALA C 206 26.41 22.91 -9.94
C ALA C 206 27.18 22.20 -11.05
N HIS C 207 27.15 20.86 -11.06
CA HIS C 207 27.95 20.06 -12.01
C HIS C 207 27.18 18.88 -12.58
N ASN C 208 27.06 18.84 -13.91
CA ASN C 208 26.34 17.77 -14.62
C ASN C 208 27.01 16.40 -14.51
N ASN C 209 28.28 16.37 -14.13
CA ASN C 209 29.05 15.13 -14.09
C ASN C 209 29.26 14.58 -12.68
N VAL C 210 28.49 15.08 -11.72
CA VAL C 210 28.54 14.57 -10.35
C VAL C 210 27.28 13.76 -10.08
N VAL C 211 27.48 12.59 -9.49
CA VAL C 211 26.38 11.73 -9.07
C VAL C 211 26.69 11.24 -7.66
N VAL C 212 25.67 11.21 -6.80
CA VAL C 212 25.83 10.84 -5.40
C VAL C 212 25.10 9.53 -5.16
N LEU C 213 25.75 8.62 -4.42
CA LEU C 213 25.18 7.32 -4.09
C LEU C 213 24.86 7.25 -2.60
N ARG C 214 23.64 6.85 -2.27
CA ARG C 214 23.24 6.64 -0.89
C ARG C 214 22.52 5.31 -0.74
N THR C 215 22.26 4.89 0.49
CA THR C 215 21.72 3.57 0.75
C THR C 215 20.69 3.55 1.88
N PHE C 216 19.90 2.48 1.89
CA PHE C 216 18.98 2.19 2.98
C PHE C 216 19.54 1.14 3.92
N SER C 217 20.75 0.64 3.63
CA SER C 217 21.31 -0.51 4.34
C SER C 217 21.82 -0.21 5.75
N LYS C 218 22.21 1.04 6.01
CA LYS C 218 22.89 1.38 7.25
C LYS C 218 21.93 2.12 8.19
N ALA C 219 21.92 3.45 8.13
CA ALA C 219 21.09 4.26 9.04
C ALA C 219 19.63 3.86 8.97
N TYR C 220 19.16 3.45 7.79
CA TYR C 220 17.76 3.05 7.62
C TYR C 220 17.48 1.57 7.91
N GLY C 221 18.54 0.80 8.18
CA GLY C 221 18.40 -0.58 8.67
C GLY C 221 17.71 -1.58 7.74
N LEU C 222 17.88 -1.41 6.44
CA LEU C 222 17.30 -2.34 5.47
C LEU C 222 18.36 -3.08 4.64
N ALA C 223 19.48 -3.42 5.28
CA ALA C 223 20.55 -4.18 4.62
C ALA C 223 20.08 -5.48 3.98
N GLY C 224 19.05 -6.11 4.55
CA GLY C 224 18.56 -7.37 4.02
C GLY C 224 17.67 -7.25 2.80
N LEU C 225 17.19 -6.04 2.53
CA LEU C 225 16.21 -5.83 1.45
C LEU C 225 16.75 -5.08 0.22
N ARG C 226 17.96 -4.53 0.33
CA ARG C 226 18.74 -4.12 -0.85
C ARG C 226 18.15 -2.94 -1.62
N ILE C 227 18.24 -1.74 -1.05
CA ILE C 227 17.81 -0.54 -1.73
C ILE C 227 18.91 0.53 -1.63
N GLY C 228 19.44 0.91 -2.79
CA GLY C 228 20.31 2.07 -2.92
C GLY C 228 19.70 3.06 -3.87
N TYR C 229 20.18 4.30 -3.83
CA TYR C 229 19.73 5.30 -4.80
C TYR C 229 20.84 6.25 -5.22
N ALA C 230 20.71 6.76 -6.44
CA ALA C 230 21.68 7.69 -7.01
C ALA C 230 20.98 9.01 -7.28
N ILE C 231 21.69 10.11 -7.05
CA ILE C 231 21.18 11.45 -7.28
C ILE C 231 22.13 12.14 -8.26
N GLY C 232 21.59 12.60 -9.38
CA GLY C 232 22.43 13.23 -10.40
C GLY C 232 21.64 13.95 -11.46
N HIS C 233 22.36 14.39 -12.48
CA HIS C 233 21.77 15.05 -13.64
C HIS C 233 20.81 14.07 -14.33
N PRO C 234 19.68 14.58 -14.89
CA PRO C 234 18.70 13.67 -15.46
C PRO C 234 19.22 12.76 -16.58
N ASP C 235 20.15 13.25 -17.39
CA ASP C 235 20.81 12.42 -18.41
C ASP C 235 21.57 11.24 -17.82
N VAL C 236 22.27 11.47 -16.73
CA VAL C 236 23.04 10.40 -16.10
C VAL C 236 22.10 9.39 -15.46
N ILE C 237 21.05 9.88 -14.81
CA ILE C 237 20.03 9.02 -14.23
C ILE C 237 19.33 8.19 -15.30
N THR C 238 19.00 8.84 -16.42
CA THR C 238 18.41 8.13 -17.55
C THR C 238 19.33 7.00 -18.01
N ALA C 239 20.63 7.28 -18.09
CA ALA C 239 21.62 6.26 -18.47
C ALA C 239 21.66 5.10 -17.48
N LEU C 240 21.67 5.41 -16.19
CA LEU C 240 21.70 4.36 -15.17
C LEU C 240 20.48 3.45 -15.29
N ASP C 241 19.34 4.04 -15.59
CA ASP C 241 18.09 3.29 -15.73
C ASP C 241 18.05 2.46 -17.01
N LYS C 242 18.87 2.79 -18.00
CA LYS C 242 18.99 1.97 -19.20
C LYS C 242 19.68 0.64 -18.91
N VAL C 243 20.65 0.64 -18.00
CA VAL C 243 21.41 -0.57 -17.66
C VAL C 243 20.94 -1.27 -16.38
N TYR C 244 20.02 -0.64 -15.66
CA TYR C 244 19.35 -1.24 -14.51
C TYR C 244 18.79 -2.60 -14.92
N VAL C 245 19.15 -3.65 -14.19
CA VAL C 245 18.55 -4.97 -14.45
C VAL C 245 17.11 -4.90 -13.96
N PRO C 246 16.15 -5.14 -14.87
CA PRO C 246 14.74 -4.98 -14.53
C PRO C 246 14.31 -5.74 -13.29
N PHE C 247 13.45 -5.07 -12.50
CA PHE C 247 12.79 -5.67 -11.35
C PHE C 247 13.72 -6.06 -10.20
N THR C 248 15.00 -5.69 -10.24
CA THR C 248 15.93 -6.16 -9.21
C THR C 248 15.61 -5.54 -7.84
N VAL C 249 15.07 -4.32 -7.81
CA VAL C 249 14.58 -3.73 -6.56
C VAL C 249 13.19 -4.29 -6.29
N SER C 250 13.10 -5.15 -5.28
CA SER C 250 11.88 -5.92 -5.01
C SER C 250 10.72 -5.05 -4.54
N SER C 251 9.51 -5.61 -4.61
CA SER C 251 8.31 -4.91 -4.18
C SER C 251 8.37 -4.63 -2.67
N ILE C 252 8.77 -5.64 -1.91
CA ILE C 252 8.87 -5.53 -0.45
C ILE C 252 9.98 -4.53 -0.06
N GLY C 253 11.07 -4.52 -0.82
CA GLY C 253 12.14 -3.56 -0.62
C GLY C 253 11.68 -2.12 -0.80
N GLN C 254 10.91 -1.88 -1.86
CA GLN C 254 10.36 -0.55 -2.13
C GLN C 254 9.43 -0.12 -1.02
N ALA C 255 8.54 -1.02 -0.64
CA ALA C 255 7.58 -0.71 0.43
C ALA C 255 8.31 -0.35 1.71
N ALA C 256 9.29 -1.17 2.08
CA ALA C 256 10.05 -0.96 3.32
C ALA C 256 10.81 0.37 3.29
N ALA C 257 11.38 0.71 2.13
CA ALA C 257 12.18 1.92 1.97
C ALA C 257 11.31 3.17 2.13
N ILE C 258 10.15 3.15 1.47
CA ILE C 258 9.19 4.22 1.58
C ILE C 258 8.78 4.42 3.03
N ALA C 259 8.47 3.32 3.72
CA ALA C 259 8.07 3.38 5.13
C ALA C 259 9.20 3.90 6.01
N SER C 260 10.44 3.54 5.66
CA SER C 260 11.62 4.02 6.39
C SER C 260 11.80 5.53 6.21
N LEU C 261 11.54 6.04 5.01
CA LEU C 261 11.54 7.49 4.79
C LEU C 261 10.44 8.21 5.59
N ASP C 262 9.26 7.61 5.69
CA ASP C 262 8.21 8.18 6.54
C ASP C 262 8.64 8.27 8.01
N ALA C 263 9.48 7.34 8.45
CA ALA C 263 9.99 7.31 9.82
C ALA C 263 11.44 7.80 9.93
N ALA C 264 11.88 8.61 8.95
CA ALA C 264 13.28 9.07 8.89
C ALA C 264 13.73 9.84 10.14
N ASP C 265 12.86 10.69 10.69
CA ASP C 265 13.25 11.49 11.84
C ASP C 265 13.65 10.60 13.01
N GLU C 266 12.81 9.61 13.30
CA GLU C 266 13.13 8.63 14.33
C GLU C 266 14.37 7.80 13.99
N LEU C 267 14.46 7.31 12.75
CA LEU C 267 15.59 6.42 12.38
C LEU C 267 16.93 7.16 12.36
N LEU C 268 16.92 8.38 11.83
CA LEU C 268 18.11 9.22 11.78
C LEU C 268 18.60 9.70 13.15
N ALA C 269 17.68 9.87 14.10
CA ALA C 269 18.06 10.28 15.46
C ALA C 269 18.93 9.22 16.13
N ARG C 270 18.69 7.95 15.80
CA ARG C 270 19.49 6.84 16.32
C ARG C 270 20.96 6.91 15.92
N THR C 271 21.27 7.61 14.83
CA THR C 271 22.68 7.78 14.43
C THR C 271 23.46 8.59 15.47
N ASP C 272 22.78 9.46 16.22
CA ASP C 272 23.43 10.20 17.31
C ASP C 272 24.04 9.27 18.35
N THR C 273 23.35 8.16 18.63
CA THR C 273 23.79 7.19 19.62
C THR C 273 25.00 6.38 19.12
N VAL C 274 24.97 6.00 17.85
CA VAL C 274 26.10 5.35 17.22
C VAL C 274 27.33 6.27 17.26
N VAL C 275 27.11 7.54 16.94
CA VAL C 275 28.19 8.54 16.96
C VAL C 275 28.81 8.69 18.35
N ALA C 276 27.98 8.76 19.38
CA ALA C 276 28.46 8.83 20.75
C ALA C 276 29.33 7.61 21.07
N GLU C 277 28.84 6.41 20.71
CA GLU C 277 29.59 5.19 20.93
C GLU C 277 30.89 5.15 20.11
N ARG C 278 30.86 5.72 18.91
CA ARG C 278 32.06 5.84 18.08
C ARG C 278 33.17 6.63 18.79
N ALA C 279 32.80 7.75 19.40
CA ALA C 279 33.74 8.57 20.17
C ALA C 279 34.29 7.80 21.38
N ARG C 280 33.43 7.08 22.10
CA ARG C 280 33.85 6.32 23.27
C ARG C 280 34.80 5.16 22.88
N VAL C 281 34.44 4.40 21.85
CA VAL C 281 35.27 3.30 21.39
C VAL C 281 36.62 3.80 20.91
N SER C 282 36.62 4.93 20.19
CA SER C 282 37.87 5.51 19.70
C SER C 282 38.77 5.91 20.88
N ALA C 283 38.21 6.70 21.79
CA ALA C 283 38.95 7.13 22.98
C ALA C 283 39.51 5.94 23.77
N GLU C 284 38.65 4.96 24.04
CA GLU C 284 39.05 3.77 24.79
C GLU C 284 40.19 3.01 24.09
N LEU C 285 40.13 2.94 22.77
CA LEU C 285 41.17 2.27 21.98
C LEU C 285 42.49 3.04 22.02
N ARG C 286 42.42 4.36 21.87
CA ARG C 286 43.62 5.20 21.95
C ARG C 286 44.22 5.18 23.36
N ALA C 287 43.38 5.18 24.37
CA ALA C 287 43.81 5.00 25.76
C ALA C 287 44.57 3.68 25.93
N ALA C 288 44.17 2.66 25.16
CA ALA C 288 44.83 1.36 25.19
C ALA C 288 46.12 1.31 24.38
N GLY C 289 46.40 2.37 23.61
CA GLY C 289 47.64 2.43 22.84
C GLY C 289 47.49 2.14 21.36
N PHE C 290 46.27 1.85 20.91
CA PHE C 290 45.99 1.75 19.48
C PHE C 290 46.05 3.13 18.87
N THR C 291 46.53 3.23 17.64
CA THR C 291 46.37 4.44 16.85
C THR C 291 45.34 4.18 15.76
N LEU C 292 44.44 5.14 15.56
CA LEU C 292 43.44 5.05 14.51
C LEU C 292 43.07 6.45 14.01
N PRO C 293 42.71 6.56 12.72
CA PRO C 293 42.32 7.84 12.19
C PRO C 293 40.94 8.30 12.73
N PRO C 294 40.60 9.58 12.53
CA PRO C 294 39.29 10.09 12.97
C PRO C 294 38.16 9.59 12.09
N SER C 295 37.26 8.80 12.65
CA SER C 295 36.16 8.19 11.90
C SER C 295 34.98 9.14 11.75
N GLN C 296 34.33 9.09 10.59
CA GLN C 296 33.05 9.78 10.42
C GLN C 296 31.97 8.83 9.88
N ALA C 297 32.14 7.54 10.16
CA ALA C 297 31.19 6.50 9.77
C ALA C 297 30.67 5.77 11.02
N ASN C 298 30.11 4.58 10.84
CA ASN C 298 29.68 3.76 11.98
C ASN C 298 30.67 2.62 12.26
N PHE C 299 31.94 2.90 11.99
CA PHE C 299 33.00 1.92 12.23
C PHE C 299 34.31 2.66 12.40
N VAL C 300 35.31 1.93 12.90
CA VAL C 300 36.67 2.45 13.01
C VAL C 300 37.65 1.55 12.24
N TRP C 301 38.83 2.11 11.97
CA TRP C 301 39.86 1.45 11.19
C TRP C 301 41.12 1.32 12.04
N LEU C 302 41.57 0.08 12.23
CA LEU C 302 42.79 -0.19 12.99
C LEU C 302 43.86 -0.63 12.00
N PRO C 303 44.80 0.26 11.66
CA PRO C 303 45.84 -0.09 10.70
C PRO C 303 46.91 -0.99 11.32
N LEU C 304 46.52 -2.24 11.57
CA LEU C 304 47.37 -3.21 12.28
C LEU C 304 48.44 -3.85 11.39
N GLY C 305 48.41 -3.57 10.09
CA GLY C 305 49.41 -4.10 9.17
C GLY C 305 49.49 -5.63 9.19
N SER C 306 50.69 -6.15 9.39
CA SER C 306 50.93 -7.59 9.36
C SER C 306 50.27 -8.33 10.53
N ARG C 307 49.89 -7.60 11.58
CA ARG C 307 49.22 -8.18 12.74
C ARG C 307 47.71 -8.38 12.56
N THR C 308 47.17 -7.94 11.44
CA THR C 308 45.71 -8.00 11.22
C THR C 308 45.16 -9.42 11.29
N GLN C 309 45.83 -10.38 10.64
CA GLN C 309 45.35 -11.76 10.64
C GLN C 309 45.29 -12.32 12.07
N ASP C 310 46.34 -12.08 12.84
CA ASP C 310 46.39 -12.49 14.24
C ASP C 310 45.28 -11.85 15.06
N PHE C 311 45.09 -10.54 14.88
CA PHE C 311 44.06 -9.80 15.61
C PHE C 311 42.68 -10.39 15.36
N VAL C 312 42.35 -10.57 14.08
CA VAL C 312 41.06 -11.11 13.68
C VAL C 312 40.83 -12.54 14.18
N GLU C 313 41.88 -13.36 14.12
CA GLU C 313 41.80 -14.75 14.57
C GLU C 313 41.53 -14.86 16.08
N GLN C 314 42.25 -14.07 16.87
CA GLN C 314 42.06 -14.09 18.31
C GLN C 314 40.73 -13.46 18.73
N ALA C 315 40.24 -12.50 17.94
CA ALA C 315 38.91 -11.96 18.14
C ALA C 315 37.87 -13.05 17.94
N ALA C 316 38.05 -13.85 16.88
CA ALA C 316 37.16 -14.97 16.60
C ALA C 316 37.14 -15.98 17.75
N ASP C 317 38.30 -16.22 18.36
CA ASP C 317 38.38 -17.11 19.52
C ASP C 317 37.67 -16.51 20.73
N ALA C 318 37.63 -15.17 20.80
CA ALA C 318 36.82 -14.47 21.79
C ALA C 318 35.34 -14.31 21.35
N ARG C 319 34.96 -15.00 20.26
CA ARG C 319 33.59 -14.98 19.73
C ARG C 319 33.14 -13.58 19.27
N ILE C 320 34.08 -12.84 18.68
CA ILE C 320 33.82 -11.53 18.09
C ILE C 320 34.30 -11.55 16.64
N VAL C 321 33.41 -11.18 15.72
CA VAL C 321 33.74 -11.12 14.29
C VAL C 321 34.08 -9.68 13.89
N VAL C 322 35.33 -9.47 13.47
CA VAL C 322 35.77 -8.19 12.91
C VAL C 322 36.34 -8.44 11.52
N ARG C 323 36.45 -7.38 10.72
CA ARG C 323 36.69 -7.50 9.28
C ARG C 323 38.15 -7.23 8.90
N PRO C 324 38.88 -8.26 8.42
CA PRO C 324 40.25 -8.06 7.98
C PRO C 324 40.34 -7.54 6.56
N TYR C 325 41.34 -6.71 6.29
CA TYR C 325 41.64 -6.24 4.95
C TYR C 325 43.12 -6.45 4.64
N GLY C 326 43.42 -7.60 4.04
CA GLY C 326 44.77 -7.98 3.64
C GLY C 326 45.76 -7.86 4.78
N THR C 327 46.89 -7.20 4.51
CA THR C 327 47.87 -6.88 5.53
C THR C 327 47.89 -5.36 5.77
N ASP C 328 46.73 -4.71 5.65
CA ASP C 328 46.59 -3.27 5.90
C ASP C 328 45.97 -3.00 7.26
N GLY C 329 44.83 -3.63 7.55
CA GLY C 329 44.14 -3.34 8.81
C GLY C 329 42.87 -4.12 9.05
N VAL C 330 42.20 -3.76 10.15
CA VAL C 330 40.96 -4.37 10.56
C VAL C 330 39.91 -3.28 10.69
N ARG C 331 38.72 -3.51 10.13
CA ARG C 331 37.60 -2.59 10.24
C ARG C 331 36.64 -3.11 11.31
N VAL C 332 36.33 -2.26 12.29
CA VAL C 332 35.48 -2.68 13.41
C VAL C 332 34.23 -1.81 13.48
N THR C 333 33.08 -2.45 13.36
CA THR C 333 31.80 -1.77 13.37
C THR C 333 31.45 -1.30 14.79
N VAL C 334 30.89 -0.10 14.89
CA VAL C 334 30.34 0.41 16.13
C VAL C 334 28.89 -0.07 16.25
N ALA C 335 28.62 -0.90 17.24
CA ALA C 335 27.30 -1.52 17.44
C ALA C 335 26.75 -1.20 18.84
N ALA C 336 26.11 -2.18 19.50
CA ALA C 336 25.51 -1.94 20.81
C ALA C 336 26.58 -1.76 21.88
N PRO C 337 26.31 -0.90 22.89
CA PRO C 337 27.28 -0.60 23.95
C PRO C 337 27.92 -1.84 24.58
N GLU C 338 27.12 -2.87 24.84
CA GLU C 338 27.63 -4.10 25.47
C GLU C 338 28.51 -4.92 24.52
N GLU C 339 28.19 -4.91 23.22
CA GLU C 339 29.02 -5.54 22.20
C GLU C 339 30.34 -4.79 22.02
N ASN C 340 30.25 -3.46 22.04
CA ASN C 340 31.42 -2.60 21.96
C ASN C 340 32.37 -2.87 23.15
N ASP C 341 31.79 -3.02 24.34
CA ASP C 341 32.58 -3.32 25.54
C ASP C 341 33.30 -4.65 25.45
N ALA C 342 32.63 -5.67 24.91
CA ALA C 342 33.26 -6.98 24.72
C ALA C 342 34.45 -6.86 23.77
N PHE C 343 34.28 -6.09 22.70
CA PHE C 343 35.38 -5.85 21.78
C PHE C 343 36.54 -5.11 22.45
N LEU C 344 36.19 -4.09 23.25
CA LEU C 344 37.18 -3.26 23.95
C LEU C 344 38.02 -4.09 24.92
N ARG C 345 37.35 -4.93 25.70
CA ARG C 345 38.03 -5.84 26.63
C ARG C 345 38.98 -6.77 25.87
N PHE C 346 38.52 -7.31 24.74
CA PHE C 346 39.38 -8.14 23.91
C PHE C 346 40.57 -7.36 23.38
N ALA C 347 40.29 -6.17 22.86
CA ALA C 347 41.32 -5.33 22.25
C ALA C 347 42.44 -5.04 23.24
N ARG C 348 42.07 -4.66 24.46
CA ARG C 348 43.05 -4.38 25.52
C ARG C 348 43.86 -5.62 25.90
N ARG C 349 43.15 -6.74 26.12
CA ARG C 349 43.79 -8.03 26.41
C ARG C 349 44.80 -8.42 25.33
N TRP C 350 44.38 -8.31 24.07
CA TRP C 350 45.24 -8.63 22.94
C TRP C 350 46.49 -7.74 22.89
N ARG C 351 46.33 -6.45 23.14
CA ARG C 351 47.46 -5.53 23.03
C ARG C 351 48.46 -5.67 24.18
N SER C 352 47.98 -6.09 25.35
CA SER C 352 48.87 -6.43 26.47
C SER C 352 49.80 -7.58 26.13
N ASP C 353 49.28 -8.55 25.36
CA ASP C 353 50.06 -9.72 24.95
C ASP C 353 51.12 -9.41 23.90
N GLN C 354 51.12 -8.19 23.37
CA GLN C 354 52.16 -7.75 22.43
C GLN C 354 53.37 -7.25 23.20
N VAL D 2 28.98 21.46 -21.00
CA VAL D 2 29.61 20.11 -21.10
C VAL D 2 28.82 19.10 -20.27
N THR D 3 28.70 17.89 -20.79
CA THR D 3 28.02 16.81 -20.08
C THR D 3 28.98 15.66 -19.86
N ALA D 4 28.66 14.80 -18.90
CA ALA D 4 29.46 13.62 -18.63
C ALA D 4 29.50 12.76 -19.89
N ARG D 5 30.69 12.30 -20.24
CA ARG D 5 30.86 11.45 -21.41
C ARG D 5 30.48 10.02 -21.02
N LEU D 6 29.39 9.55 -21.60
CA LEU D 6 28.90 8.19 -21.37
C LEU D 6 29.19 7.36 -22.62
N ARG D 7 29.08 6.05 -22.50
CA ARG D 7 29.42 5.14 -23.59
C ARG D 7 28.49 5.34 -24.78
N PRO D 8 29.05 5.40 -26.01
CA PRO D 8 28.21 5.59 -27.21
C PRO D 8 27.19 4.46 -27.45
N GLU D 9 27.47 3.27 -26.91
CA GLU D 9 26.52 2.16 -26.98
C GLU D 9 25.15 2.44 -26.32
N LEU D 10 25.13 3.38 -25.37
CA LEU D 10 23.89 3.73 -24.67
C LEU D 10 22.89 4.43 -25.57
N ALA D 11 23.37 5.21 -26.52
CA ALA D 11 22.48 5.88 -27.48
C ALA D 11 21.75 4.83 -28.31
N GLY D 12 20.42 4.84 -28.23
CA GLY D 12 19.61 3.86 -28.93
C GLY D 12 19.63 2.45 -28.36
N LEU D 13 20.08 2.30 -27.11
CA LEU D 13 20.01 1.01 -26.41
C LEU D 13 18.53 0.61 -26.34
N PRO D 14 18.19 -0.62 -26.78
CA PRO D 14 16.79 -1.05 -26.67
C PRO D 14 16.40 -1.42 -25.24
N VAL D 15 16.02 -0.41 -24.45
CA VAL D 15 15.74 -0.59 -23.03
C VAL D 15 14.50 -1.48 -22.82
N TYR D 16 14.62 -2.41 -21.86
CA TYR D 16 13.52 -3.30 -21.50
C TYR D 16 12.31 -2.50 -21.01
N VAL D 17 11.15 -2.70 -21.67
CA VAL D 17 9.91 -2.05 -21.29
C VAL D 17 9.03 -3.09 -20.58
N PRO D 18 8.64 -2.83 -19.31
CA PRO D 18 7.86 -3.80 -18.57
C PRO D 18 6.38 -3.81 -18.97
N GLY D 19 5.65 -4.83 -18.55
CA GLY D 19 4.20 -4.86 -18.74
C GLY D 19 3.56 -3.77 -17.90
N LYS D 20 2.52 -3.15 -18.43
CA LYS D 20 1.86 -2.05 -17.75
C LYS D 20 1.03 -2.51 -16.57
N THR D 21 0.94 -1.64 -15.56
CA THR D 21 0.04 -1.78 -14.44
C THR D 21 -0.95 -0.65 -14.60
N VAL D 22 -2.23 -0.97 -14.75
CA VAL D 22 -3.25 0.03 -15.05
C VAL D 22 -4.37 -0.07 -14.03
N PRO D 23 -4.66 1.03 -13.31
CA PRO D 23 -5.77 1.02 -12.35
C PRO D 23 -7.10 0.70 -13.02
N GLY D 24 -7.85 -0.22 -12.42
CA GLY D 24 -9.17 -0.58 -12.92
C GLY D 24 -9.20 -1.76 -13.87
N ALA D 25 -8.03 -2.22 -14.30
CA ALA D 25 -7.92 -3.20 -15.38
C ALA D 25 -7.39 -4.53 -14.86
N ILE D 26 -7.74 -5.61 -15.52
CA ILE D 26 -7.12 -6.90 -15.21
C ILE D 26 -5.78 -7.01 -15.93
N LYS D 27 -4.80 -7.61 -15.28
CA LYS D 27 -3.46 -7.67 -15.83
C LYS D 27 -3.18 -9.04 -16.44
N LEU D 28 -3.07 -9.06 -17.76
CA LEU D 28 -2.70 -10.26 -18.51
C LEU D 28 -1.46 -9.99 -19.37
N ALA D 29 -0.54 -9.19 -18.82
CA ALA D 29 0.58 -8.65 -19.59
C ALA D 29 1.96 -9.01 -19.06
N SER D 30 2.04 -9.71 -17.91
CA SER D 30 3.32 -10.00 -17.26
C SER D 30 3.55 -11.46 -16.89
N ASN D 31 2.70 -12.36 -17.38
CA ASN D 31 2.83 -13.79 -17.11
C ASN D 31 2.85 -14.16 -15.63
N GLU D 32 2.18 -13.36 -14.82
CA GLU D 32 2.11 -13.61 -13.39
C GLU D 32 1.04 -14.68 -13.08
N THR D 33 1.31 -15.51 -12.07
CA THR D 33 0.28 -16.35 -11.47
C THR D 33 -0.54 -15.47 -10.52
N VAL D 34 -1.74 -15.90 -10.18
CA VAL D 34 -2.71 -15.01 -9.55
C VAL D 34 -2.87 -15.16 -8.05
N PHE D 35 -2.20 -16.13 -7.42
CA PHE D 35 -2.41 -16.39 -5.99
C PHE D 35 -1.33 -15.80 -5.11
N GLY D 36 -1.75 -15.21 -4.00
CA GLY D 36 -0.85 -14.72 -2.96
C GLY D 36 -0.17 -15.87 -2.26
N PRO D 37 0.73 -15.56 -1.31
CA PRO D 37 1.58 -16.58 -0.72
C PRO D 37 0.85 -17.53 0.20
N LEU D 38 1.26 -18.79 0.23
CA LEU D 38 0.78 -19.73 1.23
C LEU D 38 1.11 -19.23 2.65
N PRO D 39 0.36 -19.72 3.66
CA PRO D 39 0.62 -19.37 5.06
C PRO D 39 2.08 -19.57 5.50
N SER D 40 2.70 -20.68 5.08
CA SER D 40 4.10 -20.96 5.44
C SER D 40 5.09 -20.01 4.76
N VAL D 41 4.74 -19.55 3.55
CA VAL D 41 5.60 -18.61 2.83
C VAL D 41 5.48 -17.21 3.47
N ARG D 42 4.26 -16.82 3.81
CA ARG D 42 4.02 -15.58 4.56
C ARG D 42 4.77 -15.60 5.91
N ALA D 43 4.70 -16.73 6.60
CA ALA D 43 5.42 -16.92 7.85
C ALA D 43 6.93 -16.75 7.68
N ALA D 44 7.49 -17.37 6.63
CA ALA D 44 8.93 -17.27 6.36
C ALA D 44 9.35 -15.84 6.04
N ILE D 45 8.49 -15.11 5.34
CA ILE D 45 8.77 -13.71 5.01
C ILE D 45 8.78 -12.85 6.29
N ASP D 46 7.85 -13.07 7.19
CA ASP D 46 7.79 -12.29 8.43
C ASP D 46 8.91 -12.66 9.39
N ARG D 47 9.32 -13.93 9.41
CA ARG D 47 10.44 -14.35 10.24
C ARG D 47 11.72 -13.69 9.75
N ALA D 48 11.91 -13.66 8.43
CA ALA D 48 13.07 -12.97 7.84
C ALA D 48 13.02 -11.44 8.08
N THR D 49 11.81 -10.88 8.14
CA THR D 49 11.67 -9.45 8.41
C THR D 49 12.30 -9.05 9.75
N ASP D 50 12.25 -9.94 10.73
CA ASP D 50 12.84 -9.70 12.05
C ASP D 50 14.29 -9.21 11.98
N THR D 51 15.07 -9.74 11.05
CA THR D 51 16.50 -9.44 10.98
C THR D 51 16.90 -8.72 9.68
N VAL D 52 15.99 -7.87 9.19
CA VAL D 52 16.21 -7.14 7.95
C VAL D 52 17.34 -6.09 8.06
N ASN D 53 17.77 -5.78 9.28
CA ASN D 53 18.95 -4.94 9.51
C ASN D 53 20.26 -5.63 9.17
N ARG D 54 20.22 -6.96 9.04
CA ARG D 54 21.40 -7.75 8.73
C ARG D 54 21.45 -8.10 7.25
N TYR D 55 22.66 -8.15 6.70
CA TYR D 55 22.84 -8.49 5.29
C TYR D 55 22.33 -9.91 4.99
N PRO D 56 21.95 -10.17 3.74
CA PRO D 56 21.60 -11.54 3.35
C PRO D 56 22.84 -12.43 3.23
N ASP D 57 22.61 -13.74 3.25
CA ASP D 57 23.66 -14.70 2.91
C ASP D 57 24.04 -14.44 1.47
N ASN D 58 25.25 -13.95 1.26
CA ASN D 58 25.74 -13.66 -0.09
C ASN D 58 25.77 -14.91 -0.98
N GLY D 59 25.93 -16.08 -0.37
CA GLY D 59 26.02 -17.34 -1.11
C GLY D 59 24.75 -18.17 -1.14
N CYS D 60 23.66 -17.67 -0.55
CA CYS D 60 22.39 -18.38 -0.53
C CYS D 60 22.56 -19.89 -0.24
N VAL D 61 23.29 -20.20 0.83
CA VAL D 61 23.70 -21.58 1.12
C VAL D 61 22.51 -22.53 1.34
N GLN D 62 21.56 -22.12 2.18
CA GLN D 62 20.42 -22.99 2.47
CA GLN D 62 20.39 -22.94 2.48
C GLN D 62 19.49 -23.14 1.26
N LEU D 63 19.31 -22.06 0.49
CA LEU D 63 18.51 -22.13 -0.74
C LEU D 63 19.17 -23.09 -1.73
N LYS D 64 20.47 -22.97 -1.90
CA LYS D 64 21.21 -23.86 -2.81
C LYS D 64 21.10 -25.31 -2.42
N ALA D 65 21.19 -25.57 -1.11
CA ALA D 65 21.06 -26.92 -0.58
C ALA D 65 19.68 -27.50 -0.88
N ALA D 66 18.65 -26.66 -0.75
CA ALA D 66 17.28 -27.09 -1.01
C ALA D 66 17.10 -27.38 -2.51
N LEU D 67 17.62 -26.47 -3.34
CA LEU D 67 17.54 -26.65 -4.79
C LEU D 67 18.23 -27.94 -5.23
N ALA D 68 19.44 -28.18 -4.75
CA ALA D 68 20.19 -29.40 -5.09
C ALA D 68 19.44 -30.65 -4.66
N ARG D 69 18.80 -30.61 -3.48
CA ARG D 69 17.94 -31.70 -3.04
C ARG D 69 16.82 -31.97 -4.04
N HIS D 70 16.10 -30.91 -4.42
CA HIS D 70 15.00 -31.05 -5.37
C HIS D 70 15.45 -31.52 -6.75
N LEU D 71 16.64 -31.07 -7.17
CA LEU D 71 17.22 -31.49 -8.45
C LEU D 71 17.61 -32.97 -8.49
N GLY D 72 17.83 -33.59 -7.33
CA GLY D 72 18.09 -35.03 -7.25
C GLY D 72 19.55 -35.39 -7.08
N PRO D 73 19.85 -36.69 -6.88
CA PRO D 73 21.17 -37.17 -6.46
C PRO D 73 22.33 -36.88 -7.42
N ASP D 74 22.06 -36.51 -8.67
CA ASP D 74 23.12 -36.15 -9.59
C ASP D 74 23.59 -34.70 -9.41
N PHE D 75 22.91 -33.93 -8.57
CA PHE D 75 23.21 -32.51 -8.42
C PHE D 75 23.47 -32.11 -6.97
N ALA D 76 24.44 -31.21 -6.81
CA ALA D 76 24.94 -30.75 -5.53
C ALA D 76 24.94 -29.22 -5.58
N PRO D 77 25.12 -28.55 -4.42
CA PRO D 77 25.12 -27.09 -4.42
C PRO D 77 26.13 -26.45 -5.38
N GLU D 78 27.25 -27.12 -5.63
CA GLU D 78 28.26 -26.61 -6.57
C GLU D 78 27.74 -26.51 -8.01
N HIS D 79 26.60 -27.14 -8.29
CA HIS D 79 25.97 -27.07 -9.60
C HIS D 79 24.89 -25.98 -9.72
N VAL D 80 24.71 -25.19 -8.66
CA VAL D 80 23.63 -24.20 -8.61
C VAL D 80 24.15 -22.79 -8.31
N ALA D 81 23.75 -21.84 -9.15
CA ALA D 81 23.94 -20.42 -8.85
C ALA D 81 22.57 -19.82 -8.62
N VAL D 82 22.50 -18.83 -7.74
CA VAL D 82 21.25 -18.09 -7.48
C VAL D 82 21.46 -16.63 -7.85
N GLY D 83 20.46 -16.04 -8.50
CA GLY D 83 20.51 -14.64 -8.94
C GLY D 83 19.24 -13.88 -8.61
N CYS D 84 19.32 -12.56 -8.72
CA CYS D 84 18.19 -11.68 -8.41
C CYS D 84 17.25 -11.65 -9.63
N GLY D 85 16.40 -12.67 -9.69
CA GLY D 85 15.65 -12.99 -10.90
C GLY D 85 16.56 -13.72 -11.89
N SER D 86 15.97 -14.51 -12.78
CA SER D 86 16.76 -15.08 -13.88
C SER D 86 17.24 -13.96 -14.83
N VAL D 87 16.56 -12.82 -14.85
CA VAL D 87 17.04 -11.64 -15.58
C VAL D 87 18.48 -11.25 -15.20
N SER D 88 18.81 -11.39 -13.92
CA SER D 88 20.17 -11.08 -13.46
C SER D 88 21.14 -12.17 -13.93
N LEU D 89 20.72 -13.42 -13.90
CA LEU D 89 21.55 -14.52 -14.39
C LEU D 89 21.81 -14.39 -15.89
N CYS D 90 20.85 -13.87 -16.64
CA CYS D 90 21.07 -13.63 -18.07
C CYS D 90 22.24 -12.67 -18.26
N GLN D 91 22.27 -11.58 -17.48
CA GLN D 91 23.38 -10.62 -17.57
C GLN D 91 24.67 -11.26 -17.13
N GLN D 92 24.63 -12.04 -16.05
CA GLN D 92 25.82 -12.70 -15.53
C GLN D 92 26.41 -13.67 -16.56
N LEU D 93 25.53 -14.35 -17.30
CA LEU D 93 25.97 -15.22 -18.40
C LEU D 93 26.71 -14.46 -19.49
N VAL D 94 26.18 -13.30 -19.87
CA VAL D 94 26.84 -12.45 -20.85
C VAL D 94 28.19 -11.97 -20.32
N GLN D 95 28.23 -11.65 -19.03
CA GLN D 95 29.43 -11.10 -18.40
C GLN D 95 30.53 -12.12 -18.23
N VAL D 96 30.20 -13.40 -18.12
CA VAL D 96 31.24 -14.44 -18.03
C VAL D 96 31.70 -14.94 -19.41
N THR D 97 30.99 -14.57 -20.47
CA THR D 97 31.26 -15.09 -21.82
C THR D 97 31.67 -14.05 -22.87
N ALA D 98 31.02 -12.88 -22.86
CA ALA D 98 31.11 -11.97 -24.01
C ALA D 98 31.62 -10.56 -23.68
N SER D 99 32.51 -10.06 -24.55
CA SER D 99 33.00 -8.69 -24.50
C SER D 99 32.99 -8.09 -25.90
N VAL D 100 33.80 -7.05 -26.13
CA VAL D 100 33.75 -6.30 -27.37
C VAL D 100 34.03 -7.20 -28.58
N GLY D 101 33.17 -7.10 -29.59
CA GLY D 101 33.32 -7.92 -30.80
C GLY D 101 32.72 -9.32 -30.75
N ASP D 102 32.58 -9.89 -29.56
CA ASP D 102 32.01 -11.23 -29.41
C ASP D 102 30.54 -11.28 -29.85
N GLU D 103 30.07 -12.48 -30.15
CA GLU D 103 28.71 -12.65 -30.68
C GLU D 103 27.88 -13.52 -29.73
N VAL D 104 26.63 -13.11 -29.54
CA VAL D 104 25.66 -13.86 -28.74
C VAL D 104 24.48 -14.15 -29.64
N VAL D 105 24.14 -15.42 -29.81
CA VAL D 105 23.08 -15.77 -30.77
C VAL D 105 21.82 -16.23 -30.05
N PHE D 106 20.69 -15.80 -30.58
CA PHE D 106 19.40 -16.23 -30.06
C PHE D 106 18.34 -16.03 -31.11
N GLY D 107 17.29 -16.83 -31.02
CA GLY D 107 16.11 -16.67 -31.87
C GLY D 107 15.48 -15.31 -31.63
N TRP D 108 14.79 -14.81 -32.65
CA TRP D 108 14.14 -13.52 -32.55
C TRP D 108 12.89 -13.53 -33.42
N ARG D 109 11.73 -13.16 -32.87
CA ARG D 109 11.59 -12.53 -31.56
C ARG D 109 11.71 -13.49 -30.38
N SER D 110 12.47 -13.06 -29.38
CA SER D 110 12.59 -13.79 -28.13
C SER D 110 12.63 -12.79 -26.97
N PHE D 111 13.21 -13.20 -25.85
CA PHE D 111 13.18 -12.38 -24.65
C PHE D 111 13.78 -11.00 -24.92
N GLU D 112 12.94 -9.99 -24.76
CA GLU D 112 13.27 -8.57 -24.95
C GLU D 112 14.52 -8.14 -24.15
N LEU D 113 14.85 -8.91 -23.13
CA LEU D 113 16.00 -8.68 -22.27
C LEU D 113 17.35 -8.93 -22.98
N TYR D 114 17.38 -9.89 -23.91
CA TYR D 114 18.66 -10.33 -24.47
C TYR D 114 19.41 -9.23 -25.24
N PRO D 115 18.76 -8.56 -26.21
CA PRO D 115 19.55 -7.61 -26.99
C PRO D 115 20.27 -6.51 -26.16
N PRO D 116 19.55 -5.83 -25.25
CA PRO D 116 20.26 -4.77 -24.53
C PRO D 116 21.40 -5.26 -23.64
N GLN D 117 21.21 -6.41 -22.99
CA GLN D 117 22.26 -6.96 -22.12
C GLN D 117 23.52 -7.36 -22.92
N VAL D 118 23.32 -7.82 -24.15
CA VAL D 118 24.44 -8.15 -25.03
C VAL D 118 25.14 -6.85 -25.44
N ARG D 119 24.36 -5.83 -25.79
CA ARG D 119 24.95 -4.54 -26.19
C ARG D 119 25.70 -3.86 -25.04
N VAL D 120 25.21 -3.99 -23.81
CA VAL D 120 25.89 -3.43 -22.63
C VAL D 120 27.30 -4.01 -22.46
N ALA D 121 27.48 -5.27 -22.83
CA ALA D 121 28.79 -5.91 -22.84
C ALA D 121 29.69 -5.46 -23.99
N GLY D 122 29.14 -4.69 -24.92
CA GLY D 122 29.88 -4.28 -26.11
C GLY D 122 29.87 -5.38 -27.17
N ALA D 123 29.04 -6.39 -26.96
CA ALA D 123 28.97 -7.54 -27.84
C ALA D 123 27.88 -7.35 -28.89
N ILE D 124 27.80 -8.31 -29.82
CA ILE D 124 26.91 -8.22 -30.97
C ILE D 124 25.79 -9.26 -30.82
N PRO D 125 24.53 -8.80 -30.79
CA PRO D 125 23.43 -9.75 -30.77
C PRO D 125 23.12 -10.27 -32.17
N ILE D 126 23.22 -11.58 -32.34
CA ILE D 126 22.86 -12.24 -33.60
C ILE D 126 21.43 -12.73 -33.44
N GLN D 127 20.49 -12.03 -34.06
CA GLN D 127 19.08 -12.25 -33.82
C GLN D 127 18.49 -13.05 -34.98
N VAL D 128 18.18 -14.32 -34.71
CA VAL D 128 17.88 -15.28 -35.77
C VAL D 128 16.38 -15.47 -35.90
N PRO D 129 15.82 -15.13 -37.07
CA PRO D 129 14.38 -15.26 -37.28
C PRO D 129 13.83 -16.63 -36.91
N LEU D 130 12.60 -16.64 -36.41
CA LEU D 130 11.91 -17.88 -36.04
C LEU D 130 11.33 -18.55 -37.30
N THR D 131 10.94 -19.82 -37.16
CA THR D 131 10.15 -20.52 -38.18
C THR D 131 8.86 -20.97 -37.50
N ASP D 132 7.71 -20.60 -38.08
CA ASP D 132 6.40 -20.94 -37.49
C ASP D 132 6.35 -20.58 -36.00
N HIS D 133 6.79 -19.35 -35.68
CA HIS D 133 6.75 -18.82 -34.30
C HIS D 133 7.58 -19.65 -33.31
N THR D 134 8.56 -20.38 -33.83
CA THR D 134 9.34 -21.32 -33.05
C THR D 134 10.82 -21.12 -33.36
N PHE D 135 11.66 -21.28 -32.35
CA PHE D 135 13.10 -21.23 -32.54
C PHE D 135 13.51 -22.17 -33.68
N ASP D 136 14.28 -21.63 -34.63
CA ASP D 136 14.80 -22.41 -35.76
C ASP D 136 16.25 -22.73 -35.48
N LEU D 137 16.47 -23.90 -34.90
CA LEU D 137 17.78 -24.29 -34.41
C LEU D 137 18.79 -24.48 -35.52
N TYR D 138 18.31 -24.85 -36.72
CA TYR D 138 19.16 -24.93 -37.90
C TYR D 138 19.66 -23.54 -38.26
N ALA D 139 18.72 -22.59 -38.37
CA ALA D 139 19.08 -21.22 -38.70
C ALA D 139 20.06 -20.65 -37.68
N MET D 140 19.87 -20.99 -36.40
CA MET D 140 20.76 -20.51 -35.34
C MET D 140 22.16 -21.11 -35.44
N LEU D 141 22.22 -22.42 -35.68
CA LEU D 141 23.49 -23.12 -35.85
C LEU D 141 24.30 -22.53 -37.00
N ALA D 142 23.61 -22.19 -38.09
CA ALA D 142 24.28 -21.62 -39.27
C ALA D 142 24.99 -20.30 -39.00
N THR D 143 24.53 -19.56 -37.98
CA THR D 143 25.13 -18.25 -37.65
C THR D 143 26.32 -18.34 -36.69
N VAL D 144 26.66 -19.55 -36.24
CA VAL D 144 27.77 -19.75 -35.33
C VAL D 144 29.09 -19.46 -36.03
N THR D 145 29.98 -18.74 -35.33
CA THR D 145 31.31 -18.39 -35.86
C THR D 145 32.36 -18.55 -34.76
N ASP D 146 33.60 -18.20 -35.09
CA ASP D 146 34.69 -18.14 -34.11
C ASP D 146 34.44 -17.13 -33.00
N ARG D 147 33.59 -16.13 -33.24
CA ARG D 147 33.29 -15.09 -32.27
C ARG D 147 32.06 -15.41 -31.40
N THR D 148 31.43 -16.55 -31.65
CA THR D 148 30.24 -16.94 -30.88
C THR D 148 30.62 -17.40 -29.47
N ARG D 149 30.20 -16.63 -28.47
CA ARG D 149 30.54 -16.93 -27.07
C ARG D 149 29.37 -17.44 -26.24
N LEU D 150 28.15 -17.22 -26.70
CA LEU D 150 26.96 -17.59 -25.95
C LEU D 150 25.79 -17.79 -26.89
N ILE D 151 25.00 -18.82 -26.59
CA ILE D 151 23.75 -19.08 -27.30
C ILE D 151 22.62 -19.16 -26.26
N PHE D 152 21.52 -18.46 -26.51
CA PHE D 152 20.33 -18.57 -25.68
C PHE D 152 19.27 -19.35 -26.44
N VAL D 153 18.79 -20.43 -25.83
CA VAL D 153 17.57 -21.10 -26.27
C VAL D 153 16.47 -20.84 -25.25
N CYS D 154 15.47 -20.05 -25.63
CA CYS D 154 14.38 -19.69 -24.74
C CYS D 154 13.25 -20.71 -24.97
N ASN D 155 13.02 -21.58 -23.98
CA ASN D 155 12.16 -22.78 -24.15
C ASN D 155 11.30 -23.12 -22.92
N PRO D 156 9.99 -22.79 -22.94
CA PRO D 156 9.21 -22.14 -23.99
C PRO D 156 9.67 -20.73 -24.30
N ASN D 157 9.45 -20.29 -25.55
CA ASN D 157 9.89 -18.99 -25.97
C ASN D 157 9.00 -17.89 -25.41
N ASN D 158 9.62 -16.84 -24.92
CA ASN D 158 8.95 -15.58 -24.59
C ASN D 158 9.33 -14.62 -25.70
N PRO D 159 8.35 -14.13 -26.50
CA PRO D 159 6.91 -14.14 -26.27
C PRO D 159 6.04 -15.12 -27.06
N THR D 160 6.61 -15.94 -27.94
CA THR D 160 5.77 -16.70 -28.88
C THR D 160 5.14 -17.97 -28.30
N SER D 161 5.57 -18.36 -27.10
CA SER D 161 4.96 -19.44 -26.29
C SER D 161 5.37 -20.87 -26.67
N THR D 162 6.02 -21.02 -27.81
CA THR D 162 6.27 -22.33 -28.39
C THR D 162 7.50 -23.00 -27.80
N VAL D 163 7.53 -24.32 -27.91
CA VAL D 163 8.76 -25.05 -27.62
C VAL D 163 9.31 -25.67 -28.88
N VAL D 164 10.57 -26.08 -28.76
CA VAL D 164 11.33 -26.73 -29.78
C VAL D 164 11.10 -28.23 -29.59
N GLY D 165 11.30 -29.03 -30.64
CA GLY D 165 11.25 -30.48 -30.48
C GLY D 165 12.30 -30.88 -29.46
N PRO D 166 11.91 -31.66 -28.43
CA PRO D 166 12.89 -32.02 -27.40
C PRO D 166 14.08 -32.85 -27.91
N ASP D 167 13.85 -33.74 -28.87
CA ASP D 167 14.94 -34.52 -29.45
C ASP D 167 15.81 -33.63 -30.34
N ALA D 168 15.16 -32.77 -31.12
CA ALA D 168 15.86 -31.79 -31.94
C ALA D 168 16.79 -30.90 -31.12
N LEU D 169 16.34 -30.53 -29.91
CA LEU D 169 17.16 -29.71 -29.02
C LEU D 169 18.46 -30.43 -28.69
N ALA D 170 18.35 -31.74 -28.42
CA ALA D 170 19.50 -32.56 -28.05
C ALA D 170 20.51 -32.70 -29.19
N ARG D 171 20.02 -32.87 -30.42
CA ARG D 171 20.88 -32.93 -31.60
C ARG D 171 21.57 -31.59 -31.81
N PHE D 172 20.81 -30.50 -31.61
CA PHE D 172 21.35 -29.16 -31.75
C PHE D 172 22.49 -28.92 -30.77
N VAL D 173 22.24 -29.25 -29.50
CA VAL D 173 23.25 -29.11 -28.47
C VAL D 173 24.49 -29.95 -28.79
N GLU D 174 24.29 -31.16 -29.31
CA GLU D 174 25.44 -32.03 -29.68
C GLU D 174 26.24 -31.47 -30.85
N ALA D 175 25.56 -30.77 -31.76
CA ALA D 175 26.19 -30.21 -32.95
C ALA D 175 26.94 -28.91 -32.69
N VAL D 176 26.50 -28.13 -31.71
CA VAL D 176 27.17 -26.87 -31.37
C VAL D 176 28.60 -27.18 -30.89
N PRO D 177 29.60 -26.44 -31.40
CA PRO D 177 30.96 -26.62 -30.88
C PRO D 177 30.99 -26.61 -29.34
N ALA D 178 31.67 -27.59 -28.76
CA ALA D 178 31.61 -27.84 -27.31
C ALA D 178 32.20 -26.74 -26.42
N HIS D 179 32.90 -25.78 -27.01
CA HIS D 179 33.50 -24.67 -26.25
C HIS D 179 32.52 -23.50 -26.07
N ILE D 180 31.36 -23.56 -26.72
CA ILE D 180 30.38 -22.46 -26.67
C ILE D 180 29.33 -22.69 -25.59
N LEU D 181 29.21 -21.75 -24.65
CA LEU D 181 28.18 -21.85 -23.62
C LEU D 181 26.79 -21.76 -24.23
N ILE D 182 25.93 -22.72 -23.88
CA ILE D 182 24.52 -22.71 -24.29
C ILE D 182 23.64 -22.57 -23.05
N ALA D 183 22.83 -21.51 -23.04
CA ALA D 183 21.90 -21.25 -21.95
C ALA D 183 20.48 -21.59 -22.40
N ILE D 184 19.87 -22.54 -21.72
CA ILE D 184 18.48 -22.91 -21.96
C ILE D 184 17.64 -22.20 -20.90
N ASP D 185 16.85 -21.23 -21.34
CA ASP D 185 16.06 -20.42 -20.43
C ASP D 185 14.70 -21.08 -20.25
N GLU D 186 14.51 -21.68 -19.08
CA GLU D 186 13.33 -22.51 -18.79
C GLU D 186 12.42 -21.85 -17.76
N ALA D 187 12.23 -20.54 -17.89
CA ALA D 187 11.32 -19.80 -17.01
C ALA D 187 9.91 -20.41 -16.96
N TYR D 188 9.44 -20.96 -18.09
CA TYR D 188 8.07 -21.51 -18.19
C TYR D 188 8.02 -23.04 -18.33
N VAL D 189 9.14 -23.71 -18.00
CA VAL D 189 9.24 -25.16 -18.18
C VAL D 189 8.18 -25.94 -17.40
N GLU D 190 7.73 -25.37 -16.27
CA GLU D 190 6.73 -26.05 -15.44
C GLU D 190 5.37 -26.21 -16.11
N TYR D 191 5.14 -25.46 -17.19
CA TYR D 191 3.87 -25.49 -17.92
C TYR D 191 3.92 -26.34 -19.20
N ILE D 192 5.06 -26.99 -19.47
CA ILE D 192 5.17 -27.81 -20.67
C ILE D 192 4.45 -29.13 -20.45
N ARG D 193 3.60 -29.49 -21.42
CA ARG D 193 2.90 -30.77 -21.43
C ARG D 193 3.06 -31.48 -22.80
N ASP D 194 2.31 -32.56 -22.99
CA ASP D 194 2.23 -33.27 -24.27
C ASP D 194 3.56 -33.89 -24.68
N GLY D 195 4.32 -34.37 -23.71
CA GLY D 195 5.64 -34.98 -23.97
C GLY D 195 6.68 -34.08 -24.64
N MET D 196 6.45 -32.77 -24.62
CA MET D 196 7.34 -31.83 -25.31
C MET D 196 8.49 -31.31 -24.45
N ARG D 197 8.52 -31.67 -23.17
CA ARG D 197 9.57 -31.16 -22.28
C ARG D 197 10.90 -31.84 -22.56
N PRO D 198 11.96 -31.05 -22.83
CA PRO D 198 13.26 -31.66 -23.07
C PRO D 198 13.87 -32.20 -21.78
N ASP D 199 14.88 -33.06 -21.94
CA ASP D 199 15.61 -33.61 -20.81
C ASP D 199 16.75 -32.64 -20.53
N SER D 200 16.38 -31.47 -20.00
CA SER D 200 17.34 -30.39 -19.83
C SER D 200 18.40 -30.74 -18.79
N LEU D 201 17.99 -31.41 -17.72
CA LEU D 201 18.95 -31.86 -16.71
C LEU D 201 19.90 -32.94 -17.25
N GLY D 202 19.39 -33.80 -18.13
CA GLY D 202 20.24 -34.78 -18.81
C GLY D 202 21.25 -34.12 -19.75
N LEU D 203 20.86 -33.02 -20.37
CA LEU D 203 21.76 -32.27 -21.22
C LEU D 203 22.90 -31.62 -20.43
N VAL D 204 22.60 -31.01 -19.28
CA VAL D 204 23.68 -30.42 -18.46
C VAL D 204 24.62 -31.50 -17.95
N ARG D 205 24.11 -32.68 -17.62
CA ARG D 205 24.96 -33.81 -17.23
C ARG D 205 25.85 -34.32 -18.36
N ALA D 206 25.31 -34.37 -19.57
CA ALA D 206 26.06 -34.85 -20.74
C ALA D 206 27.00 -33.81 -21.35
N HIS D 207 26.74 -32.53 -21.09
CA HIS D 207 27.49 -31.44 -21.73
C HIS D 207 27.92 -30.37 -20.73
N ASN D 208 29.24 -30.13 -20.66
CA ASN D 208 29.81 -29.12 -19.75
C ASN D 208 29.44 -27.68 -20.12
N ASN D 209 29.07 -27.46 -21.37
CA ASN D 209 28.74 -26.12 -21.88
C ASN D 209 27.25 -25.81 -21.89
N VAL D 210 26.43 -26.64 -21.23
CA VAL D 210 25.00 -26.38 -21.13
C VAL D 210 24.66 -25.88 -19.71
N VAL D 211 23.94 -24.77 -19.65
CA VAL D 211 23.44 -24.24 -18.38
C VAL D 211 21.94 -24.00 -18.51
N VAL D 212 21.19 -24.38 -17.48
CA VAL D 212 19.74 -24.23 -17.50
C VAL D 212 19.34 -23.15 -16.51
N LEU D 213 18.49 -22.23 -16.94
CA LEU D 213 17.96 -21.17 -16.07
C LEU D 213 16.50 -21.43 -15.72
N ARG D 214 16.19 -21.36 -14.42
CA ARG D 214 14.81 -21.46 -13.95
C ARG D 214 14.50 -20.34 -12.97
N THR D 215 13.25 -20.25 -12.52
CA THR D 215 12.78 -19.10 -11.77
C THR D 215 11.76 -19.44 -10.68
N PHE D 216 11.66 -18.57 -9.68
CA PHE D 216 10.59 -18.64 -8.68
C PHE D 216 9.45 -17.67 -9.01
N SER D 217 9.55 -16.98 -10.14
CA SER D 217 8.65 -15.87 -10.45
C SER D 217 7.27 -16.30 -10.98
N LYS D 218 7.16 -17.50 -11.54
CA LYS D 218 5.92 -17.91 -12.22
C LYS D 218 5.20 -19.01 -11.43
N ALA D 219 5.57 -20.27 -11.65
CA ALA D 219 4.89 -21.38 -10.99
C ALA D 219 5.02 -21.28 -9.47
N TYR D 220 6.15 -20.78 -8.98
CA TYR D 220 6.35 -20.64 -7.53
C TYR D 220 5.79 -19.32 -6.95
N GLY D 221 5.33 -18.44 -7.84
CA GLY D 221 4.55 -17.26 -7.44
C GLY D 221 5.28 -16.20 -6.65
N LEU D 222 6.57 -15.99 -6.92
CA LEU D 222 7.38 -15.01 -6.20
C LEU D 222 8.01 -13.94 -7.10
N ALA D 223 7.29 -13.52 -8.14
CA ALA D 223 7.79 -12.52 -9.07
C ALA D 223 8.19 -11.21 -8.38
N GLY D 224 7.54 -10.90 -7.26
CA GLY D 224 7.85 -9.67 -6.53
C GLY D 224 9.14 -9.71 -5.73
N LEU D 225 9.66 -10.91 -5.47
CA LEU D 225 10.80 -11.08 -4.57
C LEU D 225 12.12 -11.49 -5.24
N ARG D 226 12.07 -11.86 -6.51
CA ARG D 226 13.25 -11.86 -7.38
C ARG D 226 14.27 -12.96 -7.08
N ILE D 227 13.92 -14.21 -7.40
CA ILE D 227 14.82 -15.33 -7.25
C ILE D 227 14.84 -16.17 -8.52
N GLY D 228 16.01 -16.28 -9.13
CA GLY D 228 16.24 -17.21 -10.23
C GLY D 228 17.41 -18.11 -9.90
N TYR D 229 17.54 -19.21 -10.62
CA TYR D 229 18.68 -20.08 -10.41
C TYR D 229 19.17 -20.70 -11.70
N ALA D 230 20.46 -21.02 -11.71
CA ALA D 230 21.11 -21.61 -12.88
C ALA D 230 21.64 -22.97 -12.48
N ILE D 231 21.56 -23.93 -13.39
CA ILE D 231 22.04 -25.28 -13.16
C ILE D 231 23.08 -25.60 -14.22
N GLY D 232 24.30 -25.94 -13.80
CA GLY D 232 25.37 -26.20 -14.77
C GLY D 232 26.62 -26.83 -14.20
N HIS D 233 27.65 -26.88 -15.03
CA HIS D 233 28.96 -27.38 -14.64
C HIS D 233 29.53 -26.48 -13.55
N PRO D 234 30.23 -27.06 -12.56
CA PRO D 234 30.75 -26.25 -11.45
C PRO D 234 31.64 -25.07 -11.85
N ASP D 235 32.37 -25.19 -12.95
CA ASP D 235 33.22 -24.09 -13.46
C ASP D 235 32.38 -22.91 -13.94
N VAL D 236 31.27 -23.20 -14.61
CA VAL D 236 30.38 -22.16 -15.09
C VAL D 236 29.66 -21.51 -13.91
N ILE D 237 29.27 -22.31 -12.92
CA ILE D 237 28.59 -21.79 -11.72
C ILE D 237 29.53 -20.88 -10.93
N THR D 238 30.77 -21.32 -10.78
CA THR D 238 31.80 -20.52 -10.14
C THR D 238 31.97 -19.18 -10.85
N ALA D 239 31.99 -19.22 -12.18
CA ALA D 239 32.12 -18.00 -12.98
C ALA D 239 30.95 -17.02 -12.75
N LEU D 240 29.72 -17.54 -12.78
CA LEU D 240 28.53 -16.72 -12.50
C LEU D 240 28.59 -16.05 -11.12
N ASP D 241 29.06 -16.79 -10.13
CA ASP D 241 29.16 -16.26 -8.77
C ASP D 241 30.28 -15.25 -8.61
N LYS D 242 31.30 -15.31 -9.49
CA LYS D 242 32.31 -14.25 -9.53
C LYS D 242 31.73 -12.90 -9.95
N VAL D 243 30.75 -12.90 -10.86
CA VAL D 243 30.17 -11.64 -11.37
C VAL D 243 28.84 -11.26 -10.71
N TYR D 244 28.31 -12.17 -9.91
CA TYR D 244 27.14 -11.90 -9.06
C TYR D 244 27.35 -10.61 -8.29
N VAL D 245 26.40 -9.68 -8.39
CA VAL D 245 26.46 -8.46 -7.60
C VAL D 245 26.11 -8.87 -6.17
N PRO D 246 27.02 -8.63 -5.21
CA PRO D 246 26.84 -9.15 -3.86
C PRO D 246 25.50 -8.76 -3.24
N PHE D 247 24.92 -9.71 -2.51
CA PHE D 247 23.73 -9.50 -1.70
C PHE D 247 22.45 -9.17 -2.49
N THR D 248 22.48 -9.28 -3.82
CA THR D 248 21.32 -8.90 -4.62
C THR D 248 20.10 -9.78 -4.35
N VAL D 249 20.33 -11.04 -3.98
CA VAL D 249 19.22 -11.91 -3.59
C VAL D 249 18.94 -11.65 -2.11
N SER D 250 17.80 -11.03 -1.83
CA SER D 250 17.47 -10.55 -0.49
C SER D 250 17.24 -11.69 0.50
N SER D 251 17.33 -11.39 1.79
CA SER D 251 17.07 -12.37 2.83
C SER D 251 15.65 -12.90 2.74
N ILE D 252 14.71 -11.97 2.62
CA ILE D 252 13.30 -12.32 2.52
C ILE D 252 13.03 -13.18 1.27
N GLY D 253 13.68 -12.84 0.16
CA GLY D 253 13.58 -13.64 -1.07
C GLY D 253 14.04 -15.07 -0.87
N GLN D 254 15.20 -15.24 -0.25
CA GLN D 254 15.74 -16.58 0.02
C GLN D 254 14.81 -17.38 0.92
N ALA D 255 14.36 -16.75 2.00
CA ALA D 255 13.45 -17.40 2.94
C ALA D 255 12.14 -17.82 2.27
N ALA D 256 11.58 -16.96 1.44
CA ALA D 256 10.35 -17.27 0.72
C ALA D 256 10.57 -18.40 -0.30
N ALA D 257 11.73 -18.41 -0.94
CA ALA D 257 12.05 -19.43 -1.94
C ALA D 257 12.21 -20.80 -1.29
N ILE D 258 12.89 -20.83 -0.15
CA ILE D 258 13.05 -22.04 0.65
C ILE D 258 11.69 -22.61 1.04
N ALA D 259 10.82 -21.77 1.60
CA ALA D 259 9.49 -22.23 2.01
C ALA D 259 8.66 -22.69 0.80
N SER D 260 8.83 -22.02 -0.33
CA SER D 260 8.12 -22.38 -1.55
C SER D 260 8.54 -23.75 -2.09
N LEU D 261 9.83 -24.04 -2.02
CA LEU D 261 10.35 -25.38 -2.32
C LEU D 261 9.75 -26.46 -1.39
N ASP D 262 9.60 -26.14 -0.11
CA ASP D 262 8.95 -27.07 0.83
C ASP D 262 7.51 -27.37 0.48
N ALA D 263 6.87 -26.46 -0.25
CA ALA D 263 5.48 -26.61 -0.69
C ALA D 263 5.41 -26.87 -2.21
N ALA D 264 6.46 -27.46 -2.77
CA ALA D 264 6.58 -27.61 -4.22
C ALA D 264 5.46 -28.45 -4.84
N ASP D 265 5.10 -29.58 -4.22
CA ASP D 265 4.06 -30.44 -4.79
C ASP D 265 2.75 -29.69 -4.92
N GLU D 266 2.37 -28.99 -3.86
CA GLU D 266 1.16 -28.17 -3.84
C GLU D 266 1.22 -27.05 -4.90
N LEU D 267 2.34 -26.34 -4.95
CA LEU D 267 2.50 -25.22 -5.89
C LEU D 267 2.54 -25.68 -7.35
N LEU D 268 3.31 -26.72 -7.64
CA LEU D 268 3.42 -27.23 -9.01
C LEU D 268 2.14 -27.90 -9.51
N ALA D 269 1.37 -28.49 -8.60
CA ALA D 269 0.06 -29.05 -8.94
C ALA D 269 -0.88 -28.00 -9.55
N ARG D 270 -0.75 -26.75 -9.11
CA ARG D 270 -1.57 -25.65 -9.66
C ARG D 270 -1.33 -25.37 -11.15
N THR D 271 -0.18 -25.78 -11.69
CA THR D 271 0.10 -25.56 -13.11
C THR D 271 -0.88 -26.31 -14.00
N ASP D 272 -1.38 -27.45 -13.53
CA ASP D 272 -2.37 -28.24 -14.26
C ASP D 272 -3.59 -27.40 -14.61
N THR D 273 -4.08 -26.62 -13.63
CA THR D 273 -5.23 -25.75 -13.83
C THR D 273 -4.94 -24.66 -14.87
N VAL D 274 -3.74 -24.08 -14.81
CA VAL D 274 -3.33 -23.07 -15.79
C VAL D 274 -3.33 -23.70 -17.18
N VAL D 275 -2.75 -24.90 -17.28
CA VAL D 275 -2.70 -25.62 -18.55
C VAL D 275 -4.11 -25.90 -19.10
N ALA D 276 -5.04 -26.25 -18.23
CA ALA D 276 -6.41 -26.49 -18.67
C ALA D 276 -7.03 -25.21 -19.24
N GLU D 277 -6.87 -24.10 -18.52
CA GLU D 277 -7.33 -22.80 -19.01
C GLU D 277 -6.63 -22.39 -20.31
N ARG D 278 -5.36 -22.74 -20.43
CA ARG D 278 -4.61 -22.48 -21.65
C ARG D 278 -5.24 -23.17 -22.85
N ALA D 279 -5.60 -24.43 -22.67
CA ALA D 279 -6.28 -25.20 -23.73
C ALA D 279 -7.62 -24.57 -24.09
N ARG D 280 -8.39 -24.20 -23.08
CA ARG D 280 -9.70 -23.59 -23.30
C ARG D 280 -9.58 -22.26 -24.03
N VAL D 281 -8.68 -21.39 -23.55
CA VAL D 281 -8.48 -20.08 -24.17
C VAL D 281 -8.05 -20.22 -25.62
N SER D 282 -7.12 -21.14 -25.88
CA SER D 282 -6.64 -21.38 -27.24
C SER D 282 -7.76 -21.87 -28.16
N ALA D 283 -8.57 -22.80 -27.65
CA ALA D 283 -9.69 -23.36 -28.39
C ALA D 283 -10.73 -22.30 -28.74
N GLU D 284 -11.04 -21.45 -27.76
CA GLU D 284 -12.03 -20.40 -27.93
C GLU D 284 -11.58 -19.37 -28.97
N LEU D 285 -10.31 -18.96 -28.87
CA LEU D 285 -9.73 -18.02 -29.82
C LEU D 285 -9.76 -18.57 -31.25
N ARG D 286 -9.34 -19.83 -31.39
CA ARG D 286 -9.34 -20.50 -32.70
C ARG D 286 -10.74 -20.65 -33.30
N ALA D 287 -11.72 -20.99 -32.46
CA ALA D 287 -13.11 -21.04 -32.89
C ALA D 287 -13.61 -19.67 -33.34
N ALA D 288 -13.07 -18.61 -32.73
CA ALA D 288 -13.45 -17.23 -33.07
C ALA D 288 -12.74 -16.72 -34.33
N GLY D 289 -11.81 -17.50 -34.88
CA GLY D 289 -11.13 -17.13 -36.10
C GLY D 289 -9.65 -16.78 -35.95
N PHE D 290 -9.17 -16.68 -34.70
CA PHE D 290 -7.75 -16.36 -34.47
C PHE D 290 -6.86 -17.55 -34.79
N THR D 291 -5.69 -17.25 -35.34
CA THR D 291 -4.65 -18.24 -35.52
C THR D 291 -3.55 -17.95 -34.50
N LEU D 292 -3.11 -18.97 -33.78
CA LEU D 292 -2.02 -18.85 -32.83
C LEU D 292 -1.28 -20.19 -32.75
N PRO D 293 0.04 -20.15 -32.47
CA PRO D 293 0.80 -21.39 -32.32
C PRO D 293 0.48 -22.15 -31.05
N PRO D 294 0.94 -23.42 -30.97
CA PRO D 294 0.70 -24.24 -29.79
C PRO D 294 1.56 -23.83 -28.60
N SER D 295 0.91 -23.27 -27.57
CA SER D 295 1.61 -22.78 -26.39
C SER D 295 1.96 -23.89 -25.41
N GLN D 296 3.17 -23.84 -24.86
CA GLN D 296 3.54 -24.68 -23.72
C GLN D 296 3.94 -23.82 -22.50
N ALA D 297 3.47 -22.58 -22.45
CA ALA D 297 3.77 -21.68 -21.33
C ALA D 297 2.47 -21.33 -20.59
N ASN D 298 2.48 -20.24 -19.83
CA ASN D 298 1.25 -19.76 -19.17
C ASN D 298 0.68 -18.55 -19.90
N PHE D 299 0.88 -18.53 -21.21
CA PHE D 299 0.41 -17.44 -22.07
C PHE D 299 0.28 -17.92 -23.51
N VAL D 300 -0.43 -17.13 -24.31
CA VAL D 300 -0.57 -17.38 -25.74
C VAL D 300 -0.06 -16.20 -26.55
N TRP D 301 0.28 -16.49 -27.81
CA TRP D 301 0.83 -15.51 -28.73
C TRP D 301 -0.13 -15.31 -29.90
N LEU D 302 -0.54 -14.07 -30.12
CA LEU D 302 -1.42 -13.73 -31.23
C LEU D 302 -0.61 -12.91 -32.22
N PRO D 303 -0.21 -13.53 -33.35
CA PRO D 303 0.60 -12.81 -34.35
C PRO D 303 -0.26 -11.85 -35.18
N LEU D 304 -0.70 -10.78 -34.54
CA LEU D 304 -1.62 -9.82 -35.15
C LEU D 304 -0.92 -8.86 -36.11
N GLY D 305 0.41 -8.90 -36.14
CA GLY D 305 1.18 -8.09 -37.09
C GLY D 305 0.95 -6.61 -36.87
N SER D 306 0.51 -5.93 -37.93
CA SER D 306 0.29 -4.50 -37.90
C SER D 306 -0.95 -4.08 -37.09
N ARG D 307 -1.84 -5.02 -36.79
CA ARG D 307 -3.02 -4.72 -35.98
C ARG D 307 -2.78 -4.88 -34.47
N THR D 308 -1.54 -5.08 -34.06
CA THR D 308 -1.23 -5.32 -32.64
C THR D 308 -1.53 -4.10 -31.78
N GLN D 309 -1.14 -2.91 -32.25
CA GLN D 309 -1.35 -1.67 -31.50
C GLN D 309 -2.83 -1.42 -31.26
N ASP D 310 -3.66 -1.56 -32.30
CA ASP D 310 -5.10 -1.37 -32.19
C ASP D 310 -5.73 -2.37 -31.22
N PHE D 311 -5.29 -3.63 -31.31
CA PHE D 311 -5.80 -4.68 -30.43
C PHE D 311 -5.55 -4.33 -28.96
N VAL D 312 -4.35 -3.85 -28.66
CA VAL D 312 -3.93 -3.54 -27.30
C VAL D 312 -4.65 -2.30 -26.77
N GLU D 313 -4.78 -1.28 -27.62
CA GLU D 313 -5.50 -0.06 -27.26
C GLU D 313 -6.97 -0.36 -26.93
N GLN D 314 -7.60 -1.13 -27.81
CA GLN D 314 -8.99 -1.57 -27.63
C GLN D 314 -9.15 -2.41 -26.37
N ALA D 315 -8.19 -3.31 -26.14
CA ALA D 315 -8.21 -4.11 -24.90
C ALA D 315 -8.13 -3.18 -23.68
N ALA D 316 -7.22 -2.21 -23.73
CA ALA D 316 -7.11 -1.21 -22.66
C ALA D 316 -8.43 -0.50 -22.39
N ASP D 317 -9.15 -0.13 -23.45
CA ASP D 317 -10.48 0.50 -23.30
C ASP D 317 -11.48 -0.42 -22.63
N ALA D 318 -11.33 -1.72 -22.85
CA ALA D 318 -12.14 -2.74 -22.16
C ALA D 318 -11.52 -3.13 -20.81
N ARG D 319 -10.55 -2.35 -20.34
CA ARG D 319 -9.93 -2.54 -19.02
C ARG D 319 -9.23 -3.89 -18.90
N ILE D 320 -8.49 -4.23 -19.95
CA ILE D 320 -7.70 -5.46 -20.00
C ILE D 320 -6.31 -5.08 -20.48
N VAL D 321 -5.27 -5.36 -19.68
CA VAL D 321 -3.90 -5.09 -20.08
C VAL D 321 -3.29 -6.34 -20.72
N VAL D 322 -2.96 -6.25 -22.02
CA VAL D 322 -2.22 -7.31 -22.71
C VAL D 322 -0.93 -6.71 -23.29
N ARG D 323 0.04 -7.56 -23.63
CA ARG D 323 1.41 -7.10 -23.90
C ARG D 323 1.75 -7.04 -25.40
N PRO D 324 1.94 -5.81 -25.93
CA PRO D 324 2.28 -5.64 -27.34
C PRO D 324 3.75 -5.84 -27.62
N TYR D 325 4.06 -6.37 -28.81
CA TYR D 325 5.45 -6.50 -29.26
C TYR D 325 5.56 -5.95 -30.68
N GLY D 326 5.85 -4.65 -30.77
CA GLY D 326 6.04 -3.95 -32.02
C GLY D 326 4.88 -4.12 -32.99
N THR D 327 5.20 -4.50 -34.21
CA THR D 327 4.19 -4.85 -35.21
C THR D 327 4.23 -6.35 -35.50
N ASP D 328 4.57 -7.15 -34.48
CA ASP D 328 4.63 -8.61 -34.61
C ASP D 328 3.39 -9.27 -34.00
N GLY D 329 3.16 -9.03 -32.71
CA GLY D 329 2.05 -9.70 -32.04
C GLY D 329 1.77 -9.24 -30.63
N VAL D 330 0.80 -9.89 -30.01
CA VAL D 330 0.38 -9.59 -28.64
C VAL D 330 0.49 -10.89 -27.85
N ARG D 331 1.17 -10.88 -26.70
CA ARG D 331 1.02 -12.03 -25.82
C ARG D 331 0.12 -11.76 -24.63
N VAL D 332 -0.71 -12.76 -24.38
CA VAL D 332 -1.80 -12.66 -23.44
C VAL D 332 -1.58 -13.74 -22.43
N THR D 333 -1.41 -13.36 -21.17
CA THR D 333 -1.23 -14.30 -20.09
C THR D 333 -2.54 -15.04 -19.80
N VAL D 334 -2.42 -16.34 -19.53
CA VAL D 334 -3.53 -17.15 -19.04
C VAL D 334 -3.52 -17.03 -17.52
N ALA D 335 -4.61 -16.54 -16.95
CA ALA D 335 -4.69 -16.28 -15.53
C ALA D 335 -6.00 -16.85 -14.97
N ALA D 336 -6.75 -16.06 -14.19
CA ALA D 336 -7.98 -16.56 -13.57
C ALA D 336 -9.07 -16.81 -14.62
N PRO D 337 -9.91 -17.83 -14.42
CA PRO D 337 -11.02 -18.09 -15.35
C PRO D 337 -11.88 -16.87 -15.69
N GLU D 338 -12.23 -16.06 -14.69
CA GLU D 338 -13.04 -14.86 -14.94
C GLU D 338 -12.27 -13.79 -15.72
N GLU D 339 -10.95 -13.75 -15.54
CA GLU D 339 -10.10 -12.85 -16.30
C GLU D 339 -9.98 -13.34 -17.74
N ASN D 340 -9.77 -14.65 -17.91
CA ASN D 340 -9.73 -15.23 -19.23
C ASN D 340 -11.06 -15.04 -19.97
N ASP D 341 -12.17 -15.21 -19.25
CA ASP D 341 -13.50 -15.02 -19.85
C ASP D 341 -13.71 -13.59 -20.35
N ALA D 342 -13.30 -12.61 -19.55
CA ALA D 342 -13.39 -11.21 -19.95
C ALA D 342 -12.54 -10.94 -21.18
N PHE D 343 -11.33 -11.52 -21.21
CA PHE D 343 -10.47 -11.37 -22.38
C PHE D 343 -11.12 -11.99 -23.62
N LEU D 344 -11.72 -13.17 -23.45
CA LEU D 344 -12.33 -13.89 -24.57
C LEU D 344 -13.50 -13.11 -25.17
N ARG D 345 -14.35 -12.59 -24.30
CA ARG D 345 -15.44 -11.72 -24.74
C ARG D 345 -14.92 -10.53 -25.53
N PHE D 346 -13.83 -9.92 -25.06
CA PHE D 346 -13.22 -8.82 -25.81
C PHE D 346 -12.67 -9.27 -27.15
N ALA D 347 -11.91 -10.36 -27.15
CA ALA D 347 -11.26 -10.84 -28.37
C ALA D 347 -12.29 -11.16 -29.45
N ARG D 348 -13.38 -11.80 -29.05
CA ARG D 348 -14.46 -12.15 -29.99
C ARG D 348 -15.10 -10.89 -30.58
N ARG D 349 -15.44 -9.92 -29.72
CA ARG D 349 -16.03 -8.68 -30.18
C ARG D 349 -15.10 -7.94 -31.14
N TRP D 350 -13.83 -7.83 -30.77
CA TRP D 350 -12.85 -7.13 -31.61
C TRP D 350 -12.74 -7.81 -32.96
N ARG D 351 -12.59 -9.12 -32.95
CA ARG D 351 -12.44 -9.93 -34.16
C ARG D 351 -13.62 -9.72 -35.12
N SER D 352 -14.84 -9.83 -34.60
CA SER D 352 -16.03 -9.66 -35.43
C SER D 352 -16.19 -8.22 -35.95
N ASP D 353 -15.62 -7.26 -35.23
CA ASP D 353 -15.63 -5.86 -35.69
C ASP D 353 -14.65 -5.61 -36.83
N GLN D 354 -13.70 -6.53 -37.03
CA GLN D 354 -12.77 -6.44 -38.16
C GLN D 354 -13.44 -6.96 -39.44
#